data_4NQX
#
_entry.id   4NQX
#
_cell.length_a   264.610
_cell.length_b   81.411
_cell.length_c   140.290
_cell.angle_alpha   90.000
_cell.angle_beta   121.820
_cell.angle_gamma   90.000
#
_symmetry.space_group_name_H-M   'C 1 2 1'
#
loop_
_entity.id
_entity.type
_entity.pdbx_description
1 polymer 'HLA class I histocompatibility antigen, A-1 alpha chain'
2 polymer Beta-2-microglobulin
3 polymer 'NP44-S7N mutant peptide, CTELKLNDY'
4 water water
#
loop_
_entity_poly.entity_id
_entity_poly.type
_entity_poly.pdbx_seq_one_letter_code
_entity_poly.pdbx_strand_id
1 'polypeptide(L)'
;GSHSMRYFFTSVSRPGRGEPRFIAVGYVDDTQFVRFDSDAASQKMEPRAPWIEQEGPEYWDQETRNMKAHSQTDRANLGT
LRGYYNQSEDGSHTIQIMYGCDVGPDGRFLRGYRQDAYDGKDYIALNEDLRSWTAADMAAQITKRKWEAVHAAEQRRVYL
EGRCVDGLRRYLENGKETLQRTDPPKTHMTHHPISDHEATLRCWALGFYPAEITLTWQRDGEDQTQDTELVETRPAGDGT
FQKWAAVVVPSGEEQRYTCHVQHEGLPKPLTLRWELSSQPTIPI
;
A,C,E,G,I,K
2 'polypeptide(L)'
;MIQRTPKIQVYSRHPAENGKSNFLNCYVSGFHPSDIEVDLLKNGERIEKVEHSDLSFSKDWSFYLLYYTEFTPTEKDEYA
CRVNHVTLSQPKIVKWDRDM
;
B,D,F,H,J,L
3 'polypeptide(L)' CTELKLNDY M,N,O,P,Q,R
#
# COMPACT_ATOMS: atom_id res chain seq x y z
N GLY A 1 13.64 -7.00 -16.87
CA GLY A 1 14.46 -6.06 -16.12
C GLY A 1 15.24 -5.06 -16.94
N SER A 2 15.84 -4.07 -16.24
CA SER A 2 16.66 -3.00 -16.83
C SER A 2 18.00 -3.52 -17.33
N HIS A 3 18.52 -2.91 -18.41
CA HIS A 3 19.81 -3.30 -18.99
C HIS A 3 20.72 -2.10 -19.26
N SER A 4 22.03 -2.32 -19.30
CA SER A 4 23.00 -1.26 -19.54
C SER A 4 24.07 -1.67 -20.54
N MET A 5 24.65 -0.67 -21.24
CA MET A 5 25.77 -0.86 -22.15
C MET A 5 26.84 0.14 -21.76
N ARG A 6 28.06 -0.34 -21.54
CA ARG A 6 29.16 0.53 -21.12
C ARG A 6 30.42 0.24 -21.90
N TYR A 7 31.13 1.33 -22.27
CA TYR A 7 32.42 1.26 -22.92
C TYR A 7 33.46 1.92 -22.02
N PHE A 8 34.57 1.19 -21.74
CA PHE A 8 35.65 1.67 -20.87
C PHE A 8 36.94 1.77 -21.68
N PHE A 9 37.53 2.97 -21.76
CA PHE A 9 38.75 3.21 -22.52
C PHE A 9 39.88 3.66 -21.62
N THR A 10 41.07 3.09 -21.82
CA THR A 10 42.27 3.43 -21.05
C THR A 10 43.42 3.75 -22.00
N SER A 11 44.04 4.92 -21.83
CA SER A 11 45.19 5.37 -22.61
C SER A 11 46.31 5.74 -21.66
N VAL A 12 47.45 5.03 -21.75
CA VAL A 12 48.60 5.24 -20.84
C VAL A 12 49.82 5.63 -21.66
N SER A 13 50.38 6.82 -21.37
CA SER A 13 51.59 7.30 -22.03
C SER A 13 52.82 6.55 -21.54
N ARG A 14 53.72 6.27 -22.49
CA ARG A 14 55.00 5.60 -22.24
C ARG A 14 56.13 6.53 -22.67
N PRO A 15 56.81 7.21 -21.72
CA PRO A 15 57.90 8.14 -22.10
C PRO A 15 59.10 7.41 -22.73
N GLY A 16 59.23 6.11 -22.43
CA GLY A 16 60.30 5.25 -22.94
C GLY A 16 60.15 4.93 -24.42
N ARG A 17 59.67 3.71 -24.73
CA ARG A 17 59.51 3.24 -26.12
C ARG A 17 58.05 3.06 -26.50
N GLY A 18 57.72 3.52 -27.70
CA GLY A 18 56.41 3.37 -28.32
C GLY A 18 55.36 4.40 -27.96
N GLU A 19 54.35 4.54 -28.84
CA GLU A 19 53.19 5.41 -28.68
C GLU A 19 52.33 4.94 -27.48
N PRO A 20 51.46 5.80 -26.88
CA PRO A 20 50.68 5.36 -25.72
C PRO A 20 49.84 4.09 -25.94
N ARG A 21 49.72 3.28 -24.87
CA ARG A 21 48.93 2.04 -24.87
C ARG A 21 47.44 2.38 -24.79
N PHE A 22 46.64 1.91 -25.76
CA PHE A 22 45.20 2.15 -25.77
C PHE A 22 44.45 0.83 -25.68
N ILE A 23 43.62 0.70 -24.64
CA ILE A 23 42.79 -0.48 -24.39
C ILE A 23 41.33 -0.02 -24.31
N ALA A 24 40.45 -0.71 -25.03
CA ALA A 24 39.01 -0.44 -25.06
C ALA A 24 38.24 -1.71 -24.74
N VAL A 25 37.22 -1.62 -23.87
CA VAL A 25 36.38 -2.76 -23.51
C VAL A 25 34.90 -2.35 -23.54
N GLY A 26 34.07 -3.24 -24.06
CA GLY A 26 32.64 -3.04 -24.15
C GLY A 26 31.88 -4.08 -23.35
N TYR A 27 30.88 -3.61 -22.58
CA TYR A 27 30.05 -4.47 -21.74
C TYR A 27 28.57 -4.25 -21.98
N VAL A 28 27.80 -5.35 -21.92
CA VAL A 28 26.34 -5.38 -21.92
C VAL A 28 26.05 -6.03 -20.58
N ASP A 29 25.61 -5.21 -19.61
CA ASP A 29 25.40 -5.58 -18.21
C ASP A 29 26.77 -6.02 -17.65
N ASP A 30 26.94 -7.29 -17.19
CA ASP A 30 28.22 -7.77 -16.67
C ASP A 30 28.95 -8.66 -17.67
N THR A 31 28.52 -8.66 -18.95
CA THR A 31 29.13 -9.48 -19.99
C THR A 31 29.91 -8.61 -20.97
N GLN A 32 31.21 -8.91 -21.11
CA GLN A 32 32.10 -8.26 -22.07
C GLN A 32 31.79 -8.81 -23.47
N PHE A 33 31.72 -7.94 -24.49
CA PHE A 33 31.40 -8.38 -25.86
C PHE A 33 32.44 -7.91 -26.87
N VAL A 34 33.14 -6.79 -26.61
CA VAL A 34 34.17 -6.29 -27.54
C VAL A 34 35.44 -5.89 -26.82
N ARG A 35 36.55 -5.80 -27.57
CA ARG A 35 37.85 -5.37 -27.08
C ARG A 35 38.72 -4.83 -28.21
N PHE A 36 39.60 -3.87 -27.87
CA PHE A 36 40.60 -3.28 -28.75
C PHE A 36 41.88 -3.08 -27.95
N ASP A 37 43.01 -3.55 -28.49
CA ASP A 37 44.33 -3.42 -27.86
C ASP A 37 45.33 -2.93 -28.89
N SER A 38 46.01 -1.80 -28.58
CA SER A 38 47.01 -1.19 -29.46
C SER A 38 48.29 -2.04 -29.57
N ASP A 39 48.57 -2.88 -28.56
CA ASP A 39 49.75 -3.76 -28.54
C ASP A 39 49.50 -5.08 -29.28
N ALA A 40 48.22 -5.48 -29.45
CA ALA A 40 47.84 -6.71 -30.16
C ALA A 40 48.12 -6.59 -31.66
N ALA A 41 48.46 -7.73 -32.31
CA ALA A 41 48.81 -7.81 -33.73
C ALA A 41 47.61 -7.53 -34.67
N SER A 42 46.38 -7.81 -34.22
CA SER A 42 45.13 -7.66 -34.97
C SER A 42 44.88 -6.22 -35.46
N GLN A 43 45.03 -5.21 -34.57
CA GLN A 43 44.80 -3.77 -34.82
C GLN A 43 43.33 -3.51 -35.28
N LYS A 44 42.39 -4.32 -34.75
CA LYS A 44 40.96 -4.26 -35.03
C LYS A 44 40.13 -4.50 -33.78
N MET A 45 38.84 -4.07 -33.80
CA MET A 45 37.88 -4.34 -32.72
C MET A 45 37.56 -5.83 -32.81
N GLU A 46 37.82 -6.57 -31.72
CA GLU A 46 37.69 -8.03 -31.68
C GLU A 46 36.46 -8.49 -30.88
N PRO A 47 35.76 -9.56 -31.32
CA PRO A 47 34.61 -10.07 -30.54
C PRO A 47 35.07 -10.79 -29.27
N ARG A 48 34.25 -10.74 -28.22
CA ARG A 48 34.51 -11.37 -26.92
C ARG A 48 33.28 -12.16 -26.43
N ALA A 49 32.16 -12.04 -27.15
CA ALA A 49 30.92 -12.75 -26.88
C ALA A 49 30.45 -13.50 -28.15
N PRO A 50 29.78 -14.68 -28.03
CA PRO A 50 29.36 -15.40 -29.24
C PRO A 50 28.27 -14.69 -30.06
N TRP A 51 27.34 -13.98 -29.41
CA TRP A 51 26.22 -13.29 -30.06
C TRP A 51 26.64 -12.04 -30.87
N ILE A 52 27.86 -11.51 -30.67
CA ILE A 52 28.32 -10.33 -31.43
C ILE A 52 29.05 -10.80 -32.71
N GLU A 53 29.45 -12.08 -32.77
CA GLU A 53 30.15 -12.65 -33.93
C GLU A 53 29.25 -12.69 -35.19
N GLN A 54 27.91 -12.61 -35.02
CA GLN A 54 26.95 -12.63 -36.13
C GLN A 54 26.87 -11.26 -36.85
N GLU A 55 27.50 -10.21 -36.26
CA GLU A 55 27.56 -8.86 -36.84
C GLU A 55 28.38 -8.88 -38.13
N GLY A 56 27.92 -8.12 -39.12
CA GLY A 56 28.54 -8.03 -40.44
C GLY A 56 29.94 -7.43 -40.47
N PRO A 57 30.68 -7.62 -41.59
CA PRO A 57 32.05 -7.06 -41.68
C PRO A 57 32.12 -5.54 -41.65
N GLU A 58 31.05 -4.85 -42.11
CA GLU A 58 30.94 -3.38 -42.11
C GLU A 58 30.94 -2.86 -40.66
N TYR A 59 30.27 -3.57 -39.73
CA TYR A 59 30.20 -3.22 -38.31
C TYR A 59 31.60 -3.23 -37.70
N TRP A 60 32.37 -4.32 -37.94
CA TRP A 60 33.73 -4.48 -37.44
C TRP A 60 34.68 -3.47 -38.06
N ASP A 61 34.45 -3.10 -39.34
CA ASP A 61 35.23 -2.10 -40.08
C ASP A 61 34.98 -0.71 -39.49
N GLN A 62 33.72 -0.42 -39.13
CA GLN A 62 33.28 0.85 -38.51
C GLN A 62 33.83 0.98 -37.09
N GLU A 63 33.72 -0.09 -36.27
CA GLU A 63 34.20 -0.12 -34.89
C GLU A 63 35.71 0.06 -34.81
N THR A 64 36.47 -0.51 -35.77
CA THR A 64 37.93 -0.40 -35.87
C THR A 64 38.32 1.05 -36.18
N ARG A 65 37.57 1.72 -37.08
CA ARG A 65 37.76 3.11 -37.49
C ARG A 65 37.55 4.05 -36.30
N ASN A 66 36.50 3.78 -35.50
CA ASN A 66 36.17 4.52 -34.28
C ASN A 66 37.27 4.38 -33.23
N MET A 67 37.81 3.16 -33.05
CA MET A 67 38.86 2.85 -32.08
C MET A 67 40.20 3.47 -32.43
N LYS A 68 40.50 3.60 -33.74
CA LYS A 68 41.72 4.24 -34.21
C LYS A 68 41.62 5.75 -33.98
N ALA A 69 40.42 6.33 -34.18
CA ALA A 69 40.11 7.74 -33.96
C ALA A 69 40.16 8.07 -32.46
N HIS A 70 39.67 7.14 -31.61
CA HIS A 70 39.67 7.25 -30.15
C HIS A 70 41.11 7.26 -29.61
N SER A 71 41.95 6.32 -30.09
CA SER A 71 43.36 6.17 -29.71
C SER A 71 44.19 7.40 -30.09
N GLN A 72 43.99 7.93 -31.30
CA GLN A 72 44.69 9.11 -31.83
C GLN A 72 44.35 10.37 -31.03
N THR A 73 43.05 10.55 -30.67
CA THR A 73 42.57 11.71 -29.89
C THR A 73 43.10 11.62 -28.45
N ASP A 74 43.12 10.40 -27.87
CA ASP A 74 43.66 10.15 -26.53
C ASP A 74 45.17 10.46 -26.50
N ARG A 75 45.89 10.17 -27.59
N ARG A 75 45.89 10.17 -27.59
CA ARG A 75 47.32 10.46 -27.75
CA ARG A 75 47.32 10.44 -27.75
C ARG A 75 47.58 11.97 -27.75
C ARG A 75 47.59 11.96 -27.78
N ALA A 76 46.71 12.74 -28.44
CA ALA A 76 46.81 14.20 -28.51
C ALA A 76 46.38 14.84 -27.17
N ASN A 77 45.36 14.24 -26.52
CA ASN A 77 44.83 14.74 -25.26
C ASN A 77 45.80 14.55 -24.09
N LEU A 78 46.64 13.49 -24.13
CA LEU A 78 47.66 13.23 -23.11
C LEU A 78 48.69 14.38 -23.08
N GLY A 79 49.06 14.84 -24.29
CA GLY A 79 49.97 15.95 -24.50
C GLY A 79 49.35 17.27 -24.08
N THR A 80 48.04 17.45 -24.35
CA THR A 80 47.27 18.66 -24.02
C THR A 80 47.15 18.81 -22.48
N LEU A 81 46.85 17.70 -21.77
CA LEU A 81 46.69 17.73 -20.30
C LEU A 81 48.03 17.89 -19.58
N ARG A 82 49.12 17.41 -20.21
CA ARG A 82 50.50 17.53 -19.73
C ARG A 82 50.84 19.02 -19.54
N GLY A 83 50.40 19.84 -20.50
CA GLY A 83 50.59 21.29 -20.53
C GLY A 83 49.66 22.02 -19.58
N TYR A 84 48.41 21.53 -19.44
CA TYR A 84 47.38 22.10 -18.55
C TYR A 84 47.79 22.03 -17.07
N TYR A 85 48.34 20.88 -16.65
CA TYR A 85 48.79 20.66 -15.28
C TYR A 85 50.28 20.99 -15.09
N ASN A 86 50.95 21.46 -16.16
CA ASN A 86 52.36 21.86 -16.24
C ASN A 86 53.27 20.73 -15.72
N GLN A 87 53.18 19.56 -16.37
CA GLN A 87 53.93 18.35 -15.99
C GLN A 87 55.07 18.05 -16.98
N SER A 88 56.09 17.31 -16.48
CA SER A 88 57.28 16.92 -17.24
C SER A 88 56.98 15.80 -18.25
N GLU A 89 57.83 15.68 -19.28
CA GLU A 89 57.76 14.72 -20.38
C GLU A 89 58.17 13.29 -19.97
N ASP A 90 58.95 13.14 -18.88
CA ASP A 90 59.49 11.84 -18.45
C ASP A 90 58.53 10.99 -17.59
N GLY A 91 57.35 11.53 -17.28
CA GLY A 91 56.34 10.85 -16.47
C GLY A 91 55.24 10.22 -17.26
N SER A 92 54.75 9.06 -16.78
CA SER A 92 53.65 8.30 -17.39
C SER A 92 52.31 8.78 -16.83
N HIS A 93 51.35 9.08 -17.73
CA HIS A 93 50.03 9.58 -17.35
C HIS A 93 48.92 8.78 -18.02
N THR A 94 47.71 8.76 -17.41
CA THR A 94 46.58 7.97 -17.90
C THR A 94 45.31 8.80 -18.09
N ILE A 95 44.62 8.57 -19.22
CA ILE A 95 43.29 9.12 -19.52
C ILE A 95 42.33 7.96 -19.55
N GLN A 96 41.23 8.06 -18.79
CA GLN A 96 40.18 7.06 -18.75
C GLN A 96 38.87 7.69 -19.17
N ILE A 97 38.08 6.96 -19.98
CA ILE A 97 36.78 7.42 -20.46
C ILE A 97 35.78 6.31 -20.28
N MET A 98 34.60 6.66 -19.77
CA MET A 98 33.46 5.77 -19.63
C MET A 98 32.27 6.46 -20.29
N TYR A 99 31.56 5.73 -21.15
CA TYR A 99 30.33 6.21 -21.74
C TYR A 99 29.42 5.03 -22.06
N GLY A 100 28.13 5.32 -22.12
CA GLY A 100 27.11 4.31 -22.38
C GLY A 100 25.71 4.75 -22.01
N CYS A 101 24.76 3.80 -22.00
CA CYS A 101 23.38 4.11 -21.72
C CYS A 101 22.66 2.95 -21.03
N ASP A 102 21.50 3.26 -20.42
CA ASP A 102 20.62 2.32 -19.74
C ASP A 102 19.26 2.28 -20.42
N VAL A 103 18.68 1.08 -20.54
CA VAL A 103 17.34 0.87 -21.10
C VAL A 103 16.50 0.12 -20.06
N GLY A 104 15.20 0.40 -20.05
CA GLY A 104 14.27 -0.27 -19.15
C GLY A 104 13.86 -1.65 -19.63
N PRO A 105 12.97 -2.36 -18.90
CA PRO A 105 12.54 -3.70 -19.34
C PRO A 105 11.80 -3.67 -20.68
N ASP A 106 11.18 -2.53 -21.01
CA ASP A 106 10.42 -2.29 -22.24
C ASP A 106 11.33 -1.80 -23.40
N GLY A 107 12.61 -1.58 -23.10
CA GLY A 107 13.61 -1.12 -24.05
C GLY A 107 13.71 0.39 -24.21
N ARG A 108 12.95 1.15 -23.39
CA ARG A 108 12.93 2.62 -23.40
C ARG A 108 14.19 3.20 -22.74
N PHE A 109 14.73 4.32 -23.29
CA PHE A 109 15.92 5.03 -22.78
C PHE A 109 15.67 5.48 -21.34
N LEU A 110 16.63 5.19 -20.45
CA LEU A 110 16.56 5.53 -19.04
C LEU A 110 17.57 6.62 -18.69
N ARG A 111 18.87 6.35 -18.97
CA ARG A 111 19.99 7.23 -18.66
C ARG A 111 21.12 7.14 -19.67
N GLY A 112 21.84 8.25 -19.85
CA GLY A 112 23.02 8.36 -20.70
C GLY A 112 24.22 8.78 -19.87
N TYR A 113 25.41 8.26 -20.20
CA TYR A 113 26.64 8.53 -19.45
C TYR A 113 27.82 8.92 -20.35
N ARG A 114 28.70 9.80 -19.85
CA ARG A 114 29.95 10.25 -20.46
C ARG A 114 30.77 10.95 -19.36
N GLN A 115 31.83 10.27 -18.90
CA GLN A 115 32.73 10.70 -17.82
C GLN A 115 34.19 10.47 -18.21
N ASP A 116 35.05 11.48 -17.97
CA ASP A 116 36.47 11.42 -18.29
C ASP A 116 37.33 11.65 -17.04
N ALA A 117 38.49 10.99 -16.98
CA ALA A 117 39.41 11.09 -15.84
C ALA A 117 40.85 11.19 -16.28
N TYR A 118 41.63 11.96 -15.52
CA TYR A 118 43.08 12.09 -15.74
C TYR A 118 43.79 11.65 -14.48
N ASP A 119 44.66 10.62 -14.62
CA ASP A 119 45.45 10.01 -13.55
C ASP A 119 44.56 9.51 -12.39
N GLY A 120 43.44 8.88 -12.75
CA GLY A 120 42.48 8.30 -11.82
C GLY A 120 41.60 9.25 -11.03
N LYS A 121 41.58 10.52 -11.43
CA LYS A 121 40.80 11.57 -10.79
C LYS A 121 39.85 12.18 -11.83
N ASP A 122 38.61 12.52 -11.41
CA ASP A 122 37.60 13.14 -12.26
C ASP A 122 38.19 14.32 -13.02
N TYR A 123 37.86 14.43 -14.30
CA TYR A 123 38.34 15.54 -15.12
C TYR A 123 37.11 16.32 -15.59
N ILE A 124 36.34 15.72 -16.52
CA ILE A 124 35.12 16.33 -17.04
C ILE A 124 34.06 15.23 -17.15
N ALA A 125 32.80 15.61 -16.86
CA ALA A 125 31.66 14.69 -16.93
C ALA A 125 30.42 15.37 -17.46
N LEU A 126 29.65 14.63 -18.26
CA LEU A 126 28.37 15.09 -18.78
C LEU A 126 27.33 14.86 -17.70
N ASN A 127 26.52 15.88 -17.38
CA ASN A 127 25.48 15.79 -16.35
C ASN A 127 24.32 14.91 -16.83
N GLU A 128 23.49 14.43 -15.87
CA GLU A 128 22.32 13.57 -16.10
C GLU A 128 21.37 14.12 -17.17
N ASP A 129 21.24 15.46 -17.27
CA ASP A 129 20.37 16.15 -18.22
C ASP A 129 20.89 16.06 -19.67
N LEU A 130 22.18 15.65 -19.85
CA LEU A 130 22.90 15.52 -21.13
C LEU A 130 22.94 16.87 -21.89
N ARG A 131 22.94 17.97 -21.13
CA ARG A 131 22.91 19.35 -21.63
C ARG A 131 24.08 20.20 -21.11
N SER A 132 24.62 19.83 -19.93
CA SER A 132 25.70 20.57 -19.26
C SER A 132 26.86 19.67 -18.83
N TRP A 133 28.01 20.28 -18.51
CA TRP A 133 29.24 19.60 -18.09
C TRP A 133 29.64 19.96 -16.66
N THR A 134 30.30 19.03 -15.96
CA THR A 134 30.84 19.24 -14.61
C THR A 134 32.36 19.11 -14.72
N ALA A 135 33.06 20.23 -14.49
CA ALA A 135 34.52 20.32 -14.51
C ALA A 135 35.02 20.15 -13.08
N ALA A 136 35.93 19.20 -12.89
CA ALA A 136 36.46 18.87 -11.57
C ALA A 136 37.42 19.93 -11.01
N ASP A 137 38.28 20.51 -11.87
CA ASP A 137 39.27 21.51 -11.47
C ASP A 137 39.36 22.66 -12.50
N MET A 138 40.31 23.60 -12.29
CA MET A 138 40.57 24.77 -13.14
C MET A 138 40.99 24.36 -14.56
N ALA A 139 41.80 23.29 -14.70
CA ALA A 139 42.28 22.79 -15.99
C ALA A 139 41.15 22.23 -16.83
N ALA A 140 40.16 21.58 -16.17
CA ALA A 140 38.97 20.99 -16.81
C ALA A 140 38.00 22.06 -17.29
N GLN A 141 38.03 23.25 -16.64
CA GLN A 141 37.20 24.41 -16.97
C GLN A 141 37.57 24.96 -18.35
N ILE A 142 38.85 24.79 -18.76
CA ILE A 142 39.37 25.18 -20.08
C ILE A 142 38.66 24.32 -21.14
N THR A 143 38.58 23.00 -20.89
CA THR A 143 37.91 22.03 -21.76
C THR A 143 36.40 22.32 -21.79
N LYS A 144 35.80 22.59 -20.62
CA LYS A 144 34.36 22.88 -20.45
C LYS A 144 33.94 24.05 -21.32
N ARG A 145 34.73 25.15 -21.32
CA ARG A 145 34.48 26.36 -22.10
C ARG A 145 34.58 26.08 -23.61
N LYS A 146 35.56 25.23 -24.00
CA LYS A 146 35.82 24.85 -25.39
C LYS A 146 34.69 23.96 -25.93
N TRP A 147 34.22 23.01 -25.09
CA TRP A 147 33.16 22.06 -25.44
C TRP A 147 31.79 22.74 -25.48
N GLU A 148 31.57 23.78 -24.65
CA GLU A 148 30.32 24.57 -24.66
C GLU A 148 30.24 25.41 -25.93
N ALA A 149 31.40 25.92 -26.39
CA ALA A 149 31.52 26.75 -27.59
C ALA A 149 31.18 25.98 -28.86
N VAL A 150 31.44 24.66 -28.89
CA VAL A 150 31.16 23.80 -30.05
C VAL A 150 29.89 22.94 -29.83
N HIS A 151 29.16 23.20 -28.72
CA HIS A 151 27.92 22.52 -28.31
C HIS A 151 28.10 20.97 -28.33
N ALA A 152 29.16 20.51 -27.65
CA ALA A 152 29.56 19.10 -27.55
C ALA A 152 28.52 18.26 -26.81
N ALA A 153 27.85 18.84 -25.79
CA ALA A 153 26.82 18.17 -24.98
C ALA A 153 25.66 17.66 -25.84
N GLU A 154 25.26 18.45 -26.86
CA GLU A 154 24.19 18.08 -27.78
C GLU A 154 24.60 16.87 -28.64
N GLN A 155 25.86 16.85 -29.14
CA GLN A 155 26.37 15.75 -29.97
C GLN A 155 26.50 14.46 -29.18
N ARG A 156 26.79 14.57 -27.86
CA ARG A 156 26.85 13.43 -26.96
C ARG A 156 25.44 12.86 -26.77
N ARG A 157 24.43 13.76 -26.55
CA ARG A 157 23.02 13.39 -26.37
C ARG A 157 22.49 12.63 -27.60
N VAL A 158 22.85 13.10 -28.82
CA VAL A 158 22.44 12.49 -30.10
C VAL A 158 22.89 11.01 -30.13
N TYR A 159 24.15 10.73 -29.73
CA TYR A 159 24.69 9.37 -29.68
C TYR A 159 24.00 8.52 -28.60
N LEU A 160 23.93 9.04 -27.36
CA LEU A 160 23.39 8.33 -26.18
C LEU A 160 21.92 7.97 -26.32
N GLU A 161 21.08 8.89 -26.82
CA GLU A 161 19.64 8.67 -27.01
C GLU A 161 19.34 8.05 -28.40
N GLY A 162 20.36 7.90 -29.24
CA GLY A 162 20.20 7.36 -30.59
C GLY A 162 20.88 6.02 -30.80
N ARG A 163 22.05 6.04 -31.47
CA ARG A 163 22.86 4.86 -31.83
C ARG A 163 23.18 3.95 -30.62
N CYS A 164 23.46 4.55 -29.45
CA CYS A 164 23.80 3.82 -28.23
C CYS A 164 22.63 2.92 -27.78
N VAL A 165 21.41 3.49 -27.72
CA VAL A 165 20.17 2.80 -27.33
C VAL A 165 19.81 1.73 -28.36
N ASP A 166 19.90 2.08 -29.66
CA ASP A 166 19.61 1.19 -30.78
C ASP A 166 20.55 -0.02 -30.79
N GLY A 167 21.83 0.24 -30.51
CA GLY A 167 22.87 -0.78 -30.42
C GLY A 167 22.59 -1.76 -29.31
N LEU A 168 22.26 -1.24 -28.11
CA LEU A 168 21.95 -2.03 -26.91
C LEU A 168 20.71 -2.91 -27.13
N ARG A 169 19.62 -2.33 -27.70
CA ARG A 169 18.37 -3.05 -28.01
C ARG A 169 18.63 -4.25 -28.93
N ARG A 170 19.47 -4.04 -29.97
CA ARG A 170 19.84 -5.05 -30.97
C ARG A 170 20.67 -6.17 -30.34
N TYR A 171 21.64 -5.81 -29.47
CA TYR A 171 22.52 -6.77 -28.78
C TYR A 171 21.73 -7.67 -27.84
N LEU A 172 20.74 -7.09 -27.13
CA LEU A 172 19.87 -7.80 -26.20
C LEU A 172 18.99 -8.83 -26.90
N GLU A 173 18.50 -8.49 -28.10
CA GLU A 173 17.65 -9.40 -28.87
C GLU A 173 18.49 -10.54 -29.46
N ASN A 174 19.69 -10.21 -29.99
CA ASN A 174 20.62 -11.18 -30.59
C ASN A 174 21.16 -12.17 -29.55
N GLY A 175 21.43 -11.69 -28.34
CA GLY A 175 21.94 -12.50 -27.24
C GLY A 175 20.98 -12.75 -26.10
N LYS A 176 19.67 -12.86 -26.40
CA LYS A 176 18.61 -13.10 -25.41
C LYS A 176 18.91 -14.30 -24.50
N GLU A 177 19.42 -15.41 -25.08
CA GLU A 177 19.74 -16.66 -24.37
C GLU A 177 20.77 -16.47 -23.25
N THR A 178 21.78 -15.60 -23.46
CA THR A 178 22.84 -15.33 -22.47
C THR A 178 22.60 -14.06 -21.65
N LEU A 179 22.14 -12.98 -22.31
CA LEU A 179 21.99 -11.67 -21.66
C LEU A 179 20.74 -11.53 -20.82
N GLN A 180 19.58 -12.04 -21.28
CA GLN A 180 18.32 -11.94 -20.53
C GLN A 180 18.16 -13.09 -19.51
N ARG A 181 19.24 -13.85 -19.28
CA ARG A 181 19.29 -15.00 -18.38
C ARG A 181 19.62 -14.57 -16.95
N THR A 182 19.16 -15.36 -15.96
CA THR A 182 19.50 -15.15 -14.57
C THR A 182 19.96 -16.47 -13.98
N ASP A 183 21.24 -16.54 -13.58
CA ASP A 183 21.80 -17.74 -12.96
C ASP A 183 21.72 -17.55 -11.45
N PRO A 184 20.90 -18.35 -10.74
CA PRO A 184 20.81 -18.17 -9.28
C PRO A 184 22.09 -18.63 -8.57
N PRO A 185 22.45 -18.06 -7.41
CA PRO A 185 23.67 -18.53 -6.74
C PRO A 185 23.50 -19.90 -6.10
N LYS A 186 24.56 -20.73 -6.19
CA LYS A 186 24.62 -22.03 -5.52
C LYS A 186 25.20 -21.71 -4.15
N THR A 187 24.42 -21.97 -3.09
CA THR A 187 24.83 -21.59 -1.74
C THR A 187 25.20 -22.78 -0.84
N HIS A 188 26.16 -22.55 0.07
CA HIS A 188 26.61 -23.51 1.08
C HIS A 188 27.28 -22.75 2.22
N MET A 189 27.32 -23.38 3.40
CA MET A 189 27.90 -22.76 4.59
C MET A 189 28.97 -23.66 5.19
N THR A 190 30.07 -23.04 5.65
CA THR A 190 31.16 -23.75 6.31
C THR A 190 31.24 -23.30 7.76
N HIS A 191 31.68 -24.20 8.64
CA HIS A 191 31.83 -23.96 10.07
C HIS A 191 33.21 -24.48 10.48
N HIS A 192 34.03 -23.57 11.02
CA HIS A 192 35.39 -23.91 11.44
C HIS A 192 35.69 -23.32 12.81
N PRO A 193 35.92 -24.15 13.85
CA PRO A 193 36.22 -23.60 15.17
C PRO A 193 37.62 -22.98 15.19
N ILE A 194 37.72 -21.77 15.76
CA ILE A 194 38.99 -21.05 15.88
C ILE A 194 39.54 -21.27 17.30
N SER A 195 38.68 -21.78 18.20
CA SER A 195 38.95 -22.13 19.60
C SER A 195 37.83 -23.05 20.11
N ASP A 196 37.83 -23.34 21.43
CA ASP A 196 36.81 -24.19 22.07
C ASP A 196 35.53 -23.38 22.39
N HIS A 197 35.58 -22.04 22.25
CA HIS A 197 34.47 -21.14 22.58
C HIS A 197 33.96 -20.33 21.37
N GLU A 198 34.71 -20.27 20.25
CA GLU A 198 34.30 -19.52 19.06
C GLU A 198 34.47 -20.34 17.77
N ALA A 199 33.64 -20.06 16.75
CA ALA A 199 33.68 -20.70 15.43
C ALA A 199 33.28 -19.73 14.32
N THR A 200 34.01 -19.78 13.18
CA THR A 200 33.71 -18.92 12.04
C THR A 200 32.69 -19.60 11.15
N LEU A 201 31.62 -18.87 10.82
CA LEU A 201 30.58 -19.30 9.90
C LEU A 201 30.78 -18.51 8.62
N ARG A 202 31.00 -19.22 7.49
CA ARG A 202 31.19 -18.58 6.19
C ARG A 202 30.08 -19.02 5.25
N CYS A 203 29.34 -18.05 4.71
CA CYS A 203 28.26 -18.35 3.77
C CYS A 203 28.71 -18.00 2.36
N TRP A 204 28.60 -18.97 1.44
CA TRP A 204 29.02 -18.84 0.05
C TRP A 204 27.88 -18.66 -0.93
N ALA A 205 28.17 -17.97 -2.03
CA ALA A 205 27.30 -17.75 -3.17
C ALA A 205 28.16 -17.91 -4.42
N LEU A 206 27.93 -18.98 -5.20
CA LEU A 206 28.74 -19.28 -6.39
C LEU A 206 27.89 -19.48 -7.65
N GLY A 207 28.53 -19.28 -8.81
CA GLY A 207 27.92 -19.48 -10.12
C GLY A 207 26.72 -18.61 -10.44
N PHE A 208 26.69 -17.36 -9.94
CA PHE A 208 25.55 -16.47 -10.19
C PHE A 208 25.83 -15.42 -11.28
N TYR A 209 24.75 -14.98 -11.95
CA TYR A 209 24.70 -13.95 -12.98
C TYR A 209 23.32 -13.26 -12.95
N PRO A 210 23.22 -11.91 -12.94
CA PRO A 210 24.29 -10.90 -12.96
C PRO A 210 25.09 -10.84 -11.65
N ALA A 211 26.16 -9.99 -11.63
CA ALA A 211 27.07 -9.82 -10.49
C ALA A 211 26.38 -9.26 -9.24
N GLU A 212 25.31 -8.45 -9.41
CA GLU A 212 24.56 -7.82 -8.31
C GLU A 212 23.97 -8.90 -7.38
N ILE A 213 24.35 -8.82 -6.09
CA ILE A 213 23.94 -9.76 -5.04
C ILE A 213 24.04 -9.07 -3.68
N THR A 214 23.29 -9.58 -2.69
CA THR A 214 23.35 -9.09 -1.32
C THR A 214 23.50 -10.31 -0.39
N LEU A 215 24.57 -10.31 0.41
CA LEU A 215 24.86 -11.33 1.42
C LEU A 215 24.87 -10.62 2.76
N THR A 216 23.89 -10.95 3.63
CA THR A 216 23.76 -10.31 4.94
C THR A 216 23.58 -11.34 6.03
N TRP A 217 24.39 -11.21 7.09
CA TRP A 217 24.32 -12.06 8.28
C TRP A 217 23.37 -11.43 9.30
N GLN A 218 22.56 -12.26 9.95
CA GLN A 218 21.59 -11.77 10.94
C GLN A 218 21.59 -12.61 12.20
N ARG A 219 21.58 -11.94 13.37
CA ARG A 219 21.51 -12.60 14.67
C ARG A 219 20.16 -12.25 15.27
N ASP A 220 19.29 -13.26 15.46
CA ASP A 220 17.91 -13.11 15.95
C ASP A 220 17.13 -12.12 15.04
N GLY A 221 17.42 -12.17 13.73
CA GLY A 221 16.84 -11.34 12.70
C GLY A 221 17.40 -9.93 12.57
N GLU A 222 18.33 -9.55 13.47
CA GLU A 222 18.92 -8.21 13.46
C GLU A 222 20.17 -8.22 12.60
N ASP A 223 20.27 -7.27 11.65
CA ASP A 223 21.38 -7.13 10.70
C ASP A 223 22.72 -7.02 11.41
N GLN A 224 23.60 -7.99 11.16
CA GLN A 224 24.93 -8.03 11.76
C GLN A 224 25.91 -7.52 10.74
N THR A 225 26.33 -6.25 10.87
CA THR A 225 27.27 -5.60 9.94
C THR A 225 28.60 -5.47 10.66
N GLN A 226 28.48 -5.33 11.97
CA GLN A 226 29.54 -5.22 12.93
C GLN A 226 30.13 -6.63 13.14
N ASP A 227 31.41 -6.79 12.71
CA ASP A 227 32.28 -7.98 12.80
C ASP A 227 32.04 -9.01 11.69
N THR A 228 31.50 -8.58 10.54
N THR A 228 31.46 -8.59 10.56
CA THR A 228 31.25 -9.47 9.42
CA THR A 228 31.28 -9.52 9.44
C THR A 228 32.21 -9.16 8.28
C THR A 228 32.25 -9.17 8.32
N GLU A 229 32.97 -10.18 7.81
CA GLU A 229 33.88 -9.97 6.70
C GLU A 229 33.13 -10.29 5.42
N LEU A 230 32.93 -9.26 4.58
CA LEU A 230 32.27 -9.36 3.29
C LEU A 230 33.29 -9.07 2.20
N VAL A 231 33.59 -10.07 1.37
CA VAL A 231 34.56 -9.91 0.30
C VAL A 231 33.88 -9.31 -0.92
N GLU A 232 34.66 -8.64 -1.77
CA GLU A 232 34.19 -8.03 -3.02
C GLU A 232 33.74 -9.14 -3.96
N THR A 233 32.64 -8.91 -4.71
CA THR A 233 32.12 -9.86 -5.70
C THR A 233 33.22 -10.08 -6.74
N ARG A 234 33.56 -11.35 -7.00
CA ARG A 234 34.68 -11.68 -7.89
C ARG A 234 34.25 -12.54 -9.08
N PRO A 235 34.88 -12.38 -10.26
CA PRO A 235 34.51 -13.23 -11.40
C PRO A 235 35.10 -14.63 -11.27
N ALA A 236 34.31 -15.65 -11.61
CA ALA A 236 34.77 -17.04 -11.58
C ALA A 236 35.67 -17.33 -12.79
N GLY A 237 35.45 -16.58 -13.88
CA GLY A 237 36.20 -16.71 -15.13
C GLY A 237 35.45 -17.43 -16.24
N ASP A 238 34.22 -17.87 -15.93
CA ASP A 238 33.34 -18.58 -16.89
C ASP A 238 32.07 -17.76 -17.18
N GLY A 239 32.11 -16.48 -16.87
CA GLY A 239 30.99 -15.57 -17.08
C GLY A 239 30.10 -15.41 -15.88
N THR A 240 30.37 -16.16 -14.78
CA THR A 240 29.59 -16.10 -13.55
C THR A 240 30.42 -15.45 -12.42
N PHE A 241 29.77 -15.20 -11.28
CA PHE A 241 30.42 -14.50 -10.17
C PHE A 241 30.34 -15.27 -8.85
N GLN A 242 31.21 -14.87 -7.90
CA GLN A 242 31.33 -15.46 -6.56
C GLN A 242 31.37 -14.40 -5.48
N LYS A 243 30.91 -14.75 -4.26
CA LYS A 243 30.92 -13.88 -3.09
C LYS A 243 30.73 -14.70 -1.83
N TRP A 244 31.35 -14.25 -0.72
CA TRP A 244 31.16 -14.89 0.57
C TRP A 244 31.15 -13.86 1.68
N ALA A 245 30.46 -14.20 2.78
CA ALA A 245 30.29 -13.41 3.99
C ALA A 245 30.56 -14.30 5.19
N ALA A 246 31.47 -13.88 6.08
CA ALA A 246 31.82 -14.67 7.26
C ALA A 246 31.56 -13.90 8.56
N VAL A 247 31.29 -14.60 9.66
CA VAL A 247 31.06 -14.03 10.98
C VAL A 247 31.55 -15.01 12.05
N VAL A 248 32.21 -14.49 13.09
CA VAL A 248 32.70 -15.30 14.22
C VAL A 248 31.57 -15.34 15.25
N VAL A 249 31.14 -16.55 15.61
CA VAL A 249 30.02 -16.75 16.54
C VAL A 249 30.45 -17.56 17.78
N PRO A 250 29.84 -17.32 18.97
CA PRO A 250 30.20 -18.12 20.14
C PRO A 250 29.70 -19.56 19.97
N SER A 251 30.53 -20.55 20.36
CA SER A 251 30.21 -21.97 20.22
C SER A 251 28.93 -22.30 20.99
N GLY A 252 28.01 -22.98 20.30
CA GLY A 252 26.72 -23.37 20.82
C GLY A 252 25.59 -22.40 20.49
N GLU A 253 25.92 -21.30 19.78
CA GLU A 253 24.96 -20.26 19.41
C GLU A 253 24.83 -20.11 17.88
N GLU A 254 25.34 -21.09 17.09
CA GLU A 254 25.33 -21.10 15.63
C GLU A 254 23.92 -20.94 15.04
N GLN A 255 22.90 -21.57 15.66
CA GLN A 255 21.49 -21.55 15.23
C GLN A 255 20.82 -20.17 15.33
N ARG A 256 21.39 -19.24 16.10
CA ARG A 256 20.86 -17.87 16.25
C ARG A 256 21.18 -17.00 15.04
N TYR A 257 22.15 -17.45 14.22
CA TYR A 257 22.64 -16.73 13.06
C TYR A 257 22.09 -17.29 11.75
N THR A 258 21.68 -16.37 10.87
CA THR A 258 21.14 -16.68 9.54
C THR A 258 21.80 -15.81 8.49
N CYS A 259 22.05 -16.39 7.32
CA CYS A 259 22.58 -15.65 6.20
C CYS A 259 21.48 -15.46 5.18
N HIS A 260 21.27 -14.21 4.78
N HIS A 260 21.26 -14.21 4.77
CA HIS A 260 20.23 -13.77 3.85
CA HIS A 260 20.22 -13.83 3.82
C HIS A 260 20.86 -13.52 2.46
C HIS A 260 20.84 -13.54 2.46
N VAL A 261 20.44 -14.30 1.44
CA VAL A 261 20.97 -14.18 0.07
C VAL A 261 19.88 -13.60 -0.82
N GLN A 262 20.17 -12.44 -1.44
CA GLN A 262 19.27 -11.76 -2.36
C GLN A 262 19.91 -11.66 -3.75
N HIS A 263 19.21 -12.17 -4.76
CA HIS A 263 19.66 -12.18 -6.15
C HIS A 263 18.44 -12.24 -7.04
N GLU A 264 18.48 -11.57 -8.20
CA GLU A 264 17.36 -11.54 -9.15
C GLU A 264 17.05 -12.93 -9.73
N GLY A 265 18.02 -13.85 -9.68
CA GLY A 265 17.86 -15.23 -10.15
C GLY A 265 17.06 -16.12 -9.22
N LEU A 266 16.93 -15.72 -7.94
CA LEU A 266 16.18 -16.46 -6.93
C LEU A 266 14.68 -16.11 -6.97
N PRO A 267 13.77 -17.13 -6.94
CA PRO A 267 12.33 -16.81 -6.94
C PRO A 267 11.87 -16.15 -5.63
N LYS A 268 12.62 -16.40 -4.55
CA LYS A 268 12.44 -15.86 -3.20
C LYS A 268 13.82 -15.75 -2.53
N PRO A 269 14.12 -14.71 -1.70
CA PRO A 269 15.43 -14.66 -1.04
C PRO A 269 15.66 -15.85 -0.10
N LEU A 270 16.89 -16.39 -0.09
CA LEU A 270 17.29 -17.54 0.72
C LEU A 270 17.63 -17.16 2.15
N THR A 271 17.38 -18.08 3.09
CA THR A 271 17.71 -17.94 4.51
C THR A 271 18.46 -19.22 4.89
N LEU A 272 19.79 -19.12 5.04
CA LEU A 272 20.67 -20.24 5.37
C LEU A 272 21.04 -20.22 6.85
N ARG A 273 20.96 -21.40 7.50
CA ARG A 273 21.25 -21.58 8.92
C ARG A 273 22.06 -22.85 9.12
N TRP A 274 23.10 -22.78 9.97
CA TRP A 274 23.93 -23.94 10.29
C TRP A 274 23.17 -24.89 11.20
N MET B 1 49.51 13.33 -7.94
CA MET B 1 48.94 12.07 -8.41
C MET B 1 48.47 11.23 -7.21
N ILE B 2 47.24 10.69 -7.31
CA ILE B 2 46.62 9.83 -6.29
C ILE B 2 46.78 8.37 -6.73
N GLN B 3 47.66 7.63 -6.04
CA GLN B 3 47.92 6.23 -6.32
C GLN B 3 47.05 5.36 -5.41
N ARG B 4 46.53 4.24 -5.96
CA ARG B 4 45.67 3.32 -5.24
C ARG B 4 46.31 1.93 -5.19
N THR B 5 46.37 1.35 -3.98
CA THR B 5 46.99 0.04 -3.76
C THR B 5 45.97 -1.08 -4.13
N PRO B 6 46.42 -2.15 -4.84
CA PRO B 6 45.47 -3.20 -5.24
C PRO B 6 44.95 -4.07 -4.10
N LYS B 7 43.70 -4.49 -4.23
CA LYS B 7 43.03 -5.47 -3.39
C LYS B 7 43.29 -6.81 -4.07
N ILE B 8 43.57 -7.85 -3.31
CA ILE B 8 43.91 -9.13 -3.91
C ILE B 8 43.07 -10.28 -3.37
N GLN B 9 42.57 -11.14 -4.29
CA GLN B 9 41.83 -12.36 -4.01
C GLN B 9 42.38 -13.50 -4.85
N VAL B 10 42.76 -14.61 -4.19
CA VAL B 10 43.28 -15.83 -4.83
C VAL B 10 42.28 -16.93 -4.54
N TYR B 11 41.76 -17.58 -5.60
CA TYR B 11 40.70 -18.58 -5.49
C TYR B 11 40.63 -19.46 -6.74
N SER B 12 39.77 -20.49 -6.70
CA SER B 12 39.52 -21.41 -7.81
C SER B 12 38.17 -21.13 -8.47
N ARG B 13 38.04 -21.47 -9.77
CA ARG B 13 36.80 -21.28 -10.55
C ARG B 13 35.65 -22.09 -9.96
N HIS B 14 35.90 -23.39 -9.65
CA HIS B 14 34.91 -24.29 -9.04
C HIS B 14 35.44 -24.78 -7.68
N PRO B 15 34.57 -25.28 -6.74
CA PRO B 15 35.08 -25.80 -5.45
C PRO B 15 36.17 -26.85 -5.67
N ALA B 16 37.33 -26.66 -5.01
CA ALA B 16 38.51 -27.50 -5.12
C ALA B 16 38.26 -28.94 -4.64
N GLU B 17 38.70 -29.89 -5.47
CA GLU B 17 38.66 -31.33 -5.23
C GLU B 17 40.02 -31.89 -5.63
N ASN B 18 40.71 -32.57 -4.69
CA ASN B 18 42.04 -33.11 -4.90
C ASN B 18 42.09 -34.10 -6.09
N GLY B 19 42.98 -33.80 -7.03
CA GLY B 19 43.18 -34.60 -8.24
C GLY B 19 42.29 -34.22 -9.41
N LYS B 20 41.38 -33.25 -9.21
CA LYS B 20 40.45 -32.80 -10.25
C LYS B 20 40.92 -31.48 -10.88
N SER B 21 40.95 -31.42 -12.23
CA SER B 21 41.35 -30.24 -13.00
C SER B 21 40.44 -29.05 -12.71
N ASN B 22 41.05 -27.88 -12.50
CA ASN B 22 40.36 -26.65 -12.15
C ASN B 22 41.13 -25.44 -12.71
N PHE B 23 40.69 -24.23 -12.35
CA PHE B 23 41.34 -22.99 -12.74
C PHE B 23 41.70 -22.21 -11.50
N LEU B 24 42.96 -21.77 -11.43
CA LEU B 24 43.46 -20.93 -10.34
C LEU B 24 43.35 -19.46 -10.77
N ASN B 25 42.59 -18.67 -10.01
CA ASN B 25 42.35 -17.26 -10.28
C ASN B 25 42.99 -16.33 -9.29
N CYS B 26 43.39 -15.16 -9.79
CA CYS B 26 43.87 -14.07 -8.97
C CYS B 26 43.24 -12.79 -9.48
N TYR B 27 42.32 -12.25 -8.67
CA TYR B 27 41.59 -11.04 -8.98
C TYR B 27 42.22 -9.86 -8.26
N VAL B 28 42.74 -8.91 -9.05
CA VAL B 28 43.36 -7.68 -8.55
C VAL B 28 42.41 -6.53 -8.90
N SER B 29 42.04 -5.71 -7.90
CA SER B 29 41.09 -4.61 -8.09
C SER B 29 41.42 -3.42 -7.18
N GLY B 30 40.82 -2.27 -7.48
CA GLY B 30 41.00 -1.05 -6.70
C GLY B 30 42.35 -0.38 -6.82
N PHE B 31 43.08 -0.65 -7.93
CA PHE B 31 44.42 -0.09 -8.10
C PHE B 31 44.53 1.00 -9.19
N HIS B 32 45.54 1.86 -9.06
CA HIS B 32 45.89 2.94 -9.97
C HIS B 32 47.36 3.34 -9.73
N PRO B 33 48.24 3.43 -10.76
CA PRO B 33 48.02 3.25 -12.22
C PRO B 33 47.80 1.78 -12.62
N SER B 34 47.52 1.57 -13.93
CA SER B 34 47.20 0.28 -14.54
C SER B 34 48.35 -0.73 -14.55
N ASP B 35 49.62 -0.26 -14.57
CA ASP B 35 50.80 -1.13 -14.59
C ASP B 35 50.87 -1.97 -13.32
N ILE B 36 50.80 -3.31 -13.47
CA ILE B 36 50.81 -4.26 -12.35
C ILE B 36 51.52 -5.57 -12.78
N GLU B 37 52.21 -6.21 -11.82
CA GLU B 37 52.91 -7.48 -12.02
C GLU B 37 52.18 -8.55 -11.21
N VAL B 38 51.51 -9.50 -11.89
CA VAL B 38 50.75 -10.55 -11.21
C VAL B 38 51.26 -11.91 -11.69
N ASP B 39 51.77 -12.70 -10.75
CA ASP B 39 52.24 -14.05 -11.02
C ASP B 39 51.51 -15.03 -10.13
N LEU B 40 51.19 -16.20 -10.68
CA LEU B 40 50.58 -17.28 -9.92
C LEU B 40 51.70 -18.24 -9.60
N LEU B 41 51.83 -18.60 -8.32
CA LEU B 41 52.92 -19.45 -7.84
C LEU B 41 52.49 -20.87 -7.53
N LYS B 42 53.40 -21.83 -7.77
CA LYS B 42 53.25 -23.26 -7.46
C LYS B 42 54.48 -23.67 -6.64
N ASN B 43 54.32 -23.68 -5.30
CA ASN B 43 55.35 -23.98 -4.29
C ASN B 43 56.50 -22.95 -4.36
N GLY B 44 56.17 -21.73 -4.78
CA GLY B 44 57.13 -20.63 -4.89
C GLY B 44 57.59 -20.28 -6.28
N GLU B 45 57.46 -21.21 -7.25
CA GLU B 45 57.91 -20.96 -8.62
C GLU B 45 56.78 -20.37 -9.48
N ARG B 46 57.15 -19.43 -10.37
CA ARG B 46 56.24 -18.75 -11.29
C ARG B 46 55.71 -19.71 -12.36
N ILE B 47 54.37 -19.80 -12.49
CA ILE B 47 53.68 -20.59 -13.51
C ILE B 47 53.79 -19.81 -14.82
N GLU B 48 54.31 -20.44 -15.88
CA GLU B 48 54.53 -19.78 -17.17
C GLU B 48 53.23 -19.58 -17.98
N LYS B 49 52.37 -20.61 -18.05
CA LYS B 49 51.12 -20.53 -18.80
C LYS B 49 50.06 -19.78 -17.98
N VAL B 50 50.08 -18.44 -18.00
CA VAL B 50 49.10 -17.65 -17.24
C VAL B 50 48.46 -16.60 -18.18
N GLU B 51 47.12 -16.63 -18.29
CA GLU B 51 46.33 -15.69 -19.10
C GLU B 51 45.66 -14.65 -18.20
N HIS B 52 45.25 -13.50 -18.78
CA HIS B 52 44.57 -12.46 -18.02
C HIS B 52 43.48 -11.78 -18.86
N SER B 53 42.51 -11.19 -18.16
CA SER B 53 41.38 -10.48 -18.76
C SER B 53 41.83 -9.16 -19.38
N ASP B 54 40.95 -8.54 -20.18
CA ASP B 54 41.24 -7.25 -20.80
C ASP B 54 41.03 -6.17 -19.75
N LEU B 55 41.97 -5.22 -19.64
CA LEU B 55 41.97 -4.14 -18.65
C LEU B 55 40.67 -3.31 -18.70
N SER B 56 40.01 -3.23 -17.53
CA SER B 56 38.77 -2.49 -17.32
C SER B 56 38.83 -1.77 -15.98
N PHE B 57 37.83 -0.92 -15.67
CA PHE B 57 37.83 -0.15 -14.42
C PHE B 57 36.42 0.07 -13.87
N SER B 58 36.34 0.36 -12.56
CA SER B 58 35.12 0.62 -11.81
C SER B 58 34.70 2.10 -11.92
N LYS B 59 33.55 2.48 -11.30
CA LYS B 59 33.03 3.85 -11.32
C LYS B 59 33.97 4.85 -10.62
N ASP B 60 34.77 4.38 -9.65
CA ASP B 60 35.75 5.22 -8.92
C ASP B 60 37.06 5.40 -9.71
N TRP B 61 37.15 4.83 -10.95
CA TRP B 61 38.25 4.84 -11.91
C TRP B 61 39.37 3.82 -11.60
N SER B 62 39.25 3.07 -10.50
CA SER B 62 40.24 2.07 -10.13
C SER B 62 40.14 0.85 -11.05
N PHE B 63 41.30 0.30 -11.46
CA PHE B 63 41.37 -0.82 -12.39
C PHE B 63 41.15 -2.16 -11.74
N TYR B 64 40.73 -3.14 -12.55
CA TYR B 64 40.57 -4.52 -12.11
C TYR B 64 41.00 -5.47 -13.22
N LEU B 65 41.66 -6.56 -12.82
N LEU B 65 41.64 -6.57 -12.81
CA LEU B 65 42.14 -7.60 -13.73
CA LEU B 65 42.15 -7.60 -13.70
C LEU B 65 41.96 -8.98 -13.12
C LEU B 65 41.96 -8.99 -13.11
N LEU B 66 41.75 -9.98 -13.97
CA LEU B 66 41.63 -11.37 -13.56
C LEU B 66 42.73 -12.15 -14.27
N TYR B 67 43.63 -12.76 -13.47
CA TYR B 67 44.73 -13.59 -13.93
C TYR B 67 44.31 -15.01 -13.66
N TYR B 68 44.46 -15.91 -14.67
CA TYR B 68 44.00 -17.29 -14.51
C TYR B 68 44.87 -18.32 -15.25
N THR B 69 44.95 -19.54 -14.67
CA THR B 69 45.69 -20.66 -15.23
C THR B 69 45.03 -21.98 -14.82
N GLU B 70 45.20 -23.03 -15.65
CA GLU B 70 44.72 -24.38 -15.39
C GLU B 70 45.58 -24.98 -14.27
N PHE B 71 44.94 -25.61 -13.27
CA PHE B 71 45.67 -26.22 -12.15
C PHE B 71 44.90 -27.42 -11.61
N THR B 72 45.64 -28.39 -11.05
CA THR B 72 45.07 -29.60 -10.47
C THR B 72 45.46 -29.59 -8.98
N PRO B 73 44.54 -29.15 -8.09
CA PRO B 73 44.88 -29.09 -6.66
C PRO B 73 45.10 -30.45 -6.02
N THR B 74 46.06 -30.51 -5.08
CA THR B 74 46.40 -31.67 -4.23
C THR B 74 46.39 -31.18 -2.79
N GLU B 75 46.44 -32.11 -1.82
CA GLU B 75 46.39 -31.73 -0.41
C GLU B 75 47.70 -31.08 0.09
N LYS B 76 48.84 -31.32 -0.59
CA LYS B 76 50.13 -30.82 -0.15
C LYS B 76 50.71 -29.66 -0.97
N ASP B 77 50.41 -29.54 -2.28
CA ASP B 77 50.96 -28.47 -3.12
C ASP B 77 50.48 -27.09 -2.65
N GLU B 78 51.44 -26.16 -2.50
CA GLU B 78 51.18 -24.79 -2.06
C GLU B 78 51.03 -23.87 -3.25
N TYR B 79 49.84 -23.28 -3.40
CA TYR B 79 49.52 -22.32 -4.46
C TYR B 79 49.37 -20.94 -3.86
N ALA B 80 49.84 -19.93 -4.60
CA ALA B 80 49.80 -18.55 -4.16
C ALA B 80 49.81 -17.59 -5.33
N CYS B 81 49.72 -16.29 -5.03
CA CYS B 81 49.82 -15.24 -6.02
C CYS B 81 50.77 -14.18 -5.53
N ARG B 82 51.67 -13.74 -6.40
CA ARG B 82 52.63 -12.70 -6.10
C ARG B 82 52.23 -11.47 -6.91
N VAL B 83 51.94 -10.36 -6.21
CA VAL B 83 51.49 -9.13 -6.85
C VAL B 83 52.49 -8.02 -6.53
N ASN B 84 52.91 -7.28 -7.57
CA ASN B 84 53.78 -6.13 -7.41
C ASN B 84 53.16 -4.94 -8.13
N HIS B 85 53.17 -3.79 -7.43
CA HIS B 85 52.62 -2.51 -7.89
C HIS B 85 53.52 -1.42 -7.36
N VAL B 86 53.50 -0.23 -7.99
CA VAL B 86 54.29 0.93 -7.61
C VAL B 86 53.99 1.36 -6.13
N THR B 87 52.77 1.08 -5.64
CA THR B 87 52.32 1.38 -4.27
C THR B 87 52.93 0.41 -3.25
N LEU B 88 53.39 -0.76 -3.72
CA LEU B 88 53.98 -1.79 -2.86
C LEU B 88 55.50 -1.68 -2.84
N SER B 89 56.07 -1.53 -1.62
CA SER B 89 57.51 -1.45 -1.39
C SER B 89 58.15 -2.83 -1.64
N GLN B 90 57.38 -3.90 -1.37
CA GLN B 90 57.76 -5.30 -1.55
C GLN B 90 56.62 -6.07 -2.22
N PRO B 91 56.89 -7.10 -3.07
CA PRO B 91 55.78 -7.86 -3.69
C PRO B 91 54.91 -8.56 -2.63
N LYS B 92 53.57 -8.48 -2.78
CA LYS B 92 52.61 -9.06 -1.84
C LYS B 92 52.21 -10.48 -2.26
N ILE B 93 52.47 -11.48 -1.39
CA ILE B 93 52.15 -12.87 -1.65
C ILE B 93 50.92 -13.27 -0.83
N VAL B 94 49.86 -13.72 -1.52
CA VAL B 94 48.62 -14.18 -0.91
C VAL B 94 48.50 -15.67 -1.23
N LYS B 95 48.47 -16.53 -0.20
CA LYS B 95 48.38 -17.97 -0.34
C LYS B 95 46.95 -18.41 -0.68
N TRP B 96 46.83 -19.33 -1.65
CA TRP B 96 45.54 -19.86 -2.06
C TRP B 96 44.99 -20.80 -1.00
N ASP B 97 43.71 -20.62 -0.68
CA ASP B 97 43.01 -21.42 0.30
C ASP B 97 41.65 -21.81 -0.25
N ARG B 98 41.36 -23.12 -0.31
CA ARG B 98 40.03 -23.64 -0.66
C ARG B 98 39.21 -23.26 0.58
N ASP B 99 38.03 -22.66 0.38
CA ASP B 99 37.27 -21.93 1.42
C ASP B 99 38.08 -20.63 1.49
N MET B 100 38.57 -20.10 2.65
CA MET B 100 39.51 -18.94 2.78
C MET B 100 39.18 -17.96 3.91
N GLY C 1 -2.86 -58.75 -16.99
CA GLY C 1 -2.87 -59.81 -15.98
C GLY C 1 -1.79 -59.65 -14.94
N SER C 2 -0.52 -59.62 -15.39
CA SER C 2 0.66 -59.50 -14.52
C SER C 2 0.80 -58.07 -13.95
N HIS C 3 1.32 -57.96 -12.71
CA HIS C 3 1.48 -56.68 -12.01
C HIS C 3 2.84 -56.55 -11.31
N SER C 4 3.31 -55.30 -11.14
CA SER C 4 4.60 -55.00 -10.50
C SER C 4 4.48 -53.98 -9.38
N MET C 5 5.39 -54.08 -8.39
CA MET C 5 5.54 -53.12 -7.30
C MET C 5 7.00 -52.68 -7.26
N ARG C 6 7.24 -51.37 -7.30
CA ARG C 6 8.60 -50.84 -7.31
C ARG C 6 8.77 -49.70 -6.33
N TYR C 7 9.89 -49.72 -5.62
CA TYR C 7 10.29 -48.67 -4.70
C TYR C 7 11.58 -48.04 -5.22
N PHE C 8 11.60 -46.69 -5.35
CA PHE C 8 12.74 -45.91 -5.86
C PHE C 8 13.23 -44.95 -4.78
N PHE C 9 14.53 -45.07 -4.40
CA PHE C 9 15.16 -44.29 -3.33
C PHE C 9 16.32 -43.45 -3.84
N THR C 10 16.29 -42.14 -3.53
CA THR C 10 17.35 -41.22 -3.93
C THR C 10 17.91 -40.53 -2.70
N SER C 11 19.23 -40.64 -2.53
CA SER C 11 19.99 -40.00 -1.46
C SER C 11 21.03 -39.10 -2.10
N VAL C 12 21.02 -37.81 -1.77
CA VAL C 12 21.96 -36.85 -2.37
C VAL C 12 22.64 -36.03 -1.28
N SER C 13 23.98 -36.13 -1.19
CA SER C 13 24.75 -35.37 -0.22
C SER C 13 24.81 -33.89 -0.63
N ARG C 14 24.65 -32.98 0.33
CA ARG C 14 24.72 -31.53 0.14
C ARG C 14 25.69 -31.01 1.22
N PRO C 15 27.02 -31.07 0.94
CA PRO C 15 28.04 -30.76 1.97
C PRO C 15 27.75 -29.60 2.94
N GLY C 16 27.64 -28.37 2.44
CA GLY C 16 27.40 -27.21 3.30
C GLY C 16 25.95 -26.78 3.44
N ARG C 17 25.01 -27.72 3.16
CA ARG C 17 23.56 -27.46 3.22
C ARG C 17 22.83 -28.50 4.11
N GLY C 18 23.49 -28.90 5.20
CA GLY C 18 22.93 -29.87 6.14
C GLY C 18 23.08 -31.31 5.69
N GLU C 19 22.28 -32.20 6.31
CA GLU C 19 22.26 -33.65 6.08
C GLU C 19 21.75 -34.02 4.66
N PRO C 20 22.15 -35.20 4.11
CA PRO C 20 21.72 -35.55 2.75
C PRO C 20 20.20 -35.63 2.56
N ARG C 21 19.72 -35.17 1.40
CA ARG C 21 18.31 -35.22 1.05
C ARG C 21 17.94 -36.67 0.68
N PHE C 22 16.90 -37.22 1.33
CA PHE C 22 16.42 -38.57 1.06
C PHE C 22 14.97 -38.52 0.57
N ILE C 23 14.74 -39.06 -0.64
CA ILE C 23 13.42 -39.13 -1.27
C ILE C 23 13.13 -40.60 -1.60
N ALA C 24 11.93 -41.06 -1.24
CA ALA C 24 11.45 -42.42 -1.48
C ALA C 24 10.09 -42.37 -2.18
N VAL C 25 9.92 -43.20 -3.21
CA VAL C 25 8.66 -43.27 -3.96
C VAL C 25 8.28 -44.74 -4.20
N GLY C 26 6.99 -45.04 -4.04
CA GLY C 26 6.45 -46.37 -4.24
C GLY C 26 5.44 -46.40 -5.36
N TYR C 27 5.56 -47.39 -6.25
CA TYR C 27 4.68 -47.58 -7.39
C TYR C 27 4.09 -48.97 -7.46
N VAL C 28 2.83 -49.06 -7.89
CA VAL C 28 2.10 -50.29 -8.24
C VAL C 28 1.80 -50.07 -9.70
N ASP C 29 2.54 -50.79 -10.58
CA ASP C 29 2.54 -50.63 -12.04
C ASP C 29 2.97 -49.17 -12.35
N ASP C 30 2.12 -48.36 -13.00
CA ASP C 30 2.47 -46.95 -13.30
C ASP C 30 1.80 -45.97 -12.33
N THR C 31 1.23 -46.46 -11.21
CA THR C 31 0.55 -45.61 -10.23
C THR C 31 1.36 -45.49 -8.93
N GLN C 32 1.67 -44.24 -8.55
CA GLN C 32 2.37 -43.92 -7.30
C GLN C 32 1.38 -44.03 -6.13
N PHE C 33 1.81 -44.65 -5.01
CA PHE C 33 0.93 -44.84 -3.85
C PHE C 33 1.53 -44.32 -2.55
N VAL C 34 2.87 -44.27 -2.43
CA VAL C 34 3.53 -43.77 -1.22
C VAL C 34 4.68 -42.82 -1.56
N ARG C 35 5.08 -42.00 -0.57
CA ARG C 35 6.20 -41.07 -0.67
C ARG C 35 6.78 -40.73 0.72
N PHE C 36 8.08 -40.44 0.74
CA PHE C 36 8.83 -40.00 1.92
C PHE C 36 9.83 -38.94 1.47
N ASP C 37 9.81 -37.80 2.15
CA ASP C 37 10.73 -36.68 1.86
C ASP C 37 11.35 -36.20 3.16
N SER C 38 12.70 -36.15 3.21
CA SER C 38 13.44 -35.72 4.39
C SER C 38 13.29 -34.19 4.65
N ASP C 39 12.96 -33.41 3.60
CA ASP C 39 12.76 -31.95 3.69
C ASP C 39 11.32 -31.59 4.11
N ALA C 40 10.35 -32.51 3.92
CA ALA C 40 8.95 -32.30 4.30
C ALA C 40 8.78 -32.29 5.83
N ALA C 41 7.80 -31.51 6.31
CA ALA C 41 7.50 -31.32 7.74
C ALA C 41 6.96 -32.58 8.43
N SER C 42 6.27 -33.46 7.67
CA SER C 42 5.63 -34.69 8.16
C SER C 42 6.61 -35.67 8.84
N GLN C 43 7.78 -35.94 8.21
CA GLN C 43 8.83 -36.88 8.65
C GLN C 43 8.27 -38.32 8.78
N LYS C 44 7.31 -38.67 7.91
CA LYS C 44 6.64 -39.97 7.87
C LYS C 44 6.27 -40.37 6.44
N MET C 45 6.00 -41.67 6.22
CA MET C 45 5.57 -42.20 4.92
C MET C 45 4.15 -41.71 4.69
N GLU C 46 3.93 -40.99 3.58
CA GLU C 46 2.66 -40.36 3.24
C GLU C 46 1.90 -41.06 2.12
N PRO C 47 0.54 -41.16 2.19
CA PRO C 47 -0.21 -41.77 1.10
C PRO C 47 -0.27 -40.87 -0.15
N ARG C 48 -0.33 -41.49 -1.33
CA ARG C 48 -0.39 -40.80 -2.63
C ARG C 48 -1.52 -41.37 -3.51
N ALA C 49 -2.15 -42.46 -3.05
CA ALA C 49 -3.26 -43.13 -3.72
C ALA C 49 -4.45 -43.27 -2.76
N PRO C 50 -5.72 -43.23 -3.22
CA PRO C 50 -6.85 -43.35 -2.29
C PRO C 50 -6.99 -44.72 -1.62
N TRP C 51 -6.66 -45.80 -2.34
CA TRP C 51 -6.78 -47.18 -1.85
C TRP C 51 -5.75 -47.56 -0.76
N ILE C 52 -4.67 -46.78 -0.59
CA ILE C 52 -3.67 -47.08 0.44
C ILE C 52 -4.04 -46.37 1.76
N GLU C 53 -4.95 -45.37 1.70
CA GLU C 53 -5.41 -44.62 2.88
C GLU C 53 -6.20 -45.52 3.85
N GLN C 54 -6.68 -46.68 3.36
CA GLN C 54 -7.42 -47.72 4.09
C GLN C 54 -6.55 -48.44 5.12
N GLU C 55 -5.23 -48.54 4.85
CA GLU C 55 -4.23 -49.22 5.71
C GLU C 55 -4.21 -48.66 7.13
N GLY C 56 -4.01 -49.54 8.10
CA GLY C 56 -3.98 -49.23 9.53
C GLY C 56 -2.83 -48.35 9.98
N PRO C 57 -2.94 -47.79 11.23
CA PRO C 57 -1.87 -46.91 11.74
C PRO C 57 -0.52 -47.61 11.96
N GLU C 58 -0.56 -48.94 12.26
CA GLU C 58 0.63 -49.77 12.47
C GLU C 58 1.45 -49.85 11.18
N TYR C 59 0.77 -49.94 10.01
CA TYR C 59 1.41 -50.00 8.70
C TYR C 59 2.21 -48.72 8.46
N TRP C 60 1.59 -47.53 8.67
CA TRP C 60 2.22 -46.23 8.49
C TRP C 60 3.37 -46.02 9.48
N ASP C 61 3.23 -46.55 10.70
CA ASP C 61 4.25 -46.50 11.76
C ASP C 61 5.47 -47.34 11.37
N GLN C 62 5.22 -48.53 10.78
CA GLN C 62 6.24 -49.48 10.31
C GLN C 62 6.98 -48.91 9.10
N GLU C 63 6.22 -48.35 8.12
CA GLU C 63 6.74 -47.74 6.89
C GLU C 63 7.67 -46.56 7.19
N THR C 64 7.31 -45.73 8.19
CA THR C 64 8.08 -44.56 8.64
C THR C 64 9.40 -45.02 9.27
N ARG C 65 9.36 -46.10 10.09
CA ARG C 65 10.50 -46.69 10.77
C ARG C 65 11.52 -47.22 9.75
N ASN C 66 11.01 -47.88 8.68
CA ASN C 66 11.80 -48.41 7.59
C ASN C 66 12.49 -47.30 6.80
N MET C 67 11.78 -46.18 6.55
CA MET C 67 12.30 -45.03 5.79
C MET C 67 13.36 -44.27 6.57
N LYS C 68 13.23 -44.21 7.90
CA LYS C 68 14.23 -43.56 8.75
C LYS C 68 15.50 -44.41 8.77
N ALA C 69 15.34 -45.76 8.78
CA ALA C 69 16.45 -46.73 8.73
C ALA C 69 17.14 -46.69 7.36
N HIS C 70 16.36 -46.51 6.28
CA HIS C 70 16.84 -46.39 4.90
C HIS C 70 17.69 -45.12 4.74
N SER C 71 17.18 -43.98 5.22
CA SER C 71 17.82 -42.66 5.17
C SER C 71 19.15 -42.65 5.94
N GLN C 72 19.17 -43.24 7.15
CA GLN C 72 20.34 -43.32 8.04
C GLN C 72 21.45 -44.19 7.40
N THR C 73 21.08 -45.33 6.79
CA THR C 73 22.03 -46.24 6.14
C THR C 73 22.59 -45.58 4.87
N ASP C 74 21.74 -44.86 4.10
CA ASP C 74 22.16 -44.13 2.90
C ASP C 74 23.13 -43.01 3.27
N ARG C 75 22.90 -42.34 4.43
CA ARG C 75 23.77 -41.29 4.97
C ARG C 75 25.16 -41.83 5.28
N ALA C 76 25.22 -43.02 5.93
CA ALA C 76 26.47 -43.71 6.29
C ALA C 76 27.17 -44.27 5.06
N ASN C 77 26.38 -44.76 4.07
CA ASN C 77 26.91 -45.35 2.85
C ASN C 77 27.53 -44.31 1.92
N LEU C 78 27.02 -43.05 1.93
CA LEU C 78 27.59 -41.95 1.15
C LEU C 78 29.04 -41.67 1.61
N GLY C 79 29.25 -41.71 2.93
CA GLY C 79 30.55 -41.53 3.56
C GLY C 79 31.48 -42.69 3.29
N THR C 80 30.94 -43.93 3.30
CA THR C 80 31.67 -45.16 3.05
C THR C 80 32.18 -45.20 1.59
N LEU C 81 31.33 -44.81 0.61
CA LEU C 81 31.70 -44.83 -0.81
C LEU C 81 32.68 -43.70 -1.15
N ARG C 82 32.64 -42.59 -0.40
CA ARG C 82 33.57 -41.46 -0.52
C ARG C 82 35.00 -41.95 -0.30
N GLY C 83 35.18 -42.83 0.70
CA GLY C 83 36.45 -43.44 1.06
C GLY C 83 36.90 -44.49 0.07
N TYR C 84 35.94 -45.27 -0.47
CA TYR C 84 36.17 -46.35 -1.44
C TYR C 84 36.74 -45.80 -2.77
N TYR C 85 36.17 -44.70 -3.26
CA TYR C 85 36.59 -44.06 -4.51
C TYR C 85 37.61 -42.94 -4.27
N ASN C 86 38.02 -42.73 -2.98
CA ASN C 86 38.98 -41.74 -2.49
C ASN C 86 38.60 -40.32 -2.98
N GLN C 87 37.39 -39.87 -2.60
CA GLN C 87 36.83 -38.57 -2.99
C GLN C 87 36.80 -37.60 -1.80
N SER C 88 36.81 -36.28 -2.09
CA SER C 88 36.78 -35.20 -1.08
C SER C 88 35.36 -35.02 -0.53
N GLU C 89 35.23 -34.47 0.70
CA GLU C 89 33.95 -34.23 1.41
C GLU C 89 33.16 -33.01 0.85
N ASP C 90 33.81 -32.12 0.05
CA ASP C 90 33.21 -30.88 -0.47
C ASP C 90 32.38 -31.09 -1.76
N GLY C 91 32.37 -32.31 -2.30
CA GLY C 91 31.61 -32.67 -3.50
C GLY C 91 30.31 -33.37 -3.21
N SER C 92 29.28 -33.13 -4.06
CA SER C 92 27.95 -33.74 -3.93
C SER C 92 27.90 -35.08 -4.66
N HIS C 93 27.41 -36.13 -3.96
CA HIS C 93 27.31 -37.48 -4.51
C HIS C 93 25.92 -38.07 -4.31
N THR C 94 25.56 -39.04 -5.19
CA THR C 94 24.24 -39.67 -5.20
C THR C 94 24.28 -41.19 -5.06
N ILE C 95 23.37 -41.73 -4.22
CA ILE C 95 23.09 -43.15 -4.09
C ILE C 95 21.63 -43.36 -4.52
N GLN C 96 21.40 -44.27 -5.47
CA GLN C 96 20.07 -44.62 -5.94
C GLN C 96 19.84 -46.11 -5.72
N ILE C 97 18.65 -46.47 -5.24
CA ILE C 97 18.27 -47.86 -4.99
C ILE C 97 16.89 -48.11 -5.58
N MET C 98 16.76 -49.24 -6.29
CA MET C 98 15.51 -49.74 -6.84
C MET C 98 15.33 -51.16 -6.34
N TYR C 99 14.15 -51.46 -5.81
CA TYR C 99 13.79 -52.82 -5.43
C TYR C 99 12.27 -53.01 -5.54
N GLY C 100 11.87 -54.27 -5.71
CA GLY C 100 10.46 -54.63 -5.84
C GLY C 100 10.27 -56.01 -6.44
N CYS C 101 9.03 -56.32 -6.83
CA CYS C 101 8.69 -57.64 -7.33
C CYS C 101 7.57 -57.61 -8.37
N ASP C 102 7.46 -58.70 -9.13
CA ASP C 102 6.45 -58.95 -10.14
C ASP C 102 5.63 -60.16 -9.76
N VAL C 103 4.31 -60.06 -9.90
CA VAL C 103 3.41 -61.19 -9.65
C VAL C 103 2.62 -61.46 -10.91
N GLY C 104 2.06 -62.65 -11.00
CA GLY C 104 1.24 -63.04 -12.13
C GLY C 104 -0.22 -62.67 -11.95
N PRO C 105 -1.10 -63.06 -12.89
CA PRO C 105 -2.54 -62.75 -12.75
C PRO C 105 -3.20 -63.41 -11.53
N ASP C 106 -2.60 -64.50 -11.04
CA ASP C 106 -3.07 -65.25 -9.87
C ASP C 106 -2.46 -64.69 -8.55
N GLY C 107 -1.58 -63.70 -8.68
CA GLY C 107 -0.90 -63.05 -7.55
C GLY C 107 0.36 -63.77 -7.09
N ARG C 108 0.75 -64.85 -7.80
CA ARG C 108 1.93 -65.68 -7.52
C ARG C 108 3.21 -65.02 -8.04
N PHE C 109 4.27 -65.00 -7.21
CA PHE C 109 5.59 -64.42 -7.47
C PHE C 109 6.17 -64.87 -8.81
N LEU C 110 6.74 -63.92 -9.56
CA LEU C 110 7.37 -64.16 -10.85
C LEU C 110 8.84 -63.75 -10.80
N ARG C 111 9.12 -62.50 -10.38
CA ARG C 111 10.48 -61.95 -10.33
C ARG C 111 10.68 -61.01 -9.15
N GLY C 112 11.94 -60.91 -8.71
CA GLY C 112 12.37 -60.04 -7.63
C GLY C 112 13.51 -59.15 -8.10
N TYR C 113 13.55 -57.89 -7.61
CA TYR C 113 14.57 -56.92 -8.02
C TYR C 113 15.21 -56.20 -6.82
N ARG C 114 16.51 -55.88 -6.94
CA ARG C 114 17.33 -55.11 -6.00
C ARG C 114 18.62 -54.67 -6.72
N GLN C 115 18.68 -53.38 -7.06
CA GLN C 115 19.79 -52.75 -7.80
C GLN C 115 20.19 -51.42 -7.15
N ASP C 116 21.51 -51.20 -6.99
CA ASP C 116 22.07 -49.99 -6.37
C ASP C 116 23.02 -49.27 -7.32
N ALA C 117 23.02 -47.93 -7.26
CA ALA C 117 23.88 -47.10 -8.10
C ALA C 117 24.54 -45.96 -7.35
N TYR C 118 25.77 -45.64 -7.74
CA TYR C 118 26.51 -44.53 -7.18
C TYR C 118 26.86 -43.58 -8.30
N ASP C 119 26.46 -42.30 -8.14
CA ASP C 119 26.66 -41.20 -9.08
C ASP C 119 26.15 -41.56 -10.50
N GLY C 120 24.96 -42.17 -10.54
CA GLY C 120 24.27 -42.58 -11.77
C GLY C 120 24.85 -43.74 -12.53
N LYS C 121 25.76 -44.51 -11.90
CA LYS C 121 26.40 -45.68 -12.49
C LYS C 121 26.18 -46.88 -11.60
N ASP C 122 26.01 -48.07 -12.21
CA ASP C 122 25.81 -49.34 -11.49
C ASP C 122 26.85 -49.51 -10.39
N TYR C 123 26.41 -49.96 -9.20
CA TYR C 123 27.32 -50.23 -8.10
C TYR C 123 27.24 -51.71 -7.77
N ILE C 124 26.12 -52.15 -7.17
CA ILE C 124 25.88 -53.55 -6.84
C ILE C 124 24.43 -53.90 -7.21
N ALA C 125 24.22 -55.14 -7.67
CA ALA C 125 22.90 -55.62 -8.06
C ALA C 125 22.72 -57.07 -7.69
N LEU C 126 21.50 -57.41 -7.26
CA LEU C 126 21.11 -58.79 -6.97
C LEU C 126 20.73 -59.43 -8.28
N ASN C 127 21.29 -60.61 -8.57
CA ASN C 127 21.02 -61.34 -9.80
C ASN C 127 19.59 -61.91 -9.81
N GLU C 128 19.07 -62.24 -11.01
CA GLU C 128 17.72 -62.78 -11.22
C GLU C 128 17.43 -64.01 -10.33
N ASP C 129 18.45 -64.83 -10.02
CA ASP C 129 18.34 -66.04 -9.19
C ASP C 129 18.09 -65.71 -7.70
N LEU C 130 18.32 -64.43 -7.30
CA LEU C 130 18.18 -63.88 -5.93
C LEU C 130 19.10 -64.64 -4.94
N ARG C 131 20.24 -65.15 -5.46
CA ARG C 131 21.22 -65.96 -4.73
C ARG C 131 22.63 -65.37 -4.77
N SER C 132 22.93 -64.58 -5.82
CA SER C 132 24.24 -63.99 -6.06
C SER C 132 24.18 -62.48 -6.36
N TRP C 133 25.33 -61.80 -6.28
CA TRP C 133 25.48 -60.36 -6.53
C TRP C 133 26.39 -60.07 -7.72
N THR C 134 26.14 -58.95 -8.40
CA THR C 134 26.96 -58.48 -9.52
C THR C 134 27.55 -57.13 -9.09
N ALA C 135 28.88 -57.11 -8.91
CA ALA C 135 29.66 -55.92 -8.54
C ALA C 135 30.16 -55.27 -9.82
N ALA C 136 29.86 -53.98 -10.01
CA ALA C 136 30.22 -53.23 -11.22
C ALA C 136 31.72 -52.92 -11.31
N ASP C 137 32.37 -52.57 -10.17
CA ASP C 137 33.78 -52.23 -10.13
C ASP C 137 34.47 -52.85 -8.90
N MET C 138 35.76 -52.51 -8.69
CA MET C 138 36.61 -52.99 -7.59
C MET C 138 36.09 -52.55 -6.22
N ALA C 139 35.54 -51.31 -6.12
CA ALA C 139 34.98 -50.77 -4.89
C ALA C 139 33.71 -51.52 -4.46
N ALA C 140 32.91 -51.96 -5.46
CA ALA C 140 31.66 -52.71 -5.26
C ALA C 140 31.93 -54.16 -4.82
N GLN C 141 33.14 -54.67 -5.12
CA GLN C 141 33.59 -56.03 -4.76
C GLN C 141 33.83 -56.12 -3.25
N ILE C 142 34.17 -54.98 -2.59
CA ILE C 142 34.38 -54.87 -1.14
C ILE C 142 33.02 -55.11 -0.45
N THR C 143 31.95 -54.47 -0.97
CA THR C 143 30.57 -54.61 -0.50
C THR C 143 30.08 -56.04 -0.74
N LYS C 144 30.34 -56.59 -1.95
CA LYS C 144 29.96 -57.94 -2.38
C LYS C 144 30.49 -59.00 -1.41
N ARG C 145 31.76 -58.88 -0.98
CA ARG C 145 32.42 -59.80 -0.05
C ARG C 145 31.81 -59.70 1.36
N LYS C 146 31.43 -58.47 1.77
CA LYS C 146 30.82 -58.18 3.07
C LYS C 146 29.39 -58.73 3.13
N TRP C 147 28.63 -58.57 2.03
CA TRP C 147 27.24 -59.02 1.90
C TRP C 147 27.15 -60.54 1.76
N GLU C 148 28.17 -61.19 1.16
CA GLU C 148 28.24 -62.65 1.04
C GLU C 148 28.52 -63.28 2.40
N ALA C 149 29.34 -62.60 3.23
CA ALA C 149 29.72 -63.03 4.57
C ALA C 149 28.52 -63.08 5.52
N VAL C 150 27.54 -62.17 5.32
CA VAL C 150 26.34 -62.10 6.17
C VAL C 150 25.11 -62.73 5.46
N HIS C 151 25.32 -63.37 4.28
CA HIS C 151 24.31 -64.02 3.44
C HIS C 151 23.11 -63.08 3.18
N ALA C 152 23.41 -61.85 2.71
CA ALA C 152 22.46 -60.78 2.43
C ALA C 152 21.47 -61.14 1.31
N ALA C 153 21.94 -61.90 0.29
CA ALA C 153 21.12 -62.34 -0.85
C ALA C 153 19.92 -63.16 -0.41
N GLU C 154 20.10 -64.02 0.62
CA GLU C 154 19.02 -64.85 1.16
C GLU C 154 17.97 -63.99 1.85
N GLN C 155 18.39 -62.97 2.62
CA GLN C 155 17.49 -62.05 3.34
C GLN C 155 16.69 -61.18 2.37
N ARG C 156 17.29 -60.85 1.20
CA ARG C 156 16.63 -60.10 0.14
C ARG C 156 15.55 -60.98 -0.50
N ARG C 157 15.87 -62.27 -0.78
CA ARG C 157 14.94 -63.26 -1.33
C ARG C 157 13.71 -63.45 -0.43
N VAL C 158 13.93 -63.52 0.91
CA VAL C 158 12.88 -63.68 1.92
C VAL C 158 11.86 -62.52 1.80
N TYR C 159 12.35 -61.27 1.67
CA TYR C 159 11.49 -60.09 1.51
C TYR C 159 10.73 -60.12 0.16
N LEU C 160 11.47 -60.31 -0.95
CA LEU C 160 10.94 -60.28 -2.32
C LEU C 160 9.87 -61.35 -2.58
N GLU C 161 10.10 -62.59 -2.09
CA GLU C 161 9.19 -63.71 -2.26
C GLU C 161 8.12 -63.76 -1.14
N GLY C 162 8.29 -62.95 -0.10
CA GLY C 162 7.40 -62.92 1.04
C GLY C 162 6.57 -61.66 1.17
N ARG C 163 6.97 -60.74 2.07
CA ARG C 163 6.28 -59.48 2.37
C ARG C 163 6.00 -58.60 1.14
N CYS C 164 6.95 -58.57 0.18
CA CYS C 164 6.83 -57.78 -1.05
C CYS C 164 5.64 -58.26 -1.90
N VAL C 165 5.53 -59.58 -2.19
CA VAL C 165 4.43 -60.14 -2.98
C VAL C 165 3.10 -60.09 -2.20
N ASP C 166 3.14 -60.33 -0.86
CA ASP C 166 1.94 -60.26 0.01
C ASP C 166 1.39 -58.84 0.02
N GLY C 167 2.27 -57.86 0.07
CA GLY C 167 1.95 -56.44 0.02
C GLY C 167 1.28 -56.08 -1.29
N LEU C 168 1.90 -56.49 -2.42
CA LEU C 168 1.40 -56.25 -3.78
C LEU C 168 0.01 -56.89 -3.98
N ARG C 169 -0.22 -58.10 -3.43
CA ARG C 169 -1.51 -58.82 -3.49
C ARG C 169 -2.61 -58.06 -2.76
N ARG C 170 -2.29 -57.50 -1.58
CA ARG C 170 -3.21 -56.74 -0.74
C ARG C 170 -3.57 -55.41 -1.40
N TYR C 171 -2.60 -54.78 -2.07
CA TYR C 171 -2.78 -53.49 -2.75
C TYR C 171 -3.66 -53.64 -4.00
N LEU C 172 -3.47 -54.74 -4.75
CA LEU C 172 -4.23 -55.06 -5.94
C LEU C 172 -5.70 -55.32 -5.61
N GLU C 173 -5.96 -56.02 -4.49
CA GLU C 173 -7.31 -56.32 -4.01
C GLU C 173 -7.99 -55.05 -3.48
N ASN C 174 -7.25 -54.20 -2.73
CA ASN C 174 -7.73 -52.94 -2.14
C ASN C 174 -8.09 -51.91 -3.21
N GLY C 175 -7.31 -51.86 -4.29
CA GLY C 175 -7.52 -50.90 -5.37
C GLY C 175 -7.88 -51.53 -6.70
N LYS C 176 -8.61 -52.67 -6.67
CA LYS C 176 -9.04 -53.50 -7.80
C LYS C 176 -9.72 -52.73 -8.94
N GLU C 177 -10.69 -51.85 -8.62
CA GLU C 177 -11.43 -51.07 -9.61
C GLU C 177 -10.66 -49.80 -10.06
N THR C 178 -9.34 -49.73 -9.76
CA THR C 178 -8.47 -48.61 -10.12
C THR C 178 -7.06 -49.10 -10.54
N LEU C 179 -6.76 -50.39 -10.31
CA LEU C 179 -5.45 -50.98 -10.62
C LEU C 179 -5.52 -51.99 -11.77
N GLN C 180 -6.60 -52.81 -11.83
CA GLN C 180 -6.82 -53.80 -12.88
C GLN C 180 -7.42 -53.13 -14.15
N ARG C 181 -7.38 -51.79 -14.20
CA ARG C 181 -7.89 -50.97 -15.30
C ARG C 181 -7.02 -51.04 -16.55
N THR C 182 -7.66 -50.88 -17.72
CA THR C 182 -7.02 -50.84 -19.04
C THR C 182 -7.65 -49.69 -19.82
N ASP C 183 -7.29 -48.44 -19.47
CA ASP C 183 -7.80 -47.22 -20.12
C ASP C 183 -7.26 -47.12 -21.55
N PRO C 184 -8.12 -47.29 -22.58
CA PRO C 184 -7.62 -47.22 -23.97
C PRO C 184 -7.28 -45.79 -24.38
N PRO C 185 -6.30 -45.58 -25.30
CA PRO C 185 -5.99 -44.21 -25.72
C PRO C 185 -7.08 -43.59 -26.60
N LYS C 186 -7.35 -42.30 -26.39
CA LYS C 186 -8.26 -41.51 -27.23
C LYS C 186 -7.37 -40.97 -28.35
N THR C 187 -7.63 -41.38 -29.59
CA THR C 187 -6.76 -41.06 -30.73
C THR C 187 -7.41 -40.06 -31.69
N HIS C 188 -6.56 -39.20 -32.29
CA HIS C 188 -6.92 -38.20 -33.30
C HIS C 188 -5.68 -37.81 -34.10
N MET C 189 -5.88 -37.30 -35.31
CA MET C 189 -4.80 -36.89 -36.20
C MET C 189 -4.95 -35.44 -36.64
N THR C 190 -3.82 -34.71 -36.68
CA THR C 190 -3.80 -33.31 -37.13
C THR C 190 -2.96 -33.22 -38.41
N HIS C 191 -3.29 -32.25 -39.26
CA HIS C 191 -2.61 -31.97 -40.52
C HIS C 191 -2.37 -30.48 -40.63
N HIS C 192 -1.11 -30.09 -40.81
CA HIS C 192 -0.73 -28.69 -40.93
C HIS C 192 0.33 -28.50 -42.00
N PRO C 193 0.03 -27.72 -43.06
CA PRO C 193 1.03 -27.49 -44.12
C PRO C 193 2.16 -26.59 -43.62
N ILE C 194 3.40 -26.98 -43.90
CA ILE C 194 4.59 -26.21 -43.50
C ILE C 194 5.06 -25.37 -44.71
N SER C 195 4.53 -25.72 -45.91
CA SER C 195 4.76 -25.07 -47.20
C SER C 195 3.67 -25.51 -48.19
N ASP C 196 3.81 -25.18 -49.49
CA ASP C 196 2.88 -25.57 -50.56
C ASP C 196 3.16 -27.00 -51.06
N HIS C 197 4.34 -27.55 -50.70
CA HIS C 197 4.79 -28.88 -51.13
C HIS C 197 4.83 -29.92 -50.01
N GLU C 198 4.84 -29.49 -48.72
CA GLU C 198 4.93 -30.40 -47.58
C GLU C 198 3.93 -30.08 -46.46
N ALA C 199 3.57 -31.10 -45.68
CA ALA C 199 2.65 -30.99 -44.54
C ALA C 199 3.02 -31.98 -43.43
N THR C 200 2.79 -31.58 -42.18
CA THR C 200 3.08 -32.44 -41.03
C THR C 200 1.80 -33.15 -40.58
N LEU C 201 1.88 -34.47 -40.46
CA LEU C 201 0.82 -35.32 -39.95
C LEU C 201 1.20 -35.75 -38.55
N ARG C 202 0.39 -35.41 -37.55
CA ARG C 202 0.65 -35.78 -36.16
C ARG C 202 -0.45 -36.67 -35.63
N CYS C 203 -0.09 -37.87 -35.17
CA CYS C 203 -1.05 -38.80 -34.59
C CYS C 203 -0.92 -38.80 -33.07
N TRP C 204 -2.04 -38.57 -32.39
CA TRP C 204 -2.11 -38.48 -30.93
C TRP C 204 -2.70 -39.70 -30.26
N ALA C 205 -2.28 -39.94 -29.02
CA ALA C 205 -2.77 -40.96 -28.11
C ALA C 205 -2.86 -40.33 -26.73
N LEU C 206 -4.08 -40.12 -26.22
CA LEU C 206 -4.29 -39.43 -24.93
C LEU C 206 -5.17 -40.23 -23.98
N GLY C 207 -5.04 -39.93 -22.68
CA GLY C 207 -5.82 -40.52 -21.60
C GLY C 207 -5.74 -42.02 -21.47
N PHE C 208 -4.55 -42.60 -21.75
CA PHE C 208 -4.37 -44.03 -21.66
C PHE C 208 -3.69 -44.47 -20.37
N TYR C 209 -3.93 -45.72 -19.97
CA TYR C 209 -3.34 -46.38 -18.81
C TYR C 209 -3.37 -47.91 -19.03
N PRO C 210 -2.26 -48.66 -18.85
CA PRO C 210 -0.91 -48.25 -18.40
C PRO C 210 -0.13 -47.43 -19.44
N ALA C 211 1.07 -46.95 -19.06
CA ALA C 211 1.95 -46.11 -19.88
C ALA C 211 2.45 -46.80 -21.16
N GLU C 212 2.61 -48.14 -21.14
CA GLU C 212 3.09 -48.93 -22.28
C GLU C 212 2.16 -48.74 -23.50
N ILE C 213 2.74 -48.29 -24.62
CA ILE C 213 2.06 -48.03 -25.89
C ILE C 213 3.08 -48.06 -27.04
N THR C 214 2.60 -48.29 -28.27
CA THR C 214 3.43 -48.27 -29.47
C THR C 214 2.72 -47.42 -30.53
N LEU C 215 3.40 -46.39 -31.03
CA LEU C 215 2.94 -45.49 -32.10
C LEU C 215 3.91 -45.62 -33.26
N THR C 216 3.43 -46.14 -34.41
CA THR C 216 4.30 -46.34 -35.58
C THR C 216 3.64 -45.79 -36.85
N TRP C 217 4.41 -45.00 -37.62
CA TRP C 217 3.98 -44.47 -38.91
C TRP C 217 4.43 -45.39 -40.01
N GLN C 218 3.58 -45.58 -41.02
CA GLN C 218 3.88 -46.42 -42.18
C GLN C 218 3.53 -45.71 -43.49
N ARG C 219 4.30 -45.98 -44.54
CA ARG C 219 4.07 -45.49 -45.90
C ARG C 219 3.97 -46.71 -46.79
N ASP C 220 2.79 -46.92 -47.42
CA ASP C 220 2.47 -48.09 -48.25
C ASP C 220 2.66 -49.39 -47.43
N GLY C 221 2.28 -49.35 -46.16
CA GLY C 221 2.40 -50.47 -45.23
C GLY C 221 3.80 -50.82 -44.81
N GLU C 222 4.77 -49.90 -44.99
CA GLU C 222 6.17 -50.10 -44.63
C GLU C 222 6.54 -49.14 -43.51
N ASP C 223 7.14 -49.66 -42.41
CA ASP C 223 7.55 -48.87 -41.23
C ASP C 223 8.39 -47.66 -41.64
N GLN C 224 8.00 -46.47 -41.15
CA GLN C 224 8.65 -45.21 -41.45
C GLN C 224 9.30 -44.63 -40.19
N THR C 225 10.64 -44.59 -40.18
CA THR C 225 11.49 -44.02 -39.12
C THR C 225 12.06 -42.70 -39.63
N GLN C 226 12.17 -42.57 -40.97
CA GLN C 226 12.64 -41.40 -41.73
C GLN C 226 11.57 -40.29 -41.76
N ASP C 227 11.99 -39.01 -41.61
CA ASP C 227 11.13 -37.80 -41.59
C ASP C 227 10.07 -37.86 -40.46
N THR C 228 10.34 -38.62 -39.39
CA THR C 228 9.42 -38.79 -38.26
C THR C 228 9.97 -38.22 -36.95
N GLU C 229 9.08 -37.99 -35.98
CA GLU C 229 9.39 -37.54 -34.63
C GLU C 229 8.47 -38.24 -33.64
N LEU C 230 9.05 -39.05 -32.75
CA LEU C 230 8.33 -39.77 -31.70
C LEU C 230 8.74 -39.18 -30.36
N VAL C 231 7.77 -38.59 -29.64
CA VAL C 231 8.06 -38.01 -28.32
C VAL C 231 7.95 -39.10 -27.26
N GLU C 232 8.67 -38.91 -26.15
CA GLU C 232 8.65 -39.81 -24.99
C GLU C 232 7.26 -39.78 -24.36
N THR C 233 6.77 -40.96 -23.90
CA THR C 233 5.46 -41.08 -23.22
C THR C 233 5.51 -40.17 -22.00
N ARG C 234 4.51 -39.29 -21.86
CA ARG C 234 4.49 -38.29 -20.80
C ARG C 234 3.26 -38.40 -19.90
N PRO C 235 3.37 -38.11 -18.59
CA PRO C 235 2.18 -38.16 -17.73
C PRO C 235 1.27 -36.94 -17.94
N ALA C 236 -0.04 -37.17 -17.97
CA ALA C 236 -1.01 -36.08 -18.11
C ALA C 236 -1.16 -35.31 -16.79
N GLY C 237 -0.90 -36.01 -15.67
CA GLY C 237 -0.99 -35.44 -14.33
C GLY C 237 -2.21 -35.89 -13.55
N ASP C 238 -3.08 -36.69 -14.20
CA ASP C 238 -4.31 -37.22 -13.60
C ASP C 238 -4.26 -38.76 -13.50
N GLY C 239 -3.06 -39.32 -13.62
CA GLY C 239 -2.82 -40.76 -13.56
C GLY C 239 -2.85 -41.45 -14.91
N THR C 240 -3.07 -40.65 -15.99
CA THR C 240 -3.12 -41.17 -17.36
C THR C 240 -1.89 -40.66 -18.13
N PHE C 241 -1.63 -41.23 -19.32
CA PHE C 241 -0.45 -40.87 -20.11
C PHE C 241 -0.79 -40.39 -21.53
N GLN C 242 0.19 -39.71 -22.14
CA GLN C 242 0.07 -39.13 -23.49
C GLN C 242 1.29 -39.48 -24.34
N LYS C 243 1.11 -39.50 -25.68
CA LYS C 243 2.17 -39.74 -26.65
C LYS C 243 1.72 -39.31 -28.03
N TRP C 244 2.66 -38.82 -28.86
CA TRP C 244 2.36 -38.47 -30.24
C TRP C 244 3.54 -38.82 -31.14
N ALA C 245 3.22 -39.07 -32.41
CA ALA C 245 4.16 -39.39 -33.49
C ALA C 245 3.81 -38.55 -34.69
N ALA C 246 4.79 -37.81 -35.22
CA ALA C 246 4.59 -36.94 -36.38
C ALA C 246 5.48 -37.31 -37.56
N VAL C 247 4.98 -37.06 -38.77
CA VAL C 247 5.72 -37.33 -40.01
C VAL C 247 5.45 -36.18 -41.00
N VAL C 248 6.52 -35.73 -41.70
CA VAL C 248 6.41 -34.68 -42.73
C VAL C 248 6.22 -35.42 -44.05
N VAL C 249 5.08 -35.15 -44.72
CA VAL C 249 4.72 -35.85 -45.95
C VAL C 249 4.59 -34.87 -47.14
N PRO C 250 4.83 -35.31 -48.40
CA PRO C 250 4.61 -34.40 -49.54
C PRO C 250 3.12 -34.15 -49.72
N SER C 251 2.74 -32.89 -50.01
CA SER C 251 1.34 -32.49 -50.20
C SER C 251 0.70 -33.29 -51.34
N GLY C 252 -0.47 -33.87 -51.04
CA GLY C 252 -1.23 -34.70 -51.97
C GLY C 252 -0.97 -36.19 -51.82
N GLU C 253 -0.08 -36.58 -50.89
CA GLU C 253 0.30 -37.97 -50.64
C GLU C 253 -0.04 -38.43 -49.21
N GLU C 254 -0.88 -37.67 -48.48
CA GLU C 254 -1.29 -37.93 -47.09
C GLU C 254 -1.91 -39.33 -46.90
N GLN C 255 -2.75 -39.79 -47.86
CA GLN C 255 -3.46 -41.08 -47.87
C GLN C 255 -2.51 -42.29 -47.96
N ARG C 256 -1.25 -42.04 -48.34
CA ARG C 256 -0.16 -43.02 -48.46
C ARG C 256 0.32 -43.49 -47.10
N TYR C 257 0.08 -42.67 -46.07
CA TYR C 257 0.58 -42.81 -44.71
C TYR C 257 -0.50 -43.27 -43.71
N THR C 258 -0.12 -44.20 -42.83
CA THR C 258 -0.98 -44.76 -41.77
C THR C 258 -0.25 -44.78 -40.44
N CYS C 259 -0.99 -44.52 -39.35
CA CYS C 259 -0.44 -44.60 -38.00
C CYS C 259 -1.06 -45.78 -37.26
N HIS C 260 -0.20 -46.63 -36.68
CA HIS C 260 -0.63 -47.84 -35.98
C HIS C 260 -0.45 -47.67 -34.48
N VAL C 261 -1.56 -47.79 -33.74
CA VAL C 261 -1.60 -47.62 -32.28
C VAL C 261 -1.81 -48.97 -31.62
N GLN C 262 -0.88 -49.38 -30.76
CA GLN C 262 -0.92 -50.64 -30.03
C GLN C 262 -0.95 -50.37 -28.53
N HIS C 263 -2.01 -50.85 -27.86
CA HIS C 263 -2.26 -50.71 -26.42
C HIS C 263 -3.02 -51.92 -25.88
N GLU C 264 -2.82 -52.29 -24.60
CA GLU C 264 -3.53 -53.43 -23.99
C GLU C 264 -5.03 -53.12 -23.75
N GLY C 265 -5.36 -51.83 -23.63
CA GLY C 265 -6.73 -51.37 -23.46
C GLY C 265 -7.55 -51.52 -24.73
N LEU C 266 -6.88 -51.53 -25.89
CA LEU C 266 -7.48 -51.68 -27.21
C LEU C 266 -7.88 -53.14 -27.49
N PRO C 267 -9.12 -53.40 -27.97
CA PRO C 267 -9.50 -54.79 -28.31
C PRO C 267 -8.75 -55.33 -29.54
N LYS C 268 -8.37 -54.41 -30.45
N LYS C 268 -8.37 -54.41 -30.44
CA LYS C 268 -7.60 -54.66 -31.68
CA LYS C 268 -7.66 -54.62 -31.71
C LYS C 268 -6.78 -53.40 -31.99
C LYS C 268 -6.78 -53.38 -32.01
N PRO C 269 -5.53 -53.52 -32.52
CA PRO C 269 -4.72 -52.31 -32.80
C PRO C 269 -5.36 -51.39 -33.85
N LEU C 270 -5.30 -50.07 -33.59
CA LEU C 270 -5.87 -49.04 -34.47
C LEU C 270 -4.99 -48.74 -35.68
N THR C 271 -5.62 -48.43 -36.81
CA THR C 271 -4.96 -48.04 -38.05
C THR C 271 -5.62 -46.72 -38.47
N LEU C 272 -4.86 -45.62 -38.36
CA LEU C 272 -5.35 -44.28 -38.67
C LEU C 272 -4.76 -43.73 -39.96
N ARG C 273 -5.61 -43.15 -40.79
CA ARG C 273 -5.25 -42.54 -42.07
C ARG C 273 -5.96 -41.20 -42.22
N TRP C 274 -5.24 -40.15 -42.65
CA TRP C 274 -5.81 -38.82 -42.87
C TRP C 274 -6.76 -38.84 -44.06
N GLU C 275 -8.00 -38.36 -43.86
CA GLU C 275 -9.02 -38.32 -44.93
C GLU C 275 -9.36 -36.89 -45.32
N MET D 1 32.74 -37.97 -13.35
CA MET D 1 31.33 -38.28 -13.10
C MET D 1 30.50 -38.13 -14.37
N ILE D 2 29.59 -39.08 -14.61
CA ILE D 2 28.71 -39.09 -15.79
C ILE D 2 27.60 -38.03 -15.63
N GLN D 3 27.31 -37.30 -16.72
CA GLN D 3 26.25 -36.28 -16.72
C GLN D 3 25.32 -36.50 -17.89
N ARG D 4 24.01 -36.38 -17.65
CA ARG D 4 22.97 -36.55 -18.65
C ARG D 4 22.13 -35.28 -18.76
N THR D 5 21.92 -34.80 -19.99
CA THR D 5 21.17 -33.58 -20.25
C THR D 5 19.65 -33.87 -20.25
N PRO D 6 18.82 -33.00 -19.63
CA PRO D 6 17.37 -33.29 -19.59
C PRO D 6 16.66 -33.10 -20.94
N LYS D 7 15.65 -33.96 -21.14
CA LYS D 7 14.69 -33.90 -22.24
C LYS D 7 13.56 -33.05 -21.72
N ILE D 8 13.01 -32.13 -22.52
CA ILE D 8 11.95 -31.24 -22.03
C ILE D 8 10.70 -31.31 -22.92
N GLN D 9 9.53 -31.42 -22.27
CA GLN D 9 8.21 -31.44 -22.92
C GLN D 9 7.28 -30.51 -22.17
N VAL D 10 6.68 -29.54 -22.89
CA VAL D 10 5.71 -28.56 -22.36
C VAL D 10 4.38 -28.84 -23.05
N TYR D 11 3.32 -29.09 -22.26
CA TYR D 11 2.00 -29.49 -22.75
C TYR D 11 0.89 -29.26 -21.71
N SER D 12 -0.36 -29.49 -22.11
CA SER D 12 -1.54 -29.35 -21.25
C SER D 12 -2.10 -30.73 -20.87
N ARG D 13 -2.79 -30.82 -19.71
CA ARG D 13 -3.38 -32.07 -19.20
C ARG D 13 -4.47 -32.57 -20.15
N HIS D 14 -5.38 -31.68 -20.59
CA HIS D 14 -6.45 -32.00 -21.52
C HIS D 14 -6.30 -31.13 -22.80
N PRO D 15 -6.89 -31.52 -23.97
CA PRO D 15 -6.76 -30.67 -25.17
C PRO D 15 -7.22 -29.24 -24.89
N ALA D 16 -6.38 -28.27 -25.24
CA ALA D 16 -6.60 -26.85 -24.99
C ALA D 16 -7.84 -26.29 -25.70
N GLU D 17 -8.67 -25.56 -24.95
CA GLU D 17 -9.87 -24.85 -25.39
C GLU D 17 -9.82 -23.45 -24.80
N ASN D 18 -9.85 -22.41 -25.65
CA ASN D 18 -9.74 -21.01 -25.24
C ASN D 18 -10.84 -20.61 -24.23
N GLY D 19 -10.39 -20.11 -23.08
CA GLY D 19 -11.25 -19.67 -21.99
C GLY D 19 -11.65 -20.76 -21.01
N LYS D 20 -11.19 -22.01 -21.24
CA LYS D 20 -11.49 -23.16 -20.38
C LYS D 20 -10.29 -23.49 -19.50
N SER D 21 -10.53 -23.67 -18.19
CA SER D 21 -9.51 -23.99 -17.20
C SER D 21 -8.85 -25.33 -17.52
N ASN D 22 -7.52 -25.38 -17.40
CA ASN D 22 -6.70 -26.54 -17.71
C ASN D 22 -5.46 -26.57 -16.80
N PHE D 23 -4.53 -27.50 -17.06
CA PHE D 23 -3.27 -27.62 -16.34
C PHE D 23 -2.12 -27.55 -17.31
N LEU D 24 -1.13 -26.70 -17.01
CA LEU D 24 0.07 -26.56 -17.83
C LEU D 24 1.16 -27.42 -17.21
N ASN D 25 1.68 -28.38 -18.00
CA ASN D 25 2.71 -29.33 -17.57
C ASN D 25 4.05 -29.12 -18.24
N CYS D 26 5.12 -29.41 -17.48
CA CYS D 26 6.48 -29.47 -17.97
C CYS D 26 7.14 -30.72 -17.43
N TYR D 27 7.40 -31.67 -18.32
CA TYR D 27 8.02 -32.94 -17.99
C TYR D 27 9.50 -32.90 -18.36
N VAL D 28 10.36 -33.05 -17.34
CA VAL D 28 11.82 -33.09 -17.49
C VAL D 28 12.27 -34.52 -17.18
N SER D 29 13.03 -35.13 -18.12
CA SER D 29 13.47 -36.54 -18.01
C SER D 29 14.87 -36.80 -18.60
N GLY D 30 15.41 -37.97 -18.29
CA GLY D 30 16.71 -38.41 -18.79
C GLY D 30 17.90 -37.60 -18.32
N PHE D 31 17.80 -36.96 -17.11
CA PHE D 31 18.87 -36.11 -16.59
C PHE D 31 19.55 -36.69 -15.34
N HIS D 32 20.83 -36.29 -15.16
CA HIS D 32 21.71 -36.65 -14.05
C HIS D 32 22.83 -35.60 -13.93
N PRO D 33 23.11 -34.99 -12.75
CA PRO D 33 22.51 -35.22 -11.42
C PRO D 33 21.06 -34.69 -11.28
N SER D 34 20.45 -34.95 -10.09
CA SER D 34 19.05 -34.62 -9.76
C SER D 34 18.74 -33.13 -9.68
N ASP D 35 19.74 -32.29 -9.34
CA ASP D 35 19.54 -30.84 -9.21
C ASP D 35 19.14 -30.20 -10.54
N ILE D 36 17.99 -29.51 -10.54
CA ILE D 36 17.43 -28.79 -11.69
C ILE D 36 16.57 -27.62 -11.28
N GLU D 37 16.52 -26.60 -12.15
CA GLU D 37 15.69 -25.42 -12.00
C GLU D 37 14.73 -25.40 -13.18
N VAL D 38 13.43 -25.47 -12.89
CA VAL D 38 12.42 -25.41 -13.94
C VAL D 38 11.33 -24.44 -13.50
N ASP D 39 11.01 -23.51 -14.41
CA ASP D 39 9.99 -22.50 -14.22
C ASP D 39 8.96 -22.58 -15.33
N LEU D 40 7.71 -22.30 -14.99
CA LEU D 40 6.63 -22.22 -15.95
C LEU D 40 6.36 -20.75 -16.14
N LEU D 41 6.33 -20.28 -17.40
CA LEU D 41 6.19 -18.87 -17.69
C LEU D 41 4.89 -18.52 -18.41
N LYS D 42 4.40 -17.29 -18.16
CA LYS D 42 3.23 -16.70 -18.80
C LYS D 42 3.67 -15.34 -19.37
N ASN D 43 3.85 -15.30 -20.71
CA ASN D 43 4.29 -14.12 -21.48
C ASN D 43 5.68 -13.62 -20.98
N GLY D 44 6.58 -14.57 -20.71
CA GLY D 44 7.94 -14.31 -20.25
C GLY D 44 8.12 -14.17 -18.74
N GLU D 45 7.01 -14.03 -18.00
CA GLU D 45 7.01 -13.89 -16.53
C GLU D 45 6.76 -15.23 -15.84
N ARG D 46 7.54 -15.51 -14.77
CA ARG D 46 7.46 -16.74 -13.97
C ARG D 46 6.14 -16.82 -13.19
N ILE D 47 5.39 -17.93 -13.34
CA ILE D 47 4.17 -18.14 -12.55
C ILE D 47 4.65 -18.76 -11.22
N GLU D 48 4.30 -18.10 -10.11
CA GLU D 48 4.74 -18.39 -8.74
C GLU D 48 4.33 -19.78 -8.20
N LYS D 49 3.03 -20.02 -7.99
CA LYS D 49 2.56 -21.28 -7.42
C LYS D 49 2.52 -22.37 -8.49
N VAL D 50 3.65 -23.09 -8.59
CA VAL D 50 3.90 -24.21 -9.48
C VAL D 50 4.29 -25.41 -8.60
N GLU D 51 3.52 -26.50 -8.72
CA GLU D 51 3.72 -27.73 -7.96
C GLU D 51 4.47 -28.77 -8.79
N HIS D 52 5.23 -29.65 -8.14
CA HIS D 52 5.98 -30.68 -8.85
C HIS D 52 5.80 -32.07 -8.21
N SER D 53 6.12 -33.13 -8.97
CA SER D 53 6.07 -34.52 -8.53
C SER D 53 7.25 -34.85 -7.63
N ASP D 54 7.19 -36.00 -6.94
CA ASP D 54 8.27 -36.48 -6.08
C ASP D 54 9.34 -37.09 -6.97
N LEU D 55 10.62 -36.76 -6.71
CA LEU D 55 11.78 -37.22 -7.50
C LEU D 55 11.86 -38.75 -7.61
N SER D 56 11.87 -39.23 -8.87
CA SER D 56 11.94 -40.63 -9.23
C SER D 56 12.91 -40.80 -10.41
N PHE D 57 13.21 -42.06 -10.78
CA PHE D 57 14.15 -42.33 -11.87
C PHE D 57 13.78 -43.58 -12.69
N SER D 58 14.33 -43.66 -13.92
CA SER D 58 14.13 -44.74 -14.88
C SER D 58 15.13 -45.89 -14.63
N LYS D 59 15.07 -46.98 -15.42
CA LYS D 59 15.96 -48.13 -15.29
C LYS D 59 17.44 -47.78 -15.57
N ASP D 60 17.69 -46.76 -16.41
CA ASP D 60 19.04 -46.31 -16.75
C ASP D 60 19.62 -45.36 -15.66
N TRP D 61 18.85 -45.14 -14.55
CA TRP D 61 19.15 -44.31 -13.36
C TRP D 61 18.91 -42.81 -13.60
N SER D 62 18.50 -42.40 -14.81
CA SER D 62 18.23 -40.99 -15.12
C SER D 62 16.93 -40.54 -14.46
N PHE D 63 16.93 -39.32 -13.89
CA PHE D 63 15.81 -38.75 -13.16
C PHE D 63 14.72 -38.16 -14.05
N TYR D 64 13.50 -38.08 -13.50
CA TYR D 64 12.37 -37.46 -14.18
C TYR D 64 11.49 -36.73 -13.15
N LEU D 65 10.92 -35.60 -13.57
CA LEU D 65 10.05 -34.75 -12.76
C LEU D 65 8.95 -34.11 -13.59
N LEU D 66 7.75 -33.97 -13.01
CA LEU D 66 6.61 -33.31 -13.64
C LEU D 66 6.28 -32.07 -12.85
N TYR D 67 6.36 -30.91 -13.50
CA TYR D 67 6.03 -29.59 -12.95
C TYR D 67 4.69 -29.19 -13.53
N TYR D 68 3.75 -28.75 -12.69
CA TYR D 68 2.40 -28.44 -13.15
C TYR D 68 1.75 -27.29 -12.39
N THR D 69 0.85 -26.57 -13.08
CA THR D 69 0.08 -25.45 -12.54
C THR D 69 -1.23 -25.27 -13.32
N GLU D 70 -2.24 -24.69 -12.65
CA GLU D 70 -3.54 -24.37 -13.25
C GLU D 70 -3.34 -23.22 -14.24
N PHE D 71 -3.98 -23.30 -15.42
CA PHE D 71 -3.86 -22.23 -16.43
C PHE D 71 -5.12 -22.22 -17.30
N THR D 72 -5.46 -21.03 -17.82
CA THR D 72 -6.62 -20.84 -18.68
C THR D 72 -6.08 -20.34 -20.03
N PRO D 73 -5.92 -21.25 -21.04
CA PRO D 73 -5.38 -20.82 -22.33
C PRO D 73 -6.30 -19.86 -23.09
N THR D 74 -5.67 -18.93 -23.82
CA THR D 74 -6.29 -17.90 -24.67
C THR D 74 -5.57 -17.92 -26.02
N GLU D 75 -6.14 -17.27 -27.06
CA GLU D 75 -5.54 -17.21 -28.39
C GLU D 75 -4.25 -16.35 -28.38
N LYS D 76 -4.27 -15.25 -27.62
CA LYS D 76 -3.17 -14.28 -27.52
C LYS D 76 -2.13 -14.61 -26.44
N ASP D 77 -2.53 -15.22 -25.31
CA ASP D 77 -1.63 -15.54 -24.19
C ASP D 77 -0.59 -16.59 -24.57
N GLU D 78 0.68 -16.29 -24.28
CA GLU D 78 1.84 -17.14 -24.55
C GLU D 78 2.30 -17.87 -23.29
N TYR D 79 2.72 -19.14 -23.42
CA TYR D 79 3.18 -19.96 -22.30
C TYR D 79 4.44 -20.70 -22.66
N ALA D 80 5.34 -20.88 -21.69
CA ALA D 80 6.62 -21.56 -21.91
C ALA D 80 7.16 -22.19 -20.65
N CYS D 81 8.30 -22.89 -20.79
CA CYS D 81 9.01 -23.49 -19.68
C CYS D 81 10.49 -23.19 -19.81
N ARG D 82 11.09 -22.75 -18.71
CA ARG D 82 12.51 -22.42 -18.65
C ARG D 82 13.19 -23.47 -17.78
N VAL D 83 14.17 -24.19 -18.36
CA VAL D 83 14.88 -25.26 -17.67
C VAL D 83 16.39 -24.96 -17.61
N ASN D 84 16.98 -25.14 -16.43
CA ASN D 84 18.41 -24.99 -16.24
C ASN D 84 18.96 -26.22 -15.51
N HIS D 85 20.10 -26.73 -16.00
CA HIS D 85 20.82 -27.89 -15.50
C HIS D 85 22.32 -27.64 -15.68
N VAL D 86 23.17 -28.34 -14.91
CA VAL D 86 24.64 -28.22 -14.97
C VAL D 86 25.17 -28.54 -16.41
N THR D 87 24.45 -29.38 -17.18
CA THR D 87 24.78 -29.76 -18.55
C THR D 87 24.47 -28.62 -19.53
N LEU D 88 23.61 -27.68 -19.15
CA LEU D 88 23.20 -26.55 -19.98
C LEU D 88 24.04 -25.31 -19.71
N SER D 89 24.64 -24.77 -20.79
CA SER D 89 25.45 -23.53 -20.78
C SER D 89 24.57 -22.32 -20.48
N GLN D 90 23.32 -22.36 -21.00
CA GLN D 90 22.30 -21.32 -20.85
C GLN D 90 20.94 -21.96 -20.56
N PRO D 91 20.03 -21.28 -19.80
CA PRO D 91 18.70 -21.88 -19.58
C PRO D 91 17.94 -22.08 -20.89
N LYS D 92 17.33 -23.26 -21.06
CA LYS D 92 16.60 -23.57 -22.27
C LYS D 92 15.11 -23.23 -22.08
N ILE D 93 14.56 -22.48 -23.04
CA ILE D 93 13.15 -22.07 -23.03
C ILE D 93 12.43 -22.81 -24.15
N VAL D 94 11.38 -23.57 -23.79
CA VAL D 94 10.55 -24.32 -24.73
C VAL D 94 9.15 -23.70 -24.65
N LYS D 95 8.65 -23.16 -25.78
CA LYS D 95 7.34 -22.52 -25.85
C LYS D 95 6.23 -23.56 -25.94
N TRP D 96 5.08 -23.29 -25.30
CA TRP D 96 3.94 -24.20 -25.32
C TRP D 96 3.16 -24.05 -26.63
N ASP D 97 2.90 -25.20 -27.26
CA ASP D 97 2.15 -25.36 -28.50
C ASP D 97 1.01 -26.33 -28.20
N ARG D 98 -0.24 -25.93 -28.51
CA ARG D 98 -1.41 -26.76 -28.24
C ARG D 98 -1.59 -27.87 -29.29
N ASP D 99 -1.31 -27.56 -30.58
CA ASP D 99 -1.44 -28.45 -31.75
C ASP D 99 -0.40 -29.55 -31.75
N MET D 100 0.71 -29.30 -31.06
CA MET D 100 1.88 -30.15 -30.91
C MET D 100 2.07 -30.56 -29.44
N GLY E 1 1.64 35.24 -13.66
CA GLY E 1 2.28 36.37 -13.00
C GLY E 1 2.60 36.12 -11.55
N SER E 2 1.55 35.91 -10.73
CA SER E 2 1.66 35.64 -9.29
C SER E 2 2.20 34.24 -9.02
N HIS E 3 2.95 34.08 -7.92
CA HIS E 3 3.52 32.78 -7.54
C HIS E 3 3.27 32.46 -6.06
N SER E 4 3.28 31.16 -5.71
CA SER E 4 3.05 30.70 -4.35
C SER E 4 4.05 29.62 -3.92
N MET E 5 4.32 29.58 -2.61
CA MET E 5 5.16 28.58 -1.97
C MET E 5 4.33 27.96 -0.87
N ARG E 6 4.22 26.63 -0.85
CA ARG E 6 3.42 25.94 0.17
C ARG E 6 4.14 24.73 0.71
N TYR E 7 4.06 24.56 2.03
CA TYR E 7 4.60 23.41 2.75
C TYR E 7 3.43 22.66 3.39
N PHE E 8 3.35 21.34 3.14
CA PHE E 8 2.29 20.48 3.68
C PHE E 8 2.90 19.43 4.58
N PHE E 9 2.50 19.41 5.86
CA PHE E 9 3.03 18.47 6.86
C PHE E 9 1.95 17.56 7.39
N THR E 10 2.24 16.26 7.49
CA THR E 10 1.31 15.27 8.02
C THR E 10 2.01 14.44 9.09
N SER E 11 1.40 14.37 10.29
CA SER E 11 1.88 13.57 11.41
C SER E 11 0.76 12.63 11.84
N VAL E 12 1.01 11.32 11.76
CA VAL E 12 0.01 10.30 12.08
C VAL E 12 0.52 9.41 13.20
N SER E 13 -0.21 9.36 14.33
CA SER E 13 0.13 8.52 15.47
C SER E 13 -0.16 7.06 15.16
N ARG E 14 0.78 6.19 15.52
CA ARG E 14 0.67 4.75 15.29
C ARG E 14 0.60 4.03 16.65
N PRO E 15 -0.63 3.81 17.21
CA PRO E 15 -0.73 3.10 18.49
C PRO E 15 -0.34 1.61 18.41
N GLY E 16 -0.03 1.15 17.20
CA GLY E 16 0.39 -0.20 16.88
C GLY E 16 1.63 -0.65 17.61
N ARG E 17 2.83 -0.17 17.18
CA ARG E 17 4.09 -0.56 17.81
C ARG E 17 5.25 0.49 17.63
N GLY E 18 4.98 1.62 16.97
CA GLY E 18 6.00 2.63 16.74
C GLY E 18 5.62 4.09 16.96
N GLU E 19 6.61 4.99 16.86
CA GLU E 19 6.46 6.45 17.02
C GLU E 19 5.69 7.07 15.83
N PRO E 20 5.11 8.29 15.94
CA PRO E 20 4.32 8.83 14.80
C PRO E 20 5.07 9.09 13.50
N ARG E 21 4.38 8.82 12.38
CA ARG E 21 4.89 8.97 11.02
C ARG E 21 4.80 10.44 10.61
N PHE E 22 5.93 11.06 10.26
CA PHE E 22 5.96 12.46 9.84
C PHE E 22 6.40 12.58 8.39
N ILE E 23 5.55 13.20 7.56
CA ILE E 23 5.79 13.43 6.15
C ILE E 23 5.66 14.92 5.88
N ALA E 24 6.63 15.50 5.19
CA ALA E 24 6.64 16.91 4.81
C ALA E 24 6.87 17.02 3.31
N VAL E 25 6.15 17.95 2.66
CA VAL E 25 6.28 18.20 1.22
C VAL E 25 6.28 19.72 0.97
N GLY E 26 7.14 20.15 0.06
CA GLY E 26 7.27 21.54 -0.33
C GLY E 26 6.93 21.75 -1.79
N TYR E 27 6.13 22.79 -2.08
CA TYR E 27 5.70 23.12 -3.43
C TYR E 27 5.95 24.58 -3.78
N VAL E 28 6.33 24.84 -5.02
CA VAL E 28 6.44 26.15 -5.65
C VAL E 28 5.42 26.06 -6.76
N ASP E 29 4.26 26.72 -6.57
CA ASP E 29 3.08 26.66 -7.43
C ASP E 29 2.60 25.18 -7.42
N ASP E 30 2.57 24.49 -8.59
CA ASP E 30 2.17 23.09 -8.63
C ASP E 30 3.36 22.12 -8.77
N THR E 31 4.60 22.61 -8.53
CA THR E 31 5.79 21.79 -8.63
C THR E 31 6.41 21.52 -7.27
N GLN E 32 6.53 20.22 -6.92
N GLN E 32 6.55 20.22 -6.93
CA GLN E 32 7.15 19.78 -5.67
CA GLN E 32 7.16 19.75 -5.69
C GLN E 32 8.68 19.92 -5.78
C GLN E 32 8.70 19.92 -5.79
N PHE E 33 9.33 20.42 -4.72
CA PHE E 33 10.79 20.62 -4.74
C PHE E 33 11.52 19.96 -3.57
N VAL E 34 10.84 19.75 -2.42
CA VAL E 34 11.46 19.10 -1.26
C VAL E 34 10.54 18.05 -0.63
N ARG E 35 11.13 17.13 0.16
CA ARG E 35 10.42 16.10 0.89
C ARG E 35 11.25 15.62 2.11
N PHE E 36 10.55 15.26 3.18
CA PHE E 36 11.14 14.70 4.40
C PHE E 36 10.26 13.53 4.82
N ASP E 37 10.87 12.37 5.03
CA ASP E 37 10.15 11.17 5.40
C ASP E 37 10.76 10.54 6.66
N SER E 38 9.90 10.25 7.66
CA SER E 38 10.29 9.66 8.93
C SER E 38 10.63 8.17 8.81
N ASP E 39 10.12 7.50 7.76
CA ASP E 39 10.34 6.08 7.53
C ASP E 39 11.53 5.79 6.59
N ALA E 40 11.94 6.78 5.79
CA ALA E 40 13.07 6.64 4.85
C ALA E 40 14.40 6.59 5.62
N ALA E 41 15.39 5.84 5.05
CA ALA E 41 16.72 5.63 5.63
C ALA E 41 17.58 6.91 5.69
N SER E 42 17.35 7.86 4.78
CA SER E 42 18.09 9.12 4.66
C SER E 42 18.07 9.98 5.94
N GLN E 43 16.86 10.20 6.53
CA GLN E 43 16.61 11.02 7.74
C GLN E 43 17.06 12.49 7.53
N LYS E 44 16.92 12.97 6.28
CA LYS E 44 17.27 14.32 5.84
C LYS E 44 16.23 14.89 4.85
N MET E 45 16.19 16.23 4.70
CA MET E 45 15.35 16.91 3.71
C MET E 45 15.97 16.60 2.35
N GLU E 46 15.19 15.97 1.45
CA GLU E 46 15.66 15.50 0.15
C GLU E 46 15.15 16.36 -1.02
N PRO E 47 15.99 16.59 -2.07
CA PRO E 47 15.51 17.36 -3.24
C PRO E 47 14.54 16.56 -4.11
N ARG E 48 13.59 17.25 -4.75
CA ARG E 48 12.58 16.66 -5.62
C ARG E 48 12.49 17.40 -6.96
N ALA E 49 13.20 18.55 -7.08
CA ALA E 49 13.28 19.37 -8.28
C ALA E 49 14.76 19.58 -8.67
N PRO E 50 15.10 19.71 -9.99
CA PRO E 50 16.51 19.88 -10.36
C PRO E 50 17.13 21.22 -9.92
N TRP E 51 16.34 22.30 -9.92
CA TRP E 51 16.81 23.66 -9.57
C TRP E 51 17.11 23.84 -8.07
N ILE E 52 16.64 22.95 -7.18
CA ILE E 52 16.91 23.05 -5.74
C ILE E 52 18.21 22.29 -5.39
N GLU E 53 18.68 21.40 -6.30
CA GLU E 53 19.91 20.61 -6.10
C GLU E 53 21.17 21.49 -6.07
N GLN E 54 21.10 22.72 -6.62
CA GLN E 54 22.23 23.67 -6.65
C GLN E 54 22.46 24.33 -5.27
N GLU E 55 21.49 24.18 -4.33
CA GLU E 55 21.57 24.73 -2.97
C GLU E 55 22.72 24.08 -2.20
N GLY E 56 23.42 24.89 -1.41
CA GLY E 56 24.57 24.47 -0.61
C GLY E 56 24.29 23.44 0.47
N PRO E 57 25.36 22.79 1.02
CA PRO E 57 25.15 21.78 2.08
C PRO E 57 24.59 22.36 3.37
N GLU E 58 24.87 23.65 3.66
CA GLU E 58 24.40 24.38 4.85
C GLU E 58 22.88 24.61 4.82
N TYR E 59 22.27 24.67 3.62
CA TYR E 59 20.82 24.80 3.41
C TYR E 59 20.14 23.47 3.79
N TRP E 60 20.67 22.35 3.27
CA TRP E 60 20.15 21.00 3.52
C TRP E 60 20.31 20.60 5.00
N ASP E 61 21.41 21.03 5.69
CA ASP E 61 21.56 20.69 7.11
C ASP E 61 20.61 21.55 7.97
N GLN E 62 20.29 22.79 7.53
CA GLN E 62 19.34 23.69 8.20
C GLN E 62 17.91 23.14 8.05
N GLU E 63 17.53 22.73 6.81
CA GLU E 63 16.21 22.19 6.50
C GLU E 63 15.95 20.88 7.25
N THR E 64 16.97 20.04 7.42
CA THR E 64 16.88 18.76 8.15
C THR E 64 16.65 19.02 9.65
N ARG E 65 17.31 20.05 10.20
CA ARG E 65 17.19 20.48 11.60
C ARG E 65 15.77 20.98 11.88
N ASN E 66 15.20 21.76 10.92
CA ASN E 66 13.84 22.30 10.99
C ASN E 66 12.80 21.17 10.97
N MET E 67 13.05 20.13 10.13
CA MET E 67 12.15 18.98 9.95
C MET E 67 12.15 18.02 11.13
N LYS E 68 13.27 17.96 11.86
CA LYS E 68 13.38 17.15 13.05
C LYS E 68 12.64 17.87 14.20
N ALA E 69 12.75 19.21 14.25
CA ALA E 69 12.07 20.07 15.24
C ALA E 69 10.55 20.06 15.01
N HIS E 70 10.13 20.04 13.73
CA HIS E 70 8.72 19.97 13.30
C HIS E 70 8.08 18.65 13.75
N SER E 71 8.79 17.52 13.48
CA SER E 71 8.38 16.16 13.82
C SER E 71 8.23 15.96 15.32
N GLN E 72 9.19 16.47 16.11
CA GLN E 72 9.22 16.37 17.58
C GLN E 72 8.06 17.16 18.22
N THR E 73 7.77 18.37 17.70
CA THR E 73 6.68 19.22 18.18
C THR E 73 5.32 18.56 17.84
N ASP E 74 5.20 17.97 16.62
CA ASP E 74 3.99 17.27 16.16
C ASP E 74 3.75 16.02 17.03
N ARG E 75 4.83 15.34 17.46
CA ARG E 75 4.79 14.17 18.33
C ARG E 75 4.19 14.55 19.69
N ALA E 76 4.64 15.68 20.27
CA ALA E 76 4.17 16.21 21.55
C ALA E 76 2.75 16.76 21.43
N ASN E 77 2.41 17.40 20.28
CA ASN E 77 1.10 17.99 20.04
C ASN E 77 0.01 16.94 19.86
N LEU E 78 0.35 15.74 19.33
CA LEU E 78 -0.60 14.63 19.18
C LEU E 78 -1.09 14.17 20.56
N GLY E 79 -0.16 14.11 21.51
CA GLY E 79 -0.44 13.75 22.91
C GLY E 79 -1.23 14.83 23.62
N THR E 80 -0.92 16.11 23.33
CA THR E 80 -1.59 17.28 23.92
C THR E 80 -3.07 17.33 23.45
N LEU E 81 -3.34 17.09 22.15
CA LEU E 81 -4.70 17.13 21.60
C LEU E 81 -5.54 15.93 22.04
N ARG E 82 -4.93 14.74 22.32
CA ARG E 82 -5.73 13.59 22.77
C ARG E 82 -6.26 13.85 24.19
N GLY E 83 -5.56 14.68 24.97
CA GLY E 83 -5.99 15.11 26.30
C GLY E 83 -7.07 16.17 26.21
N TYR E 84 -6.95 17.10 25.23
CA TYR E 84 -7.90 18.20 24.96
C TYR E 84 -9.29 17.69 24.58
N TYR E 85 -9.34 16.68 23.69
CA TYR E 85 -10.58 16.08 23.20
C TYR E 85 -10.98 14.85 24.03
N ASN E 86 -10.19 14.53 25.08
CA ASN E 86 -10.36 13.41 26.03
C ASN E 86 -10.53 12.07 25.27
N GLN E 87 -9.50 11.72 24.48
CA GLN E 87 -9.45 10.52 23.65
C GLN E 87 -8.49 9.48 24.22
N SER E 88 -8.74 8.20 23.89
CA SER E 88 -7.95 7.05 24.33
C SER E 88 -6.63 6.93 23.56
N GLU E 89 -5.65 6.21 24.14
CA GLU E 89 -4.32 5.99 23.58
C GLU E 89 -4.27 4.89 22.46
N ASP E 90 -5.34 4.07 22.32
CA ASP E 90 -5.38 2.98 21.32
C ASP E 90 -5.84 3.45 19.92
N GLY E 91 -6.19 4.73 19.77
CA GLY E 91 -6.66 5.28 18.51
C GLY E 91 -5.61 6.07 17.76
N SER E 92 -5.64 5.98 16.41
CA SER E 92 -4.72 6.71 15.54
C SER E 92 -5.30 8.08 15.19
N HIS E 93 -4.49 9.14 15.35
CA HIS E 93 -4.91 10.52 15.09
C HIS E 93 -3.92 11.24 14.19
N THR E 94 -4.41 12.27 13.45
CA THR E 94 -3.58 13.01 12.49
C THR E 94 -3.59 14.53 12.72
N ILE E 95 -2.40 15.15 12.64
CA ILE E 95 -2.21 16.59 12.65
C ILE E 95 -1.72 16.98 11.26
N GLN E 96 -2.39 17.94 10.63
CA GLN E 96 -1.99 18.47 9.32
C GLN E 96 -1.73 19.95 9.43
N ILE E 97 -0.64 20.42 8.80
CA ILE E 97 -0.24 21.82 8.81
C ILE E 97 0.06 22.26 7.38
N MET E 98 -0.46 23.45 7.03
CA MET E 98 -0.32 24.17 5.78
C MET E 98 0.24 25.58 6.02
N TYR E 99 1.45 25.91 5.49
CA TYR E 99 1.95 27.27 5.60
C TYR E 99 2.77 27.65 4.36
N GLY E 100 2.83 28.94 4.08
CA GLY E 100 3.54 29.48 2.93
C GLY E 100 3.13 30.90 2.59
N CYS E 101 3.56 31.39 1.42
CA CYS E 101 3.24 32.76 1.04
C CYS E 101 3.09 32.92 -0.47
N ASP E 102 2.46 34.04 -0.85
CA ASP E 102 2.23 34.44 -2.23
C ASP E 102 3.01 35.69 -2.57
N VAL E 103 3.59 35.73 -3.77
CA VAL E 103 4.30 36.91 -4.30
C VAL E 103 3.65 37.29 -5.63
N GLY E 104 3.64 38.58 -5.93
CA GLY E 104 3.06 39.11 -7.16
C GLY E 104 4.01 38.97 -8.34
N PRO E 105 3.60 39.46 -9.54
CA PRO E 105 4.50 39.37 -10.71
C PRO E 105 5.78 40.19 -10.54
N ASP E 106 5.75 41.22 -9.68
CA ASP E 106 6.86 42.10 -9.38
C ASP E 106 7.74 41.55 -8.24
N GLY E 107 7.32 40.43 -7.64
CA GLY E 107 8.01 39.75 -6.55
C GLY E 107 7.64 40.25 -5.16
N ARG E 108 6.67 41.19 -5.08
CA ARG E 108 6.20 41.80 -3.83
C ARG E 108 5.30 40.83 -3.06
N PHE E 109 5.40 40.84 -1.72
CA PHE E 109 4.58 40.03 -0.82
C PHE E 109 3.10 40.35 -1.03
N LEU E 110 2.29 39.29 -1.19
CA LEU E 110 0.85 39.41 -1.41
C LEU E 110 0.07 38.95 -0.17
N ARG E 111 0.26 37.70 0.28
CA ARG E 111 -0.44 37.19 1.45
C ARG E 111 0.36 36.08 2.16
N GLY E 112 0.07 35.93 3.45
CA GLY E 112 0.64 34.93 4.35
C GLY E 112 -0.32 33.79 4.60
N TYR E 113 0.20 32.60 4.90
CA TYR E 113 -0.56 31.36 5.05
C TYR E 113 -0.07 30.55 6.25
N ARG E 114 -0.98 30.08 7.13
CA ARG E 114 -0.70 29.20 8.27
C ARG E 114 -2.04 28.65 8.82
N GLN E 115 -2.31 27.37 8.51
CA GLN E 115 -3.54 26.65 8.89
C GLN E 115 -3.22 25.27 9.44
N ASP E 116 -3.86 24.90 10.56
CA ASP E 116 -3.67 23.62 11.23
C ASP E 116 -4.98 22.84 11.37
N ALA E 117 -4.90 21.51 11.27
CA ALA E 117 -6.06 20.63 11.37
C ALA E 117 -5.80 19.40 12.22
N TYR E 118 -6.82 18.94 12.95
CA TYR E 118 -6.78 17.72 13.75
C TYR E 118 -7.86 16.78 13.25
N ASP E 119 -7.44 15.58 12.79
CA ASP E 119 -8.30 14.52 12.25
C ASP E 119 -9.16 15.04 11.06
N GLY E 120 -8.52 15.80 10.18
CA GLY E 120 -9.12 16.35 8.95
C GLY E 120 -10.10 17.49 9.13
N LYS E 121 -10.15 18.07 10.33
CA LYS E 121 -11.04 19.18 10.66
C LYS E 121 -10.23 20.37 11.14
N ASP E 122 -10.63 21.59 10.75
CA ASP E 122 -9.97 22.84 11.15
C ASP E 122 -9.71 22.87 12.65
N TYR E 123 -8.51 23.30 13.04
CA TYR E 123 -8.16 23.41 14.45
C TYR E 123 -7.87 24.88 14.74
N ILE E 124 -6.74 25.39 14.24
CA ILE E 124 -6.35 26.80 14.41
C ILE E 124 -5.79 27.31 13.08
N ALA E 125 -6.00 28.61 12.79
CA ALA E 125 -5.52 29.23 11.57
C ALA E 125 -5.13 30.70 11.79
N LEU E 126 -4.05 31.14 11.14
CA LEU E 126 -3.63 32.54 11.20
C LEU E 126 -4.51 33.34 10.24
N ASN E 127 -5.00 34.51 10.69
CA ASN E 127 -5.84 35.37 9.85
C ASN E 127 -4.97 36.10 8.83
N GLU E 128 -5.62 36.61 7.75
CA GLU E 128 -4.96 37.32 6.65
C GLU E 128 -4.11 38.52 7.12
N ASP E 129 -4.51 39.17 8.23
CA ASP E 129 -3.77 40.31 8.81
C ASP E 129 -2.42 39.89 9.45
N LEU E 130 -2.22 38.56 9.67
CA LEU E 130 -1.04 37.91 10.28
C LEU E 130 -0.79 38.46 11.69
N ARG E 131 -1.87 38.86 12.39
CA ARG E 131 -1.87 39.46 13.71
C ARG E 131 -2.75 38.70 14.71
N SER E 132 -3.79 37.99 14.21
CA SER E 132 -4.75 37.26 15.02
C SER E 132 -4.96 35.82 14.55
N TRP E 133 -5.57 34.98 15.41
CA TRP E 133 -5.85 33.57 15.17
C TRP E 133 -7.36 33.27 15.16
N THR E 134 -7.77 32.25 14.40
CA THR E 134 -9.15 31.77 14.34
C THR E 134 -9.16 30.34 14.89
N ALA E 135 -9.81 30.16 16.05
CA ALA E 135 -9.96 28.88 16.73
C ALA E 135 -11.29 28.24 16.30
N ALA E 136 -11.24 27.00 15.80
CA ALA E 136 -12.42 26.29 15.29
C ALA E 136 -13.36 25.82 16.41
N ASP E 137 -12.83 25.33 17.53
CA ASP E 137 -13.63 24.84 18.66
C ASP E 137 -13.06 25.30 20.01
N MET E 138 -13.65 24.80 21.13
CA MET E 138 -13.27 25.13 22.51
C MET E 138 -11.84 24.66 22.83
N ALA E 139 -11.43 23.49 22.31
CA ALA E 139 -10.08 22.93 22.53
C ALA E 139 -9.01 23.80 21.84
N ALA E 140 -9.33 24.37 20.67
CA ALA E 140 -8.43 25.23 19.91
C ALA E 140 -8.25 26.61 20.57
N GLN E 141 -9.25 27.03 21.38
CA GLN E 141 -9.25 28.31 22.11
C GLN E 141 -8.18 28.30 23.21
N ILE E 142 -7.84 27.12 23.79
CA ILE E 142 -6.79 27.05 24.81
C ILE E 142 -5.41 27.23 24.12
N THR E 143 -5.25 26.72 22.87
CA THR E 143 -4.05 26.93 22.05
C THR E 143 -3.95 28.42 21.67
N LYS E 144 -5.07 29.03 21.24
CA LYS E 144 -5.19 30.44 20.84
C LYS E 144 -4.70 31.39 21.95
N ARG E 145 -5.09 31.18 23.21
CA ARG E 145 -4.65 32.05 24.31
C ARG E 145 -3.20 31.77 24.68
N LYS E 146 -2.72 30.51 24.53
CA LYS E 146 -1.32 30.16 24.77
C LYS E 146 -0.43 30.82 23.71
N TRP E 147 -0.87 30.83 22.45
CA TRP E 147 -0.13 31.39 21.31
C TRP E 147 -0.14 32.92 21.35
N GLU E 148 -1.22 33.53 21.89
CA GLU E 148 -1.30 34.99 22.07
C GLU E 148 -0.34 35.45 23.16
N ALA E 149 -0.19 34.64 24.22
CA ALA E 149 0.67 34.91 25.37
C ALA E 149 2.15 34.90 24.99
N VAL E 150 2.54 34.07 23.99
CA VAL E 150 3.94 33.97 23.52
C VAL E 150 4.14 34.75 22.20
N HIS E 151 3.12 35.54 21.78
CA HIS E 151 3.08 36.38 20.57
C HIS E 151 3.53 35.59 19.33
N ALA E 152 2.91 34.40 19.12
CA ALA E 152 3.20 33.49 18.01
C ALA E 152 2.87 34.10 16.64
N ALA E 153 1.79 34.90 16.55
CA ALA E 153 1.34 35.55 15.31
C ALA E 153 2.41 36.48 14.74
N GLU E 154 3.15 37.19 15.62
CA GLU E 154 4.23 38.09 15.20
C GLU E 154 5.40 37.30 14.62
N GLN E 155 5.77 36.17 15.25
CA GLN E 155 6.87 35.31 14.79
C GLN E 155 6.53 34.66 13.46
N ARG E 156 5.23 34.36 13.21
N ARG E 156 5.23 34.37 13.22
CA ARG E 156 4.78 33.80 11.94
CA ARG E 156 4.70 33.82 11.98
C ARG E 156 4.88 34.87 10.85
C ARG E 156 4.85 34.87 10.87
N ARG E 157 4.50 36.13 11.16
CA ARG E 157 4.58 37.28 10.25
C ARG E 157 6.05 37.54 9.82
N VAL E 158 7.00 37.47 10.78
CA VAL E 158 8.44 37.67 10.54
C VAL E 158 8.93 36.65 9.48
N TYR E 159 8.53 35.36 9.61
CA TYR E 159 8.89 34.32 8.66
C TYR E 159 8.22 34.53 7.31
N LEU E 160 6.88 34.72 7.29
CA LEU E 160 6.07 34.86 6.06
C LEU E 160 6.46 36.07 5.22
N GLU E 161 6.70 37.24 5.84
CA GLU E 161 7.08 38.46 5.12
C GLU E 161 8.61 38.59 4.96
N GLY E 162 9.36 37.66 5.54
CA GLY E 162 10.81 37.66 5.48
C GLY E 162 11.40 36.51 4.70
N ARG E 163 11.90 35.51 5.43
CA ARG E 163 12.56 34.29 4.94
C ARG E 163 11.72 33.55 3.87
N CYS E 164 10.40 33.45 4.07
CA CYS E 164 9.47 32.75 3.17
C CYS E 164 9.45 33.42 1.78
N VAL E 165 9.26 34.76 1.70
CA VAL E 165 9.22 35.46 0.42
C VAL E 165 10.62 35.50 -0.23
N ASP E 166 11.70 35.65 0.59
CA ASP E 166 13.07 35.67 0.09
C ASP E 166 13.43 34.30 -0.51
N GLY E 167 12.98 33.23 0.15
CA GLY E 167 13.17 31.86 -0.30
C GLY E 167 12.47 31.62 -1.63
N LEU E 168 11.18 32.03 -1.72
CA LEU E 168 10.35 31.91 -2.92
C LEU E 168 10.95 32.70 -4.11
N ARG E 169 11.37 33.97 -3.89
CA ARG E 169 11.99 34.82 -4.90
C ARG E 169 13.25 34.16 -5.48
N ARG E 170 14.10 33.58 -4.62
CA ARG E 170 15.34 32.90 -4.98
C ARG E 170 15.06 31.63 -5.79
N TYR E 171 14.04 30.83 -5.37
CA TYR E 171 13.66 29.58 -6.04
C TYR E 171 13.14 29.86 -7.46
N LEU E 172 12.35 30.94 -7.62
CA LEU E 172 11.79 31.37 -8.90
C LEU E 172 12.88 31.81 -9.87
N GLU E 173 13.93 32.47 -9.36
CA GLU E 173 15.08 32.95 -10.14
C GLU E 173 15.96 31.77 -10.58
N ASN E 174 16.23 30.82 -9.65
CA ASN E 174 17.05 29.62 -9.89
C ASN E 174 16.36 28.62 -10.83
N GLY E 175 15.03 28.55 -10.79
CA GLY E 175 14.24 27.66 -11.64
C GLY E 175 13.36 28.38 -12.65
N LYS E 176 13.82 29.54 -13.15
CA LYS E 176 13.11 30.38 -14.13
C LYS E 176 12.87 29.65 -15.47
N GLU E 177 13.61 28.56 -15.74
CA GLU E 177 13.48 27.74 -16.94
C GLU E 177 12.29 26.76 -16.83
N THR E 178 11.85 26.46 -15.59
CA THR E 178 10.76 25.52 -15.30
C THR E 178 9.54 26.26 -14.67
N LEU E 179 9.74 26.88 -13.49
CA LEU E 179 8.70 27.54 -12.69
C LEU E 179 8.03 28.74 -13.37
N GLN E 180 8.77 29.55 -14.13
CA GLN E 180 8.23 30.74 -14.78
C GLN E 180 7.58 30.42 -16.16
N ARG E 181 7.47 29.13 -16.53
CA ARG E 181 6.89 28.68 -17.81
C ARG E 181 5.39 28.31 -17.70
N THR E 182 4.69 28.33 -18.85
CA THR E 182 3.27 27.93 -18.97
C THR E 182 3.17 26.94 -20.12
N ASP E 183 2.76 25.71 -19.82
CA ASP E 183 2.57 24.67 -20.85
C ASP E 183 1.11 24.65 -21.27
N PRO E 184 0.78 25.02 -22.51
CA PRO E 184 -0.63 25.00 -22.93
C PRO E 184 -1.16 23.56 -23.06
N PRO E 185 -2.46 23.31 -22.84
CA PRO E 185 -2.96 21.92 -22.98
C PRO E 185 -3.02 21.46 -24.44
N LYS E 186 -2.67 20.19 -24.68
CA LYS E 186 -2.79 19.56 -25.98
C LYS E 186 -4.21 18.99 -25.99
N THR E 187 -5.04 19.45 -26.91
CA THR E 187 -6.45 19.08 -26.92
C THR E 187 -6.83 18.19 -28.11
N HIS E 188 -7.78 17.27 -27.86
CA HIS E 188 -8.36 16.37 -28.86
C HIS E 188 -9.74 15.91 -28.37
N MET E 189 -10.59 15.48 -29.31
CA MET E 189 -11.94 15.03 -29.00
C MET E 189 -12.19 13.63 -29.53
N THR E 190 -12.90 12.81 -28.73
CA THR E 190 -13.27 11.44 -29.11
C THR E 190 -14.80 11.36 -29.21
N HIS E 191 -15.28 10.46 -30.06
CA HIS E 191 -16.70 10.21 -30.30
C HIS E 191 -16.93 8.71 -30.28
N HIS E 192 -17.84 8.26 -29.42
CA HIS E 192 -18.15 6.84 -29.27
C HIS E 192 -19.67 6.64 -29.14
N PRO E 193 -20.31 5.96 -30.12
CA PRO E 193 -21.75 5.74 -30.02
C PRO E 193 -22.08 4.72 -28.94
N ILE E 194 -23.09 5.02 -28.11
CA ILE E 194 -23.52 4.14 -27.03
C ILE E 194 -24.74 3.34 -27.52
N SER E 195 -25.34 3.79 -28.64
CA SER E 195 -26.48 3.20 -29.35
C SER E 195 -26.55 3.80 -30.77
N ASP E 196 -27.63 3.52 -31.51
CA ASP E 196 -27.83 4.03 -32.87
C ASP E 196 -28.44 5.45 -32.83
N HIS E 197 -28.83 5.94 -31.65
CA HIS E 197 -29.47 7.25 -31.48
C HIS E 197 -28.68 8.22 -30.56
N GLU E 198 -27.71 7.68 -29.76
CA GLU E 198 -26.91 8.52 -28.87
C GLU E 198 -25.42 8.22 -29.00
N ALA E 199 -24.58 9.24 -28.71
CA ALA E 199 -23.13 9.13 -28.76
C ALA E 199 -22.49 10.04 -27.71
N THR E 200 -21.36 9.61 -27.14
CA THR E 200 -20.68 10.41 -26.14
C THR E 200 -19.47 11.11 -26.76
N LEU E 201 -19.39 12.41 -26.52
CA LEU E 201 -18.31 13.29 -26.96
C LEU E 201 -17.43 13.58 -25.76
N ARG E 202 -16.13 13.25 -25.84
CA ARG E 202 -15.19 13.49 -24.76
C ARG E 202 -14.09 14.44 -25.22
N CYS E 203 -13.92 15.55 -24.50
CA CYS E 203 -12.90 16.52 -24.83
C CYS E 203 -11.76 16.44 -23.85
N TRP E 204 -10.55 16.26 -24.38
CA TRP E 204 -9.34 16.10 -23.60
C TRP E 204 -8.48 17.33 -23.54
N ALA E 205 -7.74 17.47 -22.43
CA ALA E 205 -6.73 18.49 -22.17
C ALA E 205 -5.56 17.78 -21.50
N LEU E 206 -4.42 17.67 -22.22
CA LEU E 206 -3.25 16.94 -21.70
C LEU E 206 -1.98 17.78 -21.76
N GLY E 207 -1.00 17.42 -20.92
CA GLY E 207 0.30 18.04 -20.87
C GLY E 207 0.34 19.52 -20.53
N PHE E 208 -0.60 19.98 -19.67
CA PHE E 208 -0.65 21.39 -19.29
C PHE E 208 -0.07 21.65 -17.91
N TYR E 209 0.45 22.88 -17.74
CA TYR E 209 1.03 23.42 -16.51
C TYR E 209 0.82 24.95 -16.50
N PRO E 210 0.33 25.57 -15.40
CA PRO E 210 -0.07 24.97 -14.11
C PRO E 210 -1.35 24.13 -14.20
N ALA E 211 -1.75 23.48 -13.08
CA ALA E 211 -2.92 22.60 -12.98
C ALA E 211 -4.26 23.30 -13.26
N GLU E 212 -4.36 24.61 -12.94
CA GLU E 212 -5.58 25.40 -13.11
C GLU E 212 -6.02 25.41 -14.58
N ILE E 213 -7.27 24.95 -14.82
CA ILE E 213 -7.88 24.85 -16.15
C ILE E 213 -9.42 24.85 -16.01
N THR E 214 -10.13 25.22 -17.09
CA THR E 214 -11.59 25.19 -17.14
C THR E 214 -12.01 24.50 -18.44
N LEU E 215 -12.82 23.43 -18.31
CA LEU E 215 -13.38 22.67 -19.43
C LEU E 215 -14.89 22.77 -19.35
N THR E 216 -15.52 23.41 -20.34
CA THR E 216 -16.97 23.62 -20.35
C THR E 216 -17.57 23.27 -21.71
N TRP E 217 -18.66 22.47 -21.68
CA TRP E 217 -19.40 22.06 -22.87
C TRP E 217 -20.55 23.05 -23.12
N GLN E 218 -20.83 23.34 -24.40
CA GLN E 218 -21.87 24.27 -24.82
C GLN E 218 -22.69 23.70 -25.96
N ARG E 219 -24.00 23.96 -25.96
CA ARG E 219 -24.93 23.58 -27.03
C ARG E 219 -25.54 24.88 -27.56
N ASP E 220 -25.26 25.21 -28.85
CA ASP E 220 -25.67 26.44 -29.52
C ASP E 220 -25.19 27.68 -28.72
N GLY E 221 -23.96 27.59 -28.19
CA GLY E 221 -23.33 28.66 -27.41
C GLY E 221 -23.90 28.85 -26.01
N GLU E 222 -24.66 27.85 -25.51
CA GLU E 222 -25.26 27.90 -24.16
C GLU E 222 -24.61 26.85 -23.28
N ASP E 223 -24.14 27.25 -22.07
CA ASP E 223 -23.49 26.36 -21.10
C ASP E 223 -24.31 25.10 -20.84
N GLN E 224 -23.66 23.93 -20.95
CA GLN E 224 -24.29 22.63 -20.75
C GLN E 224 -23.68 21.93 -19.54
N THR E 225 -24.48 21.76 -18.46
CA THR E 225 -24.08 21.09 -17.23
C THR E 225 -24.76 19.73 -17.11
N GLN E 226 -25.95 19.58 -17.70
CA GLN E 226 -26.69 18.32 -17.64
C GLN E 226 -26.28 17.43 -18.83
N ASP E 227 -26.28 16.09 -18.59
CA ASP E 227 -25.81 15.01 -19.47
C ASP E 227 -24.27 15.08 -19.64
N THR E 228 -23.56 15.74 -18.69
CA THR E 228 -22.10 15.90 -18.74
C THR E 228 -21.39 15.19 -17.57
N GLU E 229 -20.09 14.94 -17.74
CA GLU E 229 -19.20 14.36 -16.74
C GLU E 229 -17.85 15.05 -16.79
N LEU E 230 -17.47 15.72 -15.70
CA LEU E 230 -16.21 16.43 -15.56
C LEU E 230 -15.37 15.72 -14.51
N VAL E 231 -14.23 15.18 -14.92
CA VAL E 231 -13.34 14.49 -13.97
C VAL E 231 -12.41 15.49 -13.32
N GLU E 232 -11.93 15.14 -12.12
CA GLU E 232 -10.99 15.95 -11.34
C GLU E 232 -9.67 16.03 -12.08
N THR E 233 -9.01 17.22 -12.06
CA THR E 233 -7.70 17.44 -12.69
C THR E 233 -6.74 16.45 -12.05
N ARG E 234 -6.02 15.68 -12.88
CA ARG E 234 -5.11 14.64 -12.38
C ARG E 234 -3.66 14.84 -12.85
N PRO E 235 -2.65 14.47 -12.02
CA PRO E 235 -1.26 14.60 -12.48
C PRO E 235 -0.88 13.48 -13.46
N ALA E 236 -0.14 13.83 -14.51
CA ALA E 236 0.31 12.86 -15.51
C ALA E 236 1.47 12.03 -14.97
N GLY E 237 2.23 12.61 -14.03
CA GLY E 237 3.39 11.96 -13.41
C GLY E 237 4.73 12.48 -13.90
N ASP E 238 4.70 13.42 -14.86
CA ASP E 238 5.89 14.05 -15.44
C ASP E 238 5.94 15.56 -15.14
N GLY E 239 5.13 15.99 -14.17
CA GLY E 239 5.03 17.38 -13.76
C GLY E 239 3.95 18.17 -14.48
N THR E 240 3.20 17.50 -15.37
CA THR E 240 2.11 18.10 -16.13
C THR E 240 0.77 17.50 -15.67
N PHE E 241 -0.36 18.13 -16.08
CA PHE E 241 -1.68 17.71 -15.63
C PHE E 241 -2.61 17.33 -16.78
N GLN E 242 -3.69 16.60 -16.44
CA GLN E 242 -4.70 16.10 -17.39
C GLN E 242 -6.11 16.37 -16.89
N LYS E 243 -7.06 16.50 -17.81
CA LYS E 243 -8.48 16.68 -17.50
C LYS E 243 -9.33 16.39 -18.73
N TRP E 244 -10.54 15.85 -18.51
CA TRP E 244 -11.47 15.63 -19.60
C TRP E 244 -12.90 15.91 -19.16
N ALA E 245 -13.74 16.28 -20.14
CA ALA E 245 -15.15 16.60 -19.99
C ALA E 245 -15.91 15.87 -21.08
N ALA E 246 -16.93 15.09 -20.69
CA ALA E 246 -17.72 14.31 -21.65
C ALA E 246 -19.19 14.70 -21.61
N VAL E 247 -19.88 14.59 -22.75
CA VAL E 247 -21.30 14.88 -22.88
C VAL E 247 -21.96 13.83 -23.81
N VAL E 248 -23.15 13.34 -23.43
CA VAL E 248 -23.92 12.39 -24.23
C VAL E 248 -24.86 13.23 -25.12
N VAL E 249 -24.69 13.07 -26.43
CA VAL E 249 -25.31 13.86 -27.51
C VAL E 249 -26.20 12.99 -28.42
N PRO E 250 -27.38 13.49 -28.90
CA PRO E 250 -28.18 12.69 -29.85
C PRO E 250 -27.45 12.57 -31.18
N SER E 251 -27.45 11.38 -31.79
CA SER E 251 -26.76 11.10 -33.05
C SER E 251 -27.26 12.03 -34.16
N GLY E 252 -26.31 12.65 -34.84
CA GLY E 252 -26.60 13.58 -35.94
C GLY E 252 -26.57 15.04 -35.55
N GLU E 253 -26.40 15.37 -34.25
CA GLU E 253 -26.33 16.77 -33.85
C GLU E 253 -25.08 17.07 -33.00
N GLU E 254 -24.00 16.32 -33.27
CA GLU E 254 -22.66 16.49 -32.67
C GLU E 254 -22.09 17.90 -32.90
N GLN E 255 -22.31 18.47 -34.10
CA GLN E 255 -21.85 19.80 -34.54
C GLN E 255 -22.46 20.98 -33.74
N ARG E 256 -23.58 20.75 -33.02
CA ARG E 256 -24.25 21.77 -32.19
C ARG E 256 -23.50 22.00 -30.88
N TYR E 257 -22.61 21.05 -30.52
CA TYR E 257 -21.86 21.06 -29.27
C TYR E 257 -20.41 21.53 -29.46
N THR E 258 -19.96 22.39 -28.54
CA THR E 258 -18.60 22.93 -28.51
C THR E 258 -18.00 22.82 -27.11
N CYS E 259 -16.70 22.54 -27.05
CA CYS E 259 -16.00 22.49 -25.78
C CYS E 259 -15.07 23.68 -25.67
N HIS E 260 -15.15 24.39 -24.56
CA HIS E 260 -14.33 25.57 -24.30
C HIS E 260 -13.24 25.24 -23.30
N VAL E 261 -11.99 25.49 -23.70
CA VAL E 261 -10.81 25.23 -22.89
C VAL E 261 -10.17 26.56 -22.50
N GLN E 262 -10.06 26.82 -21.18
CA GLN E 262 -9.46 28.04 -20.63
C GLN E 262 -8.24 27.66 -19.79
N HIS E 263 -7.07 28.22 -20.15
CA HIS E 263 -5.79 27.98 -19.48
C HIS E 263 -4.90 29.22 -19.67
N GLU E 264 -4.02 29.53 -18.69
CA GLU E 264 -3.14 30.70 -18.78
C GLU E 264 -2.02 30.52 -19.84
N GLY E 265 -1.73 29.26 -20.21
CA GLY E 265 -0.77 28.93 -21.25
C GLY E 265 -1.29 29.23 -22.65
N LEU E 266 -2.62 29.34 -22.78
CA LEU E 266 -3.32 29.66 -24.03
C LEU E 266 -3.37 31.18 -24.26
N PRO E 267 -3.01 31.69 -25.46
CA PRO E 267 -3.08 33.15 -25.70
C PRO E 267 -4.54 33.64 -25.75
N LYS E 268 -5.47 32.73 -26.12
CA LYS E 268 -6.91 32.94 -26.20
C LYS E 268 -7.63 31.60 -25.95
N PRO E 269 -8.81 31.56 -25.28
CA PRO E 269 -9.48 30.27 -25.04
C PRO E 269 -9.84 29.52 -26.33
N LEU E 270 -9.68 28.18 -26.29
CA LEU E 270 -9.97 27.26 -27.41
C LEU E 270 -11.44 26.90 -27.49
N THR E 271 -11.92 26.65 -28.72
CA THR E 271 -13.29 26.21 -29.02
C THR E 271 -13.16 24.97 -29.92
N LEU E 272 -13.42 23.79 -29.35
CA LEU E 272 -13.32 22.50 -30.05
C LEU E 272 -14.70 21.98 -30.45
N ARG E 273 -14.82 21.48 -31.69
CA ARG E 273 -16.06 20.95 -32.26
C ARG E 273 -15.78 19.67 -33.04
N TRP E 274 -16.66 18.65 -32.89
CA TRP E 274 -16.53 17.37 -33.60
C TRP E 274 -16.84 17.58 -35.07
N GLU E 275 -15.81 17.32 -35.93
CA GLU E 275 -15.75 17.44 -37.40
C GLU E 275 -16.58 18.62 -37.94
N ILE F 2 -14.84 12.95 11.01
CA ILE F 2 -15.51 12.08 10.04
C ILE F 2 -14.45 11.49 9.07
N GLN F 3 -14.79 10.33 8.48
CA GLN F 3 -13.94 9.58 7.55
C GLN F 3 -14.41 9.83 6.12
N ARG F 4 -13.47 10.00 5.18
CA ARG F 4 -13.77 10.28 3.77
C ARG F 4 -13.28 9.16 2.87
N THR F 5 -14.14 8.67 1.96
CA THR F 5 -13.84 7.58 1.04
C THR F 5 -13.02 8.11 -0.17
N PRO F 6 -11.98 7.38 -0.62
CA PRO F 6 -11.17 7.89 -1.74
C PRO F 6 -11.86 7.87 -3.10
N LYS F 7 -11.50 8.86 -3.92
CA LYS F 7 -11.91 8.98 -5.32
C LYS F 7 -10.80 8.30 -6.10
N ILE F 8 -11.14 7.49 -7.12
CA ILE F 8 -10.12 6.73 -7.85
C ILE F 8 -10.17 7.00 -9.36
N GLN F 9 -8.99 7.22 -9.96
CA GLN F 9 -8.81 7.40 -11.40
C GLN F 9 -7.63 6.55 -11.89
N VAL F 10 -7.88 5.69 -12.89
CA VAL F 10 -6.86 4.82 -13.49
C VAL F 10 -6.68 5.29 -14.94
N TYR F 11 -5.44 5.63 -15.32
CA TYR F 11 -5.14 6.20 -16.64
C TYR F 11 -3.65 6.07 -16.99
N SER F 12 -3.30 6.45 -18.24
CA SER F 12 -1.91 6.43 -18.73
C SER F 12 -1.36 7.87 -18.83
N ARG F 13 -0.02 8.01 -18.74
CA ARG F 13 0.67 9.31 -18.82
C ARG F 13 0.47 9.95 -20.21
N HIS F 14 0.66 9.17 -21.28
CA HIS F 14 0.46 9.60 -22.68
C HIS F 14 -0.63 8.75 -23.35
N PRO F 15 -1.25 9.18 -24.49
CA PRO F 15 -2.26 8.33 -25.17
C PRO F 15 -1.70 6.93 -25.44
N ALA F 16 -2.39 5.90 -24.90
CA ALA F 16 -2.11 4.45 -24.85
C ALA F 16 -1.12 3.91 -25.93
N GLU F 17 -1.64 3.51 -27.12
CA GLU F 17 -0.92 2.91 -28.27
C GLU F 17 -0.40 1.50 -27.93
N ASN F 18 -0.94 0.47 -28.62
CA ASN F 18 -0.55 -0.94 -28.43
C ASN F 18 0.89 -1.17 -28.89
N GLY F 19 1.71 -1.71 -28.00
CA GLY F 19 3.11 -2.01 -28.25
C GLY F 19 4.09 -0.88 -27.97
N LYS F 20 3.58 0.31 -27.60
CA LYS F 20 4.42 1.48 -27.32
C LYS F 20 4.51 1.73 -25.82
N SER F 21 5.75 1.91 -25.33
CA SER F 21 6.11 2.16 -23.93
C SER F 21 5.36 3.37 -23.36
N ASN F 22 4.83 3.20 -22.14
CA ASN F 22 4.06 4.21 -21.43
C ASN F 22 4.20 4.05 -19.91
N PHE F 23 3.36 4.76 -19.13
CA PHE F 23 3.30 4.71 -17.67
C PHE F 23 1.86 4.62 -17.20
N LEU F 24 1.53 3.57 -16.41
CA LEU F 24 0.18 3.36 -15.87
C LEU F 24 0.05 4.07 -14.53
N ASN F 25 -0.94 4.97 -14.42
CA ASN F 25 -1.21 5.77 -13.23
C ASN F 25 -2.50 5.41 -12.52
N CYS F 26 -2.48 5.54 -11.18
CA CYS F 26 -3.66 5.43 -10.33
C CYS F 26 -3.62 6.56 -9.35
N TYR F 27 -4.53 7.52 -9.52
CA TYR F 27 -4.64 8.69 -8.68
C TYR F 27 -5.74 8.48 -7.66
N VAL F 28 -5.37 8.49 -6.37
CA VAL F 28 -6.32 8.37 -5.26
C VAL F 28 -6.36 9.71 -4.54
N SER F 29 -7.56 10.26 -4.32
CA SER F 29 -7.72 11.57 -3.70
C SER F 29 -9.01 11.66 -2.87
N GLY F 30 -9.12 12.72 -2.07
CA GLY F 30 -10.29 12.97 -1.23
C GLY F 30 -10.54 12.00 -0.10
N PHE F 31 -9.51 11.30 0.37
CA PHE F 31 -9.63 10.29 1.43
C PHE F 31 -9.08 10.76 2.77
N HIS F 32 -9.64 10.28 3.87
CA HIS F 32 -9.22 10.57 5.24
C HIS F 32 -9.64 9.41 6.14
N PRO F 33 -8.75 8.79 6.96
CA PRO F 33 -7.33 9.09 7.21
C PRO F 33 -6.39 8.74 6.05
N SER F 34 -5.09 9.06 6.21
CA SER F 34 -4.01 8.88 5.23
C SER F 34 -3.69 7.42 4.87
N ASP F 35 -3.92 6.47 5.79
CA ASP F 35 -3.63 5.04 5.58
C ASP F 35 -4.48 4.50 4.42
N ILE F 36 -3.81 4.04 3.34
CA ILE F 36 -4.46 3.51 2.13
C ILE F 36 -3.60 2.41 1.48
N GLU F 37 -4.26 1.46 0.83
CA GLU F 37 -3.65 0.32 0.13
C GLU F 37 -4.03 0.36 -1.36
N VAL F 38 -3.05 0.51 -2.27
CA VAL F 38 -3.37 0.50 -3.71
C VAL F 38 -2.31 -0.40 -4.41
N ASP F 39 -2.82 -1.51 -5.03
CA ASP F 39 -2.06 -2.58 -5.69
C ASP F 39 -3.00 -3.46 -6.56
N LEU F 40 -2.62 -4.76 -6.78
CA LEU F 40 -3.33 -5.79 -7.56
C LEU F 40 -3.69 -5.32 -8.98
N LEU F 41 -2.64 -5.09 -9.79
CA LEU F 41 -2.74 -4.58 -11.17
C LEU F 41 -2.32 -5.65 -12.20
N LYS F 42 -2.92 -5.59 -13.42
CA LYS F 42 -2.69 -6.48 -14.59
C LYS F 42 -3.06 -7.95 -14.29
N ASN F 43 -4.17 -8.43 -14.90
CA ASN F 43 -4.75 -9.78 -14.80
C ASN F 43 -5.00 -10.20 -13.32
N GLY F 44 -5.15 -9.19 -12.45
CA GLY F 44 -5.36 -9.37 -11.02
C GLY F 44 -4.13 -9.86 -10.28
N GLU F 45 -2.99 -9.95 -11.00
CA GLU F 45 -1.71 -10.42 -10.47
C GLU F 45 -0.77 -9.23 -10.26
N ARG F 46 -0.84 -8.64 -9.05
CA ARG F 46 -0.12 -7.49 -8.48
C ARG F 46 1.27 -7.25 -9.09
N ILE F 47 1.52 -6.00 -9.56
CA ILE F 47 2.80 -5.57 -10.10
C ILE F 47 3.63 -5.04 -8.92
N GLU F 48 4.90 -5.49 -8.82
CA GLU F 48 5.79 -5.11 -7.72
C GLU F 48 6.39 -3.71 -7.94
N LYS F 49 5.53 -2.67 -7.90
CA LYS F 49 5.91 -1.27 -8.07
C LYS F 49 4.94 -0.35 -7.33
N VAL F 50 5.17 -0.16 -6.02
CA VAL F 50 4.35 0.69 -5.15
C VAL F 50 5.02 2.08 -5.08
N GLU F 51 4.24 3.15 -5.36
CA GLU F 51 4.77 4.52 -5.37
C GLU F 51 3.91 5.47 -4.55
N HIS F 52 4.52 6.02 -3.50
CA HIS F 52 3.88 6.96 -2.58
C HIS F 52 3.88 8.39 -3.13
N SER F 53 4.74 8.74 -4.14
CA SER F 53 4.85 10.07 -4.76
C SER F 53 4.85 11.25 -3.74
N ASP F 54 5.03 10.92 -2.45
CA ASP F 54 5.04 11.75 -1.25
C ASP F 54 3.62 12.26 -0.92
N LEU F 55 3.11 11.82 0.24
CA LEU F 55 1.79 12.15 0.77
C LEU F 55 1.61 13.67 0.91
N SER F 56 0.54 14.18 0.29
CA SER F 56 0.13 15.58 0.31
C SER F 56 -1.39 15.66 0.46
N PHE F 57 -1.94 16.87 0.64
CA PHE F 57 -3.39 17.04 0.83
C PHE F 57 -3.90 18.34 0.20
N SER F 58 -5.22 18.39 -0.06
CA SER F 58 -5.94 19.52 -0.64
C SER F 58 -6.34 20.54 0.44
N LYS F 59 -6.99 21.66 0.03
CA LYS F 59 -7.42 22.73 0.94
C LYS F 59 -8.49 22.24 1.94
N ASP F 60 -9.29 21.22 1.55
CA ASP F 60 -10.34 20.65 2.40
C ASP F 60 -9.76 19.58 3.38
N TRP F 61 -8.40 19.41 3.39
CA TRP F 61 -7.59 18.49 4.23
C TRP F 61 -7.60 17.03 3.74
N SER F 62 -8.36 16.73 2.66
CA SER F 62 -8.57 15.43 2.03
C SER F 62 -7.41 14.44 2.22
N PHE F 63 -6.49 14.37 1.24
CA PHE F 63 -5.28 13.54 1.02
C PHE F 63 -5.32 13.01 -0.40
N TYR F 64 -4.17 13.01 -1.10
CA TYR F 64 -4.03 12.54 -2.48
C TYR F 64 -2.68 11.88 -2.70
N LEU F 65 -2.68 10.83 -3.54
CA LEU F 65 -1.48 10.06 -3.88
C LEU F 65 -1.54 9.58 -5.32
N LEU F 66 -0.37 9.53 -5.98
CA LEU F 66 -0.26 9.02 -7.35
C LEU F 66 0.60 7.77 -7.33
N TYR F 67 0.02 6.66 -7.79
CA TYR F 67 0.70 5.38 -7.90
C TYR F 67 1.00 5.16 -9.36
N TYR F 68 2.24 4.76 -9.68
CA TYR F 68 2.64 4.62 -11.06
C TYR F 68 3.61 3.48 -11.28
N THR F 69 3.42 2.76 -12.39
CA THR F 69 4.23 1.62 -12.82
C THR F 69 4.43 1.70 -14.35
N GLU F 70 5.65 1.40 -14.80
CA GLU F 70 6.03 1.39 -16.21
C GLU F 70 5.33 0.24 -16.93
N PHE F 71 4.62 0.53 -18.05
CA PHE F 71 3.89 -0.51 -18.78
C PHE F 71 3.86 -0.29 -20.31
N THR F 72 3.79 -1.39 -21.05
CA THR F 72 3.65 -1.43 -22.51
C THR F 72 2.31 -2.13 -22.78
N PRO F 73 1.27 -1.41 -23.26
CA PRO F 73 -0.05 -2.06 -23.46
C PRO F 73 -0.03 -3.16 -24.54
N THR F 74 0.45 -4.35 -24.14
CA THR F 74 0.54 -5.59 -24.90
C THR F 74 -0.21 -6.61 -24.07
N GLU F 75 -1.55 -6.68 -24.27
CA GLU F 75 -2.53 -7.49 -23.54
C GLU F 75 -2.58 -6.99 -22.07
N LYS F 76 -3.45 -5.99 -21.70
CA LYS F 76 -4.55 -5.26 -22.36
C LYS F 76 -5.88 -5.97 -22.08
N ASP F 77 -5.84 -7.31 -21.90
CA ASP F 77 -7.00 -8.15 -21.55
C ASP F 77 -7.53 -7.74 -20.17
N GLU F 78 -6.60 -7.34 -19.27
CA GLU F 78 -6.88 -6.83 -17.93
C GLU F 78 -5.69 -6.01 -17.42
N TYR F 79 -6.01 -4.80 -16.99
CA TYR F 79 -5.15 -3.80 -16.36
C TYR F 79 -6.06 -3.01 -15.46
N ALA F 80 -5.85 -3.08 -14.14
CA ALA F 80 -6.73 -2.41 -13.17
C ALA F 80 -5.95 -1.91 -11.95
N CYS F 81 -6.69 -1.43 -10.93
CA CYS F 81 -6.15 -0.94 -9.66
C CYS F 81 -7.10 -1.31 -8.54
N ARG F 82 -6.57 -1.96 -7.49
CA ARG F 82 -7.34 -2.34 -6.30
C ARG F 82 -7.01 -1.39 -5.17
N VAL F 83 -8.01 -0.67 -4.65
CA VAL F 83 -7.83 0.31 -3.59
C VAL F 83 -8.61 -0.12 -2.34
N ASN F 84 -7.89 -0.21 -1.20
CA ASN F 84 -8.48 -0.52 0.11
C ASN F 84 -8.21 0.63 1.09
N HIS F 85 -9.24 1.02 1.86
CA HIS F 85 -9.16 2.12 2.83
C HIS F 85 -9.93 1.72 4.12
N VAL F 86 -10.31 2.69 4.99
CA VAL F 86 -10.96 2.41 6.26
C VAL F 86 -12.37 1.71 6.13
N THR F 87 -13.43 2.11 5.35
CA THR F 87 -14.00 3.22 4.55
C THR F 87 -15.19 2.64 3.77
N LEU F 88 -15.08 1.34 3.41
CA LEU F 88 -16.01 0.48 2.67
C LEU F 88 -15.51 -0.98 2.80
N SER F 89 -16.33 -1.97 2.40
CA SER F 89 -15.94 -3.38 2.52
C SER F 89 -16.00 -4.13 1.17
N GLN F 90 -14.84 -4.26 0.48
CA GLN F 90 -14.76 -4.99 -0.78
C GLN F 90 -13.34 -5.63 -0.97
N PRO F 91 -12.19 -4.99 -1.37
CA PRO F 91 -11.92 -3.57 -1.74
C PRO F 91 -12.30 -3.24 -3.19
N LYS F 92 -12.42 -1.93 -3.50
CA LYS F 92 -12.83 -1.43 -4.82
C LYS F 92 -11.77 -1.65 -5.90
N ILE F 93 -12.23 -2.09 -7.09
CA ILE F 93 -11.40 -2.35 -8.26
C ILE F 93 -11.90 -1.49 -9.44
N VAL F 94 -10.98 -0.75 -10.09
CA VAL F 94 -11.29 0.12 -11.23
C VAL F 94 -10.42 -0.33 -12.42
N LYS F 95 -11.07 -0.77 -13.50
CA LYS F 95 -10.39 -1.25 -14.71
C LYS F 95 -9.92 -0.08 -15.59
N TRP F 96 -8.78 -0.28 -16.26
CA TRP F 96 -8.16 0.70 -17.16
C TRP F 96 -8.60 0.51 -18.62
N ASP F 97 -8.61 1.62 -19.36
CA ASP F 97 -8.85 1.79 -20.80
C ASP F 97 -8.86 3.26 -21.11
N ARG F 98 -8.41 3.65 -22.32
CA ARG F 98 -8.43 5.07 -22.72
C ARG F 98 -9.89 5.46 -23.01
N ASP F 99 -10.77 4.43 -23.16
CA ASP F 99 -12.22 4.54 -23.31
C ASP F 99 -12.77 4.67 -21.89
N MET F 100 -12.61 5.88 -21.30
CA MET F 100 -12.98 6.22 -19.93
C MET F 100 -14.48 6.51 -19.78
N GLY G 1 -33.50 0.19 16.82
CA GLY G 1 -32.07 0.26 16.59
C GLY G 1 -31.72 0.95 15.28
N SER G 2 -32.09 0.30 14.15
CA SER G 2 -31.82 0.82 12.81
C SER G 2 -32.73 2.01 12.46
N HIS G 3 -32.21 2.95 11.65
CA HIS G 3 -32.94 4.14 11.25
C HIS G 3 -32.86 4.39 9.73
N SER G 4 -33.84 5.12 9.18
CA SER G 4 -33.92 5.43 7.76
C SER G 4 -34.28 6.89 7.49
N MET G 5 -33.83 7.42 6.36
CA MET G 5 -34.17 8.76 5.87
C MET G 5 -34.63 8.61 4.44
N ARG G 6 -35.80 9.15 4.11
CA ARG G 6 -36.37 9.02 2.78
C ARG G 6 -36.94 10.33 2.28
N TYR G 7 -36.71 10.60 1.00
CA TYR G 7 -37.25 11.76 0.29
C TYR G 7 -38.16 11.27 -0.82
N PHE G 8 -39.40 11.77 -0.86
CA PHE G 8 -40.41 11.39 -1.86
C PHE G 8 -40.77 12.62 -2.69
N PHE G 9 -40.56 12.55 -4.01
CA PHE G 9 -40.86 13.65 -4.92
C PHE G 9 -41.90 13.27 -5.94
N THR G 10 -42.89 14.14 -6.13
CA THR G 10 -43.98 13.94 -7.09
C THR G 10 -44.09 15.16 -7.99
N SER G 11 -44.06 14.94 -9.30
CA SER G 11 -44.21 16.01 -10.29
C SER G 11 -45.29 15.58 -11.27
N VAL G 12 -46.38 16.35 -11.34
CA VAL G 12 -47.55 16.05 -12.17
C VAL G 12 -47.74 17.16 -13.21
N SER G 13 -47.74 16.78 -14.50
CA SER G 13 -47.96 17.72 -15.61
C SER G 13 -49.44 18.10 -15.68
N ARG G 14 -49.72 19.37 -15.96
CA ARG G 14 -51.09 19.88 -16.06
C ARG G 14 -51.54 19.98 -17.54
N PRO G 15 -52.74 19.45 -17.90
CA PRO G 15 -53.20 19.54 -19.31
C PRO G 15 -53.39 20.99 -19.75
N GLY G 16 -53.90 21.82 -18.85
CA GLY G 16 -54.05 23.26 -19.04
C GLY G 16 -52.70 23.89 -18.80
N ARG G 17 -51.77 23.71 -19.77
CA ARG G 17 -50.35 24.09 -19.83
C ARG G 17 -49.91 25.13 -18.79
N GLY G 18 -49.80 24.64 -17.56
CA GLY G 18 -49.31 25.37 -16.40
C GLY G 18 -48.11 24.61 -15.90
N GLU G 19 -47.15 25.31 -15.25
CA GLU G 19 -45.93 24.68 -14.72
C GLU G 19 -46.30 23.44 -13.91
N PRO G 20 -45.78 22.22 -14.25
CA PRO G 20 -46.16 21.01 -13.50
C PRO G 20 -46.06 21.19 -11.98
N ARG G 21 -46.99 20.56 -11.24
CA ARG G 21 -47.03 20.60 -9.77
C ARG G 21 -45.90 19.74 -9.20
N PHE G 22 -45.01 20.35 -8.38
CA PHE G 22 -43.91 19.63 -7.75
C PHE G 22 -44.07 19.65 -6.25
N ILE G 23 -44.16 18.45 -5.64
CA ILE G 23 -44.28 18.24 -4.20
C ILE G 23 -43.11 17.37 -3.74
N ALA G 24 -42.42 17.79 -2.69
CA ALA G 24 -41.30 17.08 -2.08
C ALA G 24 -41.55 16.89 -0.59
N VAL G 25 -41.31 15.68 -0.07
CA VAL G 25 -41.50 15.36 1.35
C VAL G 25 -40.28 14.58 1.86
N GLY G 26 -39.83 14.94 3.05
CA GLY G 26 -38.70 14.30 3.71
C GLY G 26 -39.12 13.62 5.00
N TYR G 27 -38.66 12.39 5.19
CA TYR G 27 -38.96 11.58 6.37
C TYR G 27 -37.70 11.03 7.02
N VAL G 28 -37.69 10.99 8.36
CA VAL G 28 -36.70 10.29 9.17
C VAL G 28 -37.56 9.27 9.89
N ASP G 29 -37.43 7.98 9.48
CA ASP G 29 -38.26 6.86 9.92
C ASP G 29 -39.71 7.18 9.50
N ASP G 30 -40.67 7.26 10.44
CA ASP G 30 -42.07 7.56 10.08
C ASP G 30 -42.45 9.02 10.39
N THR G 31 -41.45 9.89 10.66
CA THR G 31 -41.71 11.30 10.98
C THR G 31 -41.24 12.22 9.86
N GLN G 32 -42.18 13.02 9.35
CA GLN G 32 -41.95 14.03 8.31
C GLN G 32 -41.22 15.22 8.94
N PHE G 33 -40.18 15.74 8.25
CA PHE G 33 -39.41 16.88 8.79
C PHE G 33 -39.32 18.04 7.82
N VAL G 34 -39.43 17.80 6.49
CA VAL G 34 -39.36 18.86 5.49
C VAL G 34 -40.45 18.70 4.43
N ARG G 35 -40.73 19.81 3.72
CA ARG G 35 -41.70 19.85 2.63
C ARG G 35 -41.39 21.02 1.67
N PHE G 36 -41.73 20.80 0.39
CA PHE G 36 -41.64 21.79 -0.68
C PHE G 36 -42.86 21.63 -1.58
N ASP G 37 -43.57 22.74 -1.82
CA ASP G 37 -44.75 22.78 -2.68
C ASP G 37 -44.62 23.92 -3.68
N SER G 38 -44.73 23.61 -4.97
CA SER G 38 -44.63 24.60 -6.05
C SER G 38 -45.84 25.56 -6.08
N ASP G 39 -46.99 25.13 -5.54
CA ASP G 39 -48.22 25.93 -5.47
C ASP G 39 -48.25 26.86 -4.25
N ALA G 40 -47.46 26.55 -3.20
CA ALA G 40 -47.38 27.36 -1.97
C ALA G 40 -46.68 28.71 -2.24
N ALA G 41 -47.08 29.76 -1.51
CA ALA G 41 -46.58 31.12 -1.64
C ALA G 41 -45.10 31.28 -1.21
N SER G 42 -44.64 30.44 -0.27
CA SER G 42 -43.29 30.46 0.31
C SER G 42 -42.17 30.28 -0.74
N GLN G 43 -42.31 29.28 -1.65
CA GLN G 43 -41.34 28.91 -2.70
C GLN G 43 -39.96 28.52 -2.10
N LYS G 44 -39.99 27.92 -0.89
CA LYS G 44 -38.83 27.48 -0.13
C LYS G 44 -39.07 26.15 0.57
N MET G 45 -37.98 25.43 0.94
CA MET G 45 -38.06 24.20 1.73
C MET G 45 -38.49 24.61 3.14
N GLU G 46 -39.63 24.07 3.60
CA GLU G 46 -40.25 24.45 4.88
C GLU G 46 -40.09 23.38 5.96
N PRO G 47 -39.86 23.78 7.24
CA PRO G 47 -39.76 22.77 8.32
C PRO G 47 -41.12 22.17 8.66
N ARG G 48 -41.12 20.89 9.09
CA ARG G 48 -42.32 20.14 9.47
C ARG G 48 -42.14 19.44 10.82
N ALA G 49 -40.91 19.47 11.36
CA ALA G 49 -40.53 18.91 12.66
C ALA G 49 -39.86 19.98 13.54
N PRO G 50 -40.02 19.94 14.89
CA PRO G 50 -39.39 20.99 15.72
C PRO G 50 -37.86 20.96 15.74
N TRP G 51 -37.26 19.75 15.69
CA TRP G 51 -35.80 19.56 15.75
C TRP G 51 -35.05 20.02 14.48
N ILE G 52 -35.75 20.24 13.35
CA ILE G 52 -35.08 20.70 12.13
C ILE G 52 -35.08 22.25 12.08
N GLU G 53 -35.91 22.91 12.90
CA GLU G 53 -36.02 24.37 12.96
C GLU G 53 -34.73 25.03 13.48
N GLN G 54 -33.87 24.28 14.21
CA GLN G 54 -32.62 24.81 14.74
C GLN G 54 -31.54 24.96 13.64
N GLU G 55 -31.76 24.33 12.46
CA GLU G 55 -30.84 24.39 11.31
C GLU G 55 -30.66 25.82 10.83
N GLY G 56 -29.43 26.17 10.46
CA GLY G 56 -29.05 27.50 10.00
C GLY G 56 -29.72 27.98 8.73
N PRO G 57 -29.66 29.31 8.45
CA PRO G 57 -30.29 29.85 7.23
C PRO G 57 -29.66 29.35 5.93
N GLU G 58 -28.35 29.03 5.95
CA GLU G 58 -27.60 28.50 4.81
C GLU G 58 -28.16 27.14 4.39
N TYR G 59 -28.55 26.29 5.37
CA TYR G 59 -29.14 24.96 5.13
C TYR G 59 -30.44 25.12 4.34
N TRP G 60 -31.35 26.01 4.80
CA TRP G 60 -32.64 26.28 4.16
C TRP G 60 -32.46 26.89 2.78
N ASP G 61 -31.41 27.73 2.60
CA ASP G 61 -31.08 28.37 1.33
C ASP G 61 -30.58 27.33 0.33
N GLN G 62 -29.76 26.36 0.79
CA GLN G 62 -29.22 25.27 -0.04
C GLN G 62 -30.30 24.26 -0.41
N GLU G 63 -31.21 23.90 0.56
CA GLU G 63 -32.32 22.96 0.33
C GLU G 63 -33.33 23.51 -0.68
N THR G 64 -33.59 24.84 -0.65
CA THR G 64 -34.48 25.55 -1.58
C THR G 64 -33.90 25.50 -3.00
N ARG G 65 -32.56 25.70 -3.12
CA ARG G 65 -31.82 25.67 -4.38
C ARG G 65 -31.90 24.27 -5.01
N ASN G 66 -31.75 23.21 -4.18
CA ASN G 66 -31.85 21.81 -4.59
C ASN G 66 -33.25 21.48 -5.10
N MET G 67 -34.29 21.99 -4.40
CA MET G 67 -35.71 21.76 -4.75
C MET G 67 -36.13 22.45 -6.03
N LYS G 68 -35.54 23.62 -6.32
CA LYS G 68 -35.80 24.35 -7.56
C LYS G 68 -35.15 23.61 -8.73
N ALA G 69 -33.93 23.07 -8.51
CA ALA G 69 -33.18 22.26 -9.48
C ALA G 69 -33.90 20.93 -9.76
N HIS G 70 -34.49 20.32 -8.71
CA HIS G 70 -35.27 19.07 -8.78
C HIS G 70 -36.53 19.27 -9.62
N SER G 71 -37.28 20.36 -9.35
CA SER G 71 -38.51 20.75 -10.04
C SER G 71 -38.27 21.01 -11.53
N GLN G 72 -37.18 21.74 -11.87
CA GLN G 72 -36.80 22.08 -13.24
C GLN G 72 -36.42 20.83 -14.05
N THR G 73 -35.68 19.89 -13.44
CA THR G 73 -35.26 18.63 -14.09
C THR G 73 -36.48 17.74 -14.30
N ASP G 74 -37.40 17.69 -13.32
CA ASP G 74 -38.65 16.92 -13.41
C ASP G 74 -39.55 17.47 -14.52
N ARG G 75 -39.55 18.80 -14.72
CA ARG G 75 -40.31 19.50 -15.77
C ARG G 75 -39.78 19.11 -17.16
N ALA G 76 -38.45 19.03 -17.31
CA ALA G 76 -37.80 18.64 -18.56
C ALA G 76 -37.96 17.15 -18.82
N ASN G 77 -37.91 16.33 -17.75
CA ASN G 77 -38.03 14.88 -17.83
C ASN G 77 -39.44 14.42 -18.23
N LEU G 78 -40.49 15.18 -17.83
CA LEU G 78 -41.88 14.88 -18.19
C LEU G 78 -42.05 14.97 -19.71
N GLY G 79 -41.43 15.99 -20.32
CA GLY G 79 -41.43 16.20 -21.76
C GLY G 79 -40.62 15.17 -22.50
N THR G 80 -39.47 14.75 -21.90
CA THR G 80 -38.56 13.74 -22.45
C THR G 80 -39.25 12.36 -22.50
N LEU G 81 -39.97 11.98 -21.43
CA LEU G 81 -40.66 10.69 -21.35
C LEU G 81 -41.89 10.64 -22.25
N ARG G 82 -42.52 11.81 -22.51
CA ARG G 82 -43.66 11.95 -23.42
C ARG G 82 -43.26 11.48 -24.82
N GLY G 83 -42.04 11.85 -25.23
CA GLY G 83 -41.46 11.50 -26.51
C GLY G 83 -41.02 10.05 -26.58
N TYR G 84 -40.48 9.52 -25.46
CA TYR G 84 -40.00 8.14 -25.32
C TYR G 84 -41.13 7.12 -25.49
N TYR G 85 -42.30 7.39 -24.87
CA TYR G 85 -43.47 6.52 -24.94
C TYR G 85 -44.44 6.93 -26.06
N ASN G 86 -44.06 7.99 -26.83
CA ASN G 86 -44.80 8.57 -27.96
C ASN G 86 -46.25 8.91 -27.54
N GLN G 87 -46.37 9.80 -26.54
CA GLN G 87 -47.64 10.24 -25.96
C GLN G 87 -47.98 11.68 -26.36
N SER G 88 -49.29 11.99 -26.36
CA SER G 88 -49.84 13.30 -26.71
C SER G 88 -49.68 14.31 -25.57
N GLU G 89 -49.76 15.61 -25.89
CA GLU G 89 -49.61 16.70 -24.93
C GLU G 89 -50.88 16.92 -24.07
N ASP G 90 -52.07 16.49 -24.54
CA ASP G 90 -53.34 16.69 -23.82
C ASP G 90 -53.54 15.79 -22.59
N GLY G 91 -52.59 14.88 -22.33
CA GLY G 91 -52.66 13.98 -21.19
C GLY G 91 -51.77 14.38 -20.02
N SER G 92 -52.25 14.13 -18.79
CA SER G 92 -51.51 14.43 -17.56
C SER G 92 -50.66 13.22 -17.17
N HIS G 93 -49.36 13.45 -16.89
CA HIS G 93 -48.42 12.38 -16.54
C HIS G 93 -47.67 12.69 -15.25
N THR G 94 -47.20 11.64 -14.55
CA THR G 94 -46.53 11.79 -13.25
C THR G 94 -45.17 11.08 -13.19
N ILE G 95 -44.19 11.78 -12.61
CA ILE G 95 -42.87 11.24 -12.34
C ILE G 95 -42.67 11.23 -10.81
N GLN G 96 -42.36 10.04 -10.27
CA GLN G 96 -42.12 9.86 -8.85
C GLN G 96 -40.71 9.40 -8.62
N ILE G 97 -40.06 9.99 -7.60
CA ILE G 97 -38.68 9.65 -7.23
C ILE G 97 -38.62 9.43 -5.73
N MET G 98 -37.97 8.34 -5.33
CA MET G 98 -37.68 8.00 -3.96
C MET G 98 -36.19 7.79 -3.85
N TYR G 99 -35.57 8.43 -2.85
CA TYR G 99 -34.17 8.21 -2.54
C TYR G 99 -33.92 8.46 -1.06
N GLY G 100 -32.88 7.81 -0.55
CA GLY G 100 -32.50 7.90 0.85
C GLY G 100 -31.56 6.81 1.29
N CYS G 101 -31.36 6.68 2.60
CA CYS G 101 -30.41 5.69 3.13
C CYS G 101 -30.85 5.15 4.49
N ASP G 102 -30.24 4.02 4.87
CA ASP G 102 -30.45 3.34 6.15
C ASP G 102 -29.14 3.29 6.94
N VAL G 103 -29.24 3.52 8.26
CA VAL G 103 -28.11 3.44 9.19
C VAL G 103 -28.46 2.43 10.28
N GLY G 104 -27.44 1.75 10.82
CA GLY G 104 -27.60 0.78 11.88
C GLY G 104 -27.70 1.43 13.25
N PRO G 105 -27.83 0.63 14.34
CA PRO G 105 -27.90 1.22 15.69
C PRO G 105 -26.65 1.99 16.09
N ASP G 106 -25.50 1.62 15.49
CA ASP G 106 -24.20 2.24 15.72
C ASP G 106 -23.96 3.47 14.80
N GLY G 107 -24.90 3.72 13.90
CA GLY G 107 -24.86 4.84 12.95
C GLY G 107 -24.13 4.53 11.65
N ARG G 108 -23.70 3.27 11.46
CA ARG G 108 -22.99 2.81 10.26
C ARG G 108 -23.95 2.63 9.07
N PHE G 109 -23.50 2.99 7.85
CA PHE G 109 -24.27 2.83 6.60
C PHE G 109 -24.57 1.35 6.35
N LEU G 110 -25.78 1.00 5.86
CA LEU G 110 -26.02 -0.40 5.51
C LEU G 110 -26.57 -0.51 4.08
N ARG G 111 -27.45 0.42 3.65
CA ARG G 111 -27.99 0.44 2.28
C ARG G 111 -28.48 1.83 1.87
N GLY G 112 -28.36 2.10 0.57
CA GLY G 112 -28.77 3.32 -0.11
C GLY G 112 -29.86 3.03 -1.14
N TYR G 113 -30.77 4.00 -1.36
CA TYR G 113 -31.90 3.82 -2.29
C TYR G 113 -32.05 4.96 -3.29
N ARG G 114 -32.44 4.62 -4.52
CA ARG G 114 -32.76 5.53 -5.61
C ARG G 114 -33.62 4.77 -6.61
N GLN G 115 -34.90 5.16 -6.67
CA GLN G 115 -35.89 4.53 -7.54
C GLN G 115 -36.76 5.59 -8.20
N ASP G 116 -37.00 5.45 -9.52
CA ASP G 116 -37.80 6.38 -10.31
C ASP G 116 -38.97 5.66 -10.99
N ALA G 117 -40.12 6.34 -11.09
CA ALA G 117 -41.32 5.79 -11.70
C ALA G 117 -42.02 6.77 -12.61
N TYR G 118 -42.62 6.27 -13.69
CA TYR G 118 -43.40 7.05 -14.63
C TYR G 118 -44.80 6.47 -14.67
N ASP G 119 -45.81 7.32 -14.32
CA ASP G 119 -47.23 6.99 -14.28
C ASP G 119 -47.51 5.76 -13.36
N GLY G 120 -46.86 5.74 -12.20
CA GLY G 120 -47.00 4.70 -11.18
C GLY G 120 -46.38 3.36 -11.47
N LYS G 121 -45.53 3.29 -12.51
CA LYS G 121 -44.85 2.06 -12.91
C LYS G 121 -43.35 2.30 -12.89
N ASP G 122 -42.57 1.28 -12.47
CA ASP G 122 -41.11 1.34 -12.39
C ASP G 122 -40.53 1.86 -13.69
N TYR G 123 -39.53 2.75 -13.59
CA TYR G 123 -38.86 3.29 -14.77
C TYR G 123 -37.40 2.88 -14.69
N ILE G 124 -36.64 3.49 -13.77
CA ILE G 124 -35.24 3.18 -13.56
C ILE G 124 -34.97 3.13 -12.05
N ALA G 125 -34.10 2.20 -11.63
CA ALA G 125 -33.75 2.03 -10.24
C ALA G 125 -32.28 1.70 -10.08
N LEU G 126 -31.66 2.25 -9.03
CA LEU G 126 -30.28 1.96 -8.68
C LEU G 126 -30.29 0.66 -7.89
N ASN G 127 -29.41 -0.29 -8.26
CA ASN G 127 -29.32 -1.58 -7.58
C ASN G 127 -28.69 -1.44 -6.20
N GLU G 128 -28.87 -2.45 -5.33
CA GLU G 128 -28.36 -2.50 -3.95
C GLU G 128 -26.84 -2.24 -3.87
N ASP G 129 -26.08 -2.67 -4.90
CA ASP G 129 -24.62 -2.49 -4.97
C ASP G 129 -24.21 -1.02 -5.20
N LEU G 130 -25.17 -0.16 -5.61
CA LEU G 130 -25.02 1.28 -5.91
C LEU G 130 -23.97 1.49 -7.04
N ARG G 131 -23.87 0.49 -7.95
CA ARG G 131 -22.91 0.45 -9.05
C ARG G 131 -23.59 0.27 -10.41
N SER G 132 -24.80 -0.34 -10.42
CA SER G 132 -25.55 -0.63 -11.64
C SER G 132 -27.01 -0.16 -11.56
N TRP G 133 -27.68 -0.09 -12.72
CA TRP G 133 -29.08 0.33 -12.85
C TRP G 133 -29.97 -0.79 -13.39
N THR G 134 -31.25 -0.77 -13.01
CA THR G 134 -32.27 -1.71 -13.48
C THR G 134 -33.31 -0.89 -14.26
N ALA G 135 -33.36 -1.13 -15.58
CA ALA G 135 -34.31 -0.48 -16.50
C ALA G 135 -35.52 -1.38 -16.64
N ALA G 136 -36.72 -0.84 -16.36
CA ALA G 136 -37.97 -1.59 -16.41
C ALA G 136 -38.42 -1.95 -17.83
N ASP G 137 -38.25 -1.02 -18.80
CA ASP G 137 -38.65 -1.23 -20.19
C ASP G 137 -37.60 -0.69 -21.17
N MET G 138 -37.91 -0.73 -22.49
CA MET G 138 -37.04 -0.29 -23.58
C MET G 138 -36.75 1.22 -23.51
N ALA G 139 -37.74 2.04 -23.10
CA ALA G 139 -37.59 3.49 -22.97
C ALA G 139 -36.61 3.86 -21.84
N ALA G 140 -36.62 3.07 -20.75
CA ALA G 140 -35.74 3.25 -19.60
C ALA G 140 -34.30 2.87 -19.91
N GLN G 141 -34.10 1.96 -20.89
CA GLN G 141 -32.79 1.50 -21.35
C GLN G 141 -32.02 2.63 -22.03
N ILE G 142 -32.74 3.61 -22.62
CA ILE G 142 -32.17 4.81 -23.25
C ILE G 142 -31.51 5.65 -22.15
N THR G 143 -32.22 5.83 -21.02
CA THR G 143 -31.75 6.56 -19.84
C THR G 143 -30.57 5.81 -19.20
N LYS G 144 -30.68 4.47 -19.06
CA LYS G 144 -29.67 3.58 -18.49
C LYS G 144 -28.32 3.72 -19.21
N ARG G 145 -28.34 3.74 -20.56
CA ARG G 145 -27.15 3.88 -21.41
C ARG G 145 -26.53 5.28 -21.26
N LYS G 146 -27.38 6.32 -21.11
CA LYS G 146 -26.96 7.71 -20.95
C LYS G 146 -26.33 7.93 -19.58
N TRP G 147 -26.92 7.31 -18.53
CA TRP G 147 -26.46 7.43 -17.14
C TRP G 147 -25.18 6.62 -16.91
N GLU G 148 -24.99 5.50 -17.64
CA GLU G 148 -23.76 4.70 -17.56
C GLU G 148 -22.59 5.44 -18.20
N ALA G 149 -22.87 6.17 -19.28
CA ALA G 149 -21.89 6.95 -20.04
C ALA G 149 -21.32 8.11 -19.22
N VAL G 150 -22.12 8.69 -18.30
CA VAL G 150 -21.71 9.81 -17.45
C VAL G 150 -21.39 9.34 -16.00
N HIS G 151 -21.37 8.00 -15.78
CA HIS G 151 -21.08 7.31 -14.50
C HIS G 151 -21.94 7.91 -13.35
N ALA G 152 -23.27 7.97 -13.58
CA ALA G 152 -24.25 8.50 -12.64
C ALA G 152 -24.36 7.68 -11.36
N ALA G 153 -24.21 6.34 -11.45
CA ALA G 153 -24.27 5.41 -10.32
C ALA G 153 -23.24 5.74 -9.24
N GLU G 154 -22.02 6.15 -9.67
CA GLU G 154 -20.93 6.55 -8.76
C GLU G 154 -21.30 7.83 -8.00
N GLN G 155 -21.89 8.83 -8.69
CA GLN G 155 -22.30 10.11 -8.10
C GLN G 155 -23.44 9.92 -7.11
N ARG G 156 -24.33 8.94 -7.36
CA ARG G 156 -25.43 8.59 -6.46
C ARG G 156 -24.85 7.97 -5.19
N ARG G 157 -23.88 7.03 -5.35
N ARG G 157 -23.87 7.04 -5.35
CA ARG G 157 -23.18 6.35 -4.26
CA ARG G 157 -23.17 6.34 -4.27
C ARG G 157 -22.47 7.35 -3.33
C ARG G 157 -22.46 7.34 -3.33
N VAL G 158 -21.84 8.40 -3.91
CA VAL G 158 -21.13 9.47 -3.17
C VAL G 158 -22.13 10.21 -2.24
N TYR G 159 -23.34 10.53 -2.74
CA TYR G 159 -24.37 11.18 -1.93
C TYR G 159 -24.92 10.25 -0.83
N LEU G 160 -25.34 9.02 -1.21
CA LEU G 160 -25.95 8.04 -0.30
C LEU G 160 -25.02 7.61 0.84
N GLU G 161 -23.73 7.35 0.56
CA GLU G 161 -22.74 6.94 1.56
C GLU G 161 -22.05 8.15 2.23
N GLY G 162 -22.35 9.36 1.75
CA GLY G 162 -21.76 10.59 2.27
C GLY G 162 -22.74 11.51 2.98
N ARG G 163 -23.14 12.59 2.29
CA ARG G 163 -24.06 13.62 2.79
C ARG G 163 -25.37 13.07 3.34
N CYS G 164 -25.93 12.02 2.71
CA CYS G 164 -27.19 11.40 3.12
C CYS G 164 -27.09 10.78 4.53
N VAL G 165 -26.05 9.94 4.79
CA VAL G 165 -25.84 9.30 6.10
C VAL G 165 -25.44 10.35 7.15
N ASP G 166 -24.61 11.36 6.76
CA ASP G 166 -24.16 12.45 7.65
C ASP G 166 -25.36 13.27 8.10
N GLY G 167 -26.27 13.55 7.16
CA GLY G 167 -27.51 14.28 7.39
C GLY G 167 -28.41 13.54 8.37
N LEU G 168 -28.62 12.23 8.11
CA LEU G 168 -29.44 11.33 8.95
C LEU G 168 -28.87 11.23 10.38
N ARG G 169 -27.54 11.02 10.53
CA ARG G 169 -26.86 10.93 11.83
C ARG G 169 -27.08 12.19 12.66
N ARG G 170 -26.96 13.37 12.02
CA ARG G 170 -27.13 14.69 12.64
C ARG G 170 -28.57 14.91 13.08
N TYR G 171 -29.56 14.53 12.24
CA TYR G 171 -31.00 14.67 12.52
C TYR G 171 -31.40 13.81 13.70
N LEU G 172 -30.87 12.58 13.79
CA LEU G 172 -31.12 11.63 14.88
C LEU G 172 -30.58 12.15 16.21
N GLU G 173 -29.40 12.79 16.20
CA GLU G 173 -28.75 13.38 17.38
C GLU G 173 -29.53 14.59 17.87
N ASN G 174 -29.95 15.46 16.93
CA ASN G 174 -30.72 16.69 17.18
C ASN G 174 -32.12 16.39 17.75
N GLY G 175 -32.79 15.38 17.21
CA GLY G 175 -34.13 14.98 17.63
C GLY G 175 -34.20 13.64 18.33
N LYS G 176 -33.14 13.28 19.08
CA LYS G 176 -32.98 12.01 19.81
C LYS G 176 -34.13 11.72 20.78
N GLU G 177 -34.60 12.74 21.51
CA GLU G 177 -35.68 12.63 22.50
C GLU G 177 -37.05 12.32 21.84
N THR G 178 -37.14 12.41 20.49
CA THR G 178 -38.37 12.12 19.75
C THR G 178 -38.17 10.96 18.78
N LEU G 179 -37.08 10.99 17.99
CA LEU G 179 -36.74 10.01 16.96
C LEU G 179 -36.35 8.66 17.55
N GLN G 180 -35.44 8.65 18.54
CA GLN G 180 -34.98 7.41 19.16
C GLN G 180 -35.90 7.01 20.34
N ARG G 181 -37.09 7.64 20.41
CA ARG G 181 -38.14 7.37 21.39
C ARG G 181 -39.17 6.44 20.76
N THR G 182 -39.58 5.43 21.51
CA THR G 182 -40.56 4.43 21.07
C THR G 182 -41.83 4.59 21.91
N ASP G 183 -42.96 4.86 21.25
CA ASP G 183 -44.24 5.01 21.93
C ASP G 183 -44.97 3.68 21.88
N PRO G 184 -45.17 2.98 23.02
CA PRO G 184 -45.87 1.70 22.98
C PRO G 184 -47.36 1.87 22.67
N PRO G 185 -48.03 0.88 22.02
CA PRO G 185 -49.46 1.05 21.74
C PRO G 185 -50.33 0.93 22.99
N LYS G 186 -51.38 1.77 23.06
CA LYS G 186 -52.39 1.73 24.11
C LYS G 186 -53.43 0.75 23.59
N THR G 187 -53.61 -0.38 24.28
CA THR G 187 -54.49 -1.44 23.79
C THR G 187 -55.79 -1.59 24.60
N HIS G 188 -56.87 -1.98 23.91
CA HIS G 188 -58.19 -2.26 24.47
C HIS G 188 -58.97 -3.15 23.52
N MET G 189 -59.96 -3.88 24.05
CA MET G 189 -60.78 -4.80 23.28
C MET G 189 -62.25 -4.46 23.42
N THR G 190 -63.00 -4.56 22.31
CA THR G 190 -64.44 -4.34 22.29
C THR G 190 -65.14 -5.64 21.91
N HIS G 191 -66.37 -5.81 22.39
CA HIS G 191 -67.20 -6.98 22.17
C HIS G 191 -68.60 -6.49 21.84
N HIS G 192 -69.12 -6.90 20.67
N HIS G 192 -69.11 -6.88 20.67
CA HIS G 192 -70.43 -6.50 20.20
CA HIS G 192 -70.44 -6.49 20.20
C HIS G 192 -71.16 -7.70 19.61
C HIS G 192 -71.16 -7.70 19.61
N PRO G 193 -72.29 -8.14 20.20
CA PRO G 193 -73.02 -9.29 19.64
C PRO G 193 -73.73 -8.88 18.35
N ILE G 194 -73.59 -9.72 17.31
CA ILE G 194 -74.21 -9.47 16.00
C ILE G 194 -75.53 -10.28 15.93
N SER G 195 -75.69 -11.24 16.87
CA SER G 195 -76.85 -12.10 17.07
C SER G 195 -76.79 -12.73 18.47
N ASP G 196 -77.69 -13.69 18.74
CA ASP G 196 -77.75 -14.39 20.03
C ASP G 196 -76.72 -15.54 20.09
N HIS G 197 -76.08 -15.88 18.94
CA HIS G 197 -75.10 -16.97 18.83
C HIS G 197 -73.70 -16.53 18.39
N GLU G 198 -73.54 -15.28 17.87
CA GLU G 198 -72.23 -14.78 17.43
C GLU G 198 -71.95 -13.37 17.95
N ALA G 199 -70.65 -13.03 18.09
CA ALA G 199 -70.18 -11.71 18.55
C ALA G 199 -68.84 -11.35 17.90
N THR G 200 -68.64 -10.05 17.65
CA THR G 200 -67.39 -9.57 17.06
C THR G 200 -66.48 -9.04 18.17
N LEU G 201 -65.22 -9.53 18.17
CA LEU G 201 -64.17 -9.11 19.09
C LEU G 201 -63.20 -8.26 18.29
N ARG G 202 -63.01 -6.99 18.71
CA ARG G 202 -62.09 -6.09 18.02
C ARG G 202 -60.99 -5.66 18.98
N CYS G 203 -59.73 -5.92 18.59
CA CYS G 203 -58.59 -5.53 19.40
C CYS G 203 -57.92 -4.31 18.80
N TRP G 204 -57.74 -3.28 19.62
CA TRP G 204 -57.17 -1.99 19.22
C TRP G 204 -55.75 -1.78 19.67
N ALA G 205 -55.01 -0.98 18.89
CA ALA G 205 -53.65 -0.52 19.16
C ALA G 205 -53.61 0.94 18.75
N LEU G 206 -53.47 1.85 19.74
CA LEU G 206 -53.50 3.29 19.46
C LEU G 206 -52.29 4.01 20.05
N GLY G 207 -51.97 5.18 19.49
CA GLY G 207 -50.89 6.04 19.96
C GLY G 207 -49.50 5.46 19.94
N PHE G 208 -49.20 4.60 18.94
CA PHE G 208 -47.88 3.98 18.86
C PHE G 208 -46.98 4.62 17.80
N TYR G 209 -45.66 4.51 18.04
CA TYR G 209 -44.58 4.99 17.18
C TYR G 209 -43.33 4.11 17.41
N PRO G 210 -42.65 3.59 16.36
CA PRO G 210 -42.92 3.74 14.91
C PRO G 210 -44.18 3.00 14.44
N ALA G 211 -44.53 3.17 13.15
CA ALA G 211 -45.72 2.58 12.51
C ALA G 211 -45.72 1.05 12.49
N GLU G 212 -44.53 0.40 12.44
CA GLU G 212 -44.36 -1.06 12.42
C GLU G 212 -44.98 -1.70 13.65
N ILE G 213 -45.94 -2.61 13.43
CA ILE G 213 -46.69 -3.33 14.45
C ILE G 213 -47.23 -4.65 13.87
N THR G 214 -47.55 -5.62 14.74
CA THR G 214 -48.15 -6.90 14.34
C THR G 214 -49.32 -7.17 15.28
N LEU G 215 -50.53 -7.34 14.70
CA LEU G 215 -51.76 -7.69 15.40
C LEU G 215 -52.23 -9.04 14.88
N THR G 216 -52.25 -10.06 15.73
CA THR G 216 -52.64 -11.42 15.32
C THR G 216 -53.62 -12.03 16.31
N TRP G 217 -54.72 -12.60 15.78
CA TRP G 217 -55.73 -13.29 16.58
C TRP G 217 -55.42 -14.78 16.63
N GLN G 218 -55.62 -15.40 17.79
CA GLN G 218 -55.37 -16.83 17.98
C GLN G 218 -56.52 -17.48 18.71
N ARG G 219 -56.80 -18.74 18.38
CA ARG G 219 -57.82 -19.58 19.01
C ARG G 219 -57.08 -20.80 19.54
N ASP G 220 -57.06 -20.98 20.88
CA ASP G 220 -56.35 -22.05 21.59
C ASP G 220 -54.85 -22.03 21.23
N GLY G 221 -54.29 -20.83 21.11
CA GLY G 221 -52.89 -20.60 20.74
C GLY G 221 -52.52 -20.91 19.31
N GLU G 222 -53.52 -21.01 18.41
CA GLU G 222 -53.31 -21.28 16.97
C GLU G 222 -53.73 -20.04 16.17
N ASP G 223 -52.84 -19.57 15.27
CA ASP G 223 -53.06 -18.39 14.42
C ASP G 223 -54.41 -18.50 13.68
N GLN G 224 -55.22 -17.44 13.78
CA GLN G 224 -56.54 -17.37 13.16
C GLN G 224 -56.57 -16.28 12.09
N THR G 225 -56.70 -16.70 10.81
CA THR G 225 -56.79 -15.83 9.64
C THR G 225 -58.22 -15.82 9.10
N GLN G 226 -58.96 -16.92 9.33
CA GLN G 226 -60.37 -17.08 8.93
C GLN G 226 -61.28 -16.32 9.90
N ASP G 227 -62.40 -15.75 9.39
CA ASP G 227 -63.41 -14.96 10.11
C ASP G 227 -62.78 -13.69 10.77
N THR G 228 -61.66 -13.20 10.21
CA THR G 228 -60.93 -12.05 10.74
C THR G 228 -60.90 -10.86 9.75
N GLU G 229 -60.57 -9.66 10.26
CA GLU G 229 -60.40 -8.43 9.47
C GLU G 229 -59.28 -7.61 10.09
N LEU G 230 -58.21 -7.39 9.32
CA LEU G 230 -57.06 -6.58 9.72
C LEU G 230 -57.00 -5.33 8.86
N VAL G 231 -57.17 -4.16 9.48
CA VAL G 231 -57.14 -2.89 8.74
C VAL G 231 -55.70 -2.41 8.60
N GLU G 232 -55.44 -1.61 7.55
CA GLU G 232 -54.14 -1.02 7.26
C GLU G 232 -53.77 -0.05 8.38
N THR G 233 -52.48 -0.02 8.78
CA THR G 233 -51.97 0.90 9.82
C THR G 233 -52.25 2.32 9.33
N ARG G 234 -52.90 3.14 10.15
CA ARG G 234 -53.30 4.48 9.75
C ARG G 234 -52.71 5.58 10.66
N PRO G 235 -52.38 6.77 10.13
CA PRO G 235 -51.88 7.84 10.99
C PRO G 235 -52.99 8.50 11.81
N ALA G 236 -52.72 8.79 13.08
CA ALA G 236 -53.69 9.45 13.96
C ALA G 236 -53.78 10.94 13.63
N GLY G 237 -52.70 11.50 13.11
CA GLY G 237 -52.60 12.91 12.73
C GLY G 237 -51.77 13.74 13.69
N ASP G 238 -51.27 13.12 14.77
CA ASP G 238 -50.45 13.77 15.79
C ASP G 238 -49.03 13.15 15.83
N GLY G 239 -48.67 12.43 14.77
CA GLY G 239 -47.36 11.78 14.63
C GLY G 239 -47.34 10.35 15.13
N THR G 240 -48.51 9.85 15.61
CA THR G 240 -48.65 8.49 16.11
C THR G 240 -49.53 7.67 15.16
N PHE G 241 -49.58 6.33 15.33
CA PHE G 241 -50.34 5.47 14.44
C PHE G 241 -51.38 4.62 15.16
N GLN G 242 -52.33 4.07 14.37
CA GLN G 242 -53.45 3.25 14.84
C GLN G 242 -53.61 1.99 13.99
N LYS G 243 -54.15 0.92 14.60
CA LYS G 243 -54.43 -0.35 13.91
C LYS G 243 -55.40 -1.18 14.74
N TRP G 244 -56.27 -1.95 14.08
CA TRP G 244 -57.17 -2.86 14.76
C TRP G 244 -57.34 -4.15 13.98
N ALA G 245 -57.66 -5.23 14.70
CA ALA G 245 -57.91 -6.57 14.19
C ALA G 245 -59.18 -7.10 14.83
N ALA G 246 -60.14 -7.55 14.02
CA ALA G 246 -61.41 -8.06 14.50
C ALA G 246 -61.66 -9.51 14.09
N VAL G 247 -62.37 -10.27 14.93
CA VAL G 247 -62.73 -11.67 14.67
C VAL G 247 -64.18 -11.93 15.16
N VAL G 248 -64.96 -12.68 14.35
CA VAL G 248 -66.33 -13.07 14.70
C VAL G 248 -66.23 -14.42 15.40
N VAL G 249 -66.68 -14.48 16.66
CA VAL G 249 -66.56 -15.69 17.49
C VAL G 249 -67.95 -16.21 17.94
N PRO G 250 -68.12 -17.54 18.18
CA PRO G 250 -69.40 -18.02 18.69
C PRO G 250 -69.59 -17.57 20.14
N SER G 251 -70.82 -17.13 20.49
CA SER G 251 -71.17 -16.65 21.84
C SER G 251 -70.89 -17.73 22.89
N GLY G 252 -70.15 -17.34 23.93
CA GLY G 252 -69.75 -18.22 25.03
C GLY G 252 -68.38 -18.82 24.86
N GLU G 253 -67.69 -18.50 23.74
CA GLU G 253 -66.35 -19.03 23.43
C GLU G 253 -65.29 -17.91 23.31
N GLU G 254 -65.61 -16.68 23.78
CA GLU G 254 -64.75 -15.48 23.74
C GLU G 254 -63.37 -15.72 24.38
N GLN G 255 -63.33 -16.44 25.52
CA GLN G 255 -62.12 -16.75 26.31
C GLN G 255 -61.10 -17.63 25.57
N ARG G 256 -61.52 -18.34 24.51
CA ARG G 256 -60.65 -19.22 23.71
C ARG G 256 -59.76 -18.39 22.76
N TYR G 257 -60.13 -17.12 22.53
CA TYR G 257 -59.47 -16.22 21.60
C TYR G 257 -58.57 -15.22 22.31
N THR G 258 -57.36 -15.03 21.74
CA THR G 258 -56.35 -14.09 22.24
C THR G 258 -55.79 -13.24 21.11
N CYS G 259 -55.52 -11.98 21.40
CA CYS G 259 -54.89 -11.10 20.43
C CYS G 259 -53.47 -10.81 20.86
N HIS G 260 -52.52 -10.99 19.93
CA HIS G 260 -51.09 -10.79 20.20
C HIS G 260 -50.62 -9.51 19.55
N VAL G 261 -50.10 -8.58 20.37
CA VAL G 261 -49.61 -7.28 19.93
C VAL G 261 -48.07 -7.26 20.03
N GLN G 262 -47.41 -7.03 18.89
CA GLN G 262 -45.94 -6.95 18.82
C GLN G 262 -45.54 -5.57 18.33
N HIS G 263 -44.71 -4.87 19.12
CA HIS G 263 -44.19 -3.54 18.83
C HIS G 263 -42.84 -3.35 19.52
N GLU G 264 -41.96 -2.52 18.93
CA GLU G 264 -40.61 -2.21 19.42
C GLU G 264 -40.65 -1.46 20.76
N GLY G 265 -41.73 -0.71 21.01
CA GLY G 265 -41.96 0.07 22.22
C GLY G 265 -42.37 -0.77 23.42
N LEU G 266 -42.83 -2.01 23.17
CA LEU G 266 -43.26 -2.97 24.19
C LEU G 266 -42.04 -3.74 24.77
N PRO G 267 -41.91 -3.85 26.11
CA PRO G 267 -40.78 -4.61 26.67
C PRO G 267 -40.93 -6.11 26.42
N LYS G 268 -42.17 -6.58 26.25
CA LYS G 268 -42.58 -7.96 25.97
C LYS G 268 -43.89 -7.92 25.14
N PRO G 269 -44.12 -8.82 24.15
CA PRO G 269 -45.38 -8.78 23.40
C PRO G 269 -46.61 -9.01 24.30
N LEU G 270 -47.70 -8.28 24.03
CA LEU G 270 -48.95 -8.34 24.77
C LEU G 270 -49.85 -9.48 24.32
N THR G 271 -50.62 -10.05 25.26
CA THR G 271 -51.61 -11.10 25.01
C THR G 271 -52.91 -10.60 25.65
N LEU G 272 -53.87 -10.16 24.82
CA LEU G 272 -55.16 -9.63 25.26
C LEU G 272 -56.25 -10.66 25.10
N ARG G 273 -57.10 -10.79 26.13
CA ARG G 273 -58.20 -11.75 26.17
C ARG G 273 -59.47 -11.10 26.75
N TRP G 274 -60.63 -11.40 26.15
CA TRP G 274 -61.92 -10.88 26.61
C TRP G 274 -62.36 -11.63 27.87
N MET H 1 -52.51 1.83 -19.55
CA MET H 1 -52.17 2.51 -18.32
C MET H 1 -52.77 1.82 -17.10
N ILE H 2 -52.07 1.88 -15.95
CA ILE H 2 -52.52 1.25 -14.70
C ILE H 2 -52.99 2.32 -13.71
N GLN H 3 -54.30 2.33 -13.42
CA GLN H 3 -54.93 3.21 -12.44
C GLN H 3 -55.24 2.39 -11.19
N ARG H 4 -55.10 3.00 -10.01
CA ARG H 4 -55.34 2.34 -8.73
C ARG H 4 -56.44 3.08 -7.96
N THR H 5 -57.43 2.33 -7.48
CA THR H 5 -58.57 2.89 -6.76
C THR H 5 -58.18 3.13 -5.27
N PRO H 6 -58.58 4.27 -4.68
CA PRO H 6 -58.20 4.53 -3.28
C PRO H 6 -58.91 3.67 -2.25
N LYS H 7 -58.17 3.35 -1.18
CA LYS H 7 -58.66 2.67 0.01
C LYS H 7 -59.08 3.79 0.94
N ILE H 8 -60.22 3.66 1.63
CA ILE H 8 -60.70 4.75 2.48
C ILE H 8 -60.94 4.26 3.92
N GLN H 9 -60.47 5.07 4.90
CA GLN H 9 -60.67 4.85 6.33
C GLN H 9 -61.10 6.16 6.97
N VAL H 10 -62.25 6.15 7.69
CA VAL H 10 -62.80 7.31 8.39
C VAL H 10 -62.76 6.98 9.88
N TYR H 11 -62.12 7.84 10.68
CA TYR H 11 -61.91 7.63 12.11
C TYR H 11 -61.56 8.91 12.85
N SER H 12 -61.44 8.83 14.19
CA SER H 12 -61.08 9.97 15.04
C SER H 12 -59.63 9.84 15.54
N ARG H 13 -58.97 10.98 15.85
CA ARG H 13 -57.58 11.03 16.34
C ARG H 13 -57.46 10.31 17.69
N HIS H 14 -58.38 10.59 18.63
CA HIS H 14 -58.43 9.98 19.96
C HIS H 14 -59.78 9.24 20.14
N PRO H 15 -59.91 8.25 21.07
CA PRO H 15 -61.21 7.58 21.24
C PRO H 15 -62.33 8.59 21.50
N ALA H 16 -63.42 8.48 20.73
CA ALA H 16 -64.57 9.39 20.77
C ALA H 16 -65.27 9.39 22.14
N GLU H 17 -65.53 10.61 22.64
CA GLU H 17 -66.23 10.92 23.88
C GLU H 17 -67.24 12.01 23.56
N ASN H 18 -68.53 11.73 23.79
CA ASN H 18 -69.62 12.67 23.49
C ASN H 18 -69.45 14.01 24.21
N GLY H 19 -69.44 15.08 23.43
CA GLY H 19 -69.28 16.45 23.91
C GLY H 19 -67.85 16.92 24.08
N LYS H 20 -66.87 16.03 23.81
CA LYS H 20 -65.44 16.31 23.93
C LYS H 20 -64.83 16.56 22.54
N SER H 21 -64.09 17.68 22.39
CA SER H 21 -63.43 18.07 21.15
C SER H 21 -62.42 17.02 20.69
N ASN H 22 -62.43 16.74 19.38
CA ASN H 22 -61.59 15.72 18.75
C ASN H 22 -61.27 16.13 17.29
N PHE H 23 -60.61 15.24 16.54
CA PHE H 23 -60.28 15.45 15.13
C PHE H 23 -60.84 14.30 14.30
N LEU H 24 -61.64 14.64 13.27
CA LEU H 24 -62.23 13.67 12.35
C LEU H 24 -61.26 13.50 11.21
N ASN H 25 -60.84 12.25 10.97
CA ASN H 25 -59.86 11.91 9.96
C ASN H 25 -60.39 11.07 8.85
N CYS H 26 -59.81 11.26 7.66
CA CYS H 26 -60.08 10.43 6.51
C CYS H 26 -58.77 10.14 5.81
N TYR H 27 -58.34 8.88 5.90
CA TYR H 27 -57.10 8.42 5.31
C TYR H 27 -57.39 7.74 3.98
N VAL H 28 -56.84 8.30 2.89
CA VAL H 28 -56.96 7.79 1.53
C VAL H 28 -55.59 7.27 1.10
N SER H 29 -55.52 6.02 0.61
CA SER H 29 -54.25 5.40 0.21
C SER H 29 -54.43 4.42 -0.94
N GLY H 30 -53.32 3.90 -1.46
CA GLY H 30 -53.30 2.93 -2.54
C GLY H 30 -53.86 3.41 -3.86
N PHE H 31 -53.87 4.74 -4.10
CA PHE H 31 -54.42 5.31 -5.33
C PHE H 31 -53.35 5.85 -6.28
N HIS H 32 -53.74 5.92 -7.57
CA HIS H 32 -52.95 6.46 -8.70
C HIS H 32 -53.90 6.77 -9.87
N PRO H 33 -53.88 8.00 -10.47
CA PRO H 33 -53.01 9.16 -10.22
C PRO H 33 -53.30 9.90 -8.90
N SER H 34 -52.47 10.93 -8.61
CA SER H 34 -52.50 11.72 -7.38
C SER H 34 -53.76 12.59 -7.20
N ASP H 35 -54.40 13.04 -8.31
CA ASP H 35 -55.59 13.87 -8.28
C ASP H 35 -56.74 13.16 -7.55
N ILE H 36 -57.21 13.74 -6.42
CA ILE H 36 -58.29 13.15 -5.61
C ILE H 36 -59.13 14.25 -4.94
N GLU H 37 -60.44 13.97 -4.74
CA GLU H 37 -61.41 14.86 -4.10
C GLU H 37 -61.86 14.20 -2.80
N VAL H 38 -61.57 14.83 -1.65
CA VAL H 38 -61.95 14.26 -0.34
C VAL H 38 -62.68 15.32 0.50
N ASP H 39 -63.96 15.05 0.82
CA ASP H 39 -64.81 15.92 1.64
C ASP H 39 -65.18 15.23 2.94
N LEU H 40 -65.26 16.00 4.04
CA LEU H 40 -65.68 15.49 5.34
C LEU H 40 -67.08 16.06 5.62
N LEU H 41 -68.03 15.18 5.99
CA LEU H 41 -69.44 15.58 6.16
C LEU H 41 -69.97 15.43 7.57
N LYS H 42 -70.88 16.35 7.95
CA LYS H 42 -71.61 16.35 9.21
C LYS H 42 -73.11 16.23 8.89
N ASN H 43 -73.71 15.06 9.26
CA ASN H 43 -75.10 14.64 9.07
C ASN H 43 -75.49 14.46 7.58
N GLY H 44 -74.79 15.16 6.69
CA GLY H 44 -74.98 15.14 5.25
C GLY H 44 -74.43 16.37 4.58
N GLU H 45 -74.11 17.41 5.39
CA GLU H 45 -73.58 18.69 4.95
C GLU H 45 -72.05 18.72 5.01
N ARG H 46 -71.43 19.32 3.99
CA ARG H 46 -69.98 19.45 3.81
C ARG H 46 -69.34 20.41 4.83
N ILE H 47 -68.27 19.94 5.52
CA ILE H 47 -67.48 20.73 6.47
C ILE H 47 -66.51 21.57 5.66
N GLU H 48 -66.55 22.91 5.85
CA GLU H 48 -65.77 23.90 5.11
C GLU H 48 -64.25 23.82 5.41
N LYS H 49 -63.83 24.13 6.65
CA LYS H 49 -62.40 24.16 6.98
C LYS H 49 -61.87 22.74 7.25
N VAL H 50 -61.42 22.09 6.17
CA VAL H 50 -60.84 20.73 6.17
C VAL H 50 -59.39 20.85 5.62
N GLU H 51 -58.42 20.38 6.41
CA GLU H 51 -56.98 20.40 6.08
C GLU H 51 -56.49 19.02 5.65
N HIS H 52 -55.34 18.96 4.95
CA HIS H 52 -54.78 17.68 4.53
C HIS H 52 -53.24 17.67 4.59
N SER H 53 -52.67 16.46 4.69
CA SER H 53 -51.24 16.21 4.74
C SER H 53 -50.57 16.49 3.38
N ASP H 54 -49.24 16.54 3.36
CA ASP H 54 -48.47 16.75 2.13
C ASP H 54 -48.40 15.43 1.39
N LEU H 55 -48.66 15.46 0.07
CA LEU H 55 -48.70 14.28 -0.80
C LEU H 55 -47.40 13.46 -0.73
N SER H 56 -47.55 12.17 -0.42
CA SER H 56 -46.48 11.18 -0.33
C SER H 56 -46.95 9.86 -0.94
N PHE H 57 -46.05 8.87 -1.07
CA PHE H 57 -46.38 7.58 -1.67
C PHE H 57 -45.63 6.41 -1.03
N SER H 58 -46.19 5.19 -1.19
CA SER H 58 -45.64 3.93 -0.66
C SER H 58 -44.62 3.32 -1.63
N LYS H 59 -44.02 2.17 -1.27
CA LYS H 59 -43.01 1.46 -2.07
C LYS H 59 -43.58 0.98 -3.41
N ASP H 60 -44.90 0.69 -3.48
CA ASP H 60 -45.58 0.24 -4.70
C ASP H 60 -45.95 1.43 -5.63
N TRP H 61 -45.56 2.68 -5.24
CA TRP H 61 -45.75 3.97 -5.92
C TRP H 61 -47.16 4.58 -5.73
N SER H 62 -48.05 3.87 -5.02
CA SER H 62 -49.40 4.36 -4.77
C SER H 62 -49.38 5.49 -3.73
N PHE H 63 -50.19 6.53 -3.95
CA PHE H 63 -50.24 7.71 -3.10
C PHE H 63 -51.10 7.54 -1.85
N TYR H 64 -50.83 8.35 -0.82
CA TYR H 64 -51.60 8.38 0.41
C TYR H 64 -51.71 9.81 0.93
N LEU H 65 -52.87 10.15 1.55
CA LEU H 65 -53.18 11.45 2.11
C LEU H 65 -54.07 11.33 3.34
N LEU H 66 -53.90 12.25 4.29
CA LEU H 66 -54.73 12.33 5.48
C LEU H 66 -55.45 13.66 5.48
N TYR H 67 -56.79 13.61 5.47
CA TYR H 67 -57.69 14.75 5.52
C TYR H 67 -58.24 14.83 6.94
N TYR H 68 -58.21 16.01 7.54
CA TYR H 68 -58.62 16.14 8.94
C TYR H 68 -59.28 17.49 9.25
N THR H 69 -60.18 17.48 10.24
CA THR H 69 -60.88 18.66 10.74
C THR H 69 -61.26 18.44 12.20
N GLU H 70 -61.34 19.54 12.97
CA GLU H 70 -61.78 19.47 14.35
C GLU H 70 -63.28 19.15 14.37
N PHE H 71 -63.72 18.31 15.31
CA PHE H 71 -65.11 17.93 15.44
C PHE H 71 -65.42 17.55 16.88
N THR H 72 -66.67 17.75 17.29
CA THR H 72 -67.13 17.42 18.63
C THR H 72 -68.24 16.35 18.47
N PRO H 73 -67.88 15.05 18.63
CA PRO H 73 -68.90 13.99 18.47
C PRO H 73 -69.99 14.03 19.53
N THR H 74 -71.22 13.68 19.13
CA THR H 74 -72.38 13.59 20.03
C THR H 74 -73.03 12.22 19.81
N GLU H 75 -74.14 11.93 20.49
CA GLU H 75 -74.82 10.64 20.38
C GLU H 75 -75.57 10.48 19.03
N LYS H 76 -76.31 11.52 18.61
CA LYS H 76 -77.15 11.48 17.40
C LYS H 76 -76.47 12.00 16.12
N ASP H 77 -75.52 12.97 16.21
CA ASP H 77 -74.88 13.55 15.01
C ASP H 77 -74.05 12.52 14.22
N GLU H 78 -74.34 12.44 12.92
CA GLU H 78 -73.70 11.53 11.97
C GLU H 78 -72.53 12.20 11.27
N TYR H 79 -71.47 11.43 11.01
CA TYR H 79 -70.28 11.90 10.30
C TYR H 79 -69.89 10.90 9.22
N ALA H 80 -69.41 11.42 8.10
CA ALA H 80 -69.00 10.59 6.97
C ALA H 80 -67.93 11.26 6.14
N CYS H 81 -67.34 10.50 5.21
CA CYS H 81 -66.37 11.04 4.28
C CYS H 81 -66.77 10.69 2.86
N ARG H 82 -66.67 11.67 1.96
CA ARG H 82 -67.03 11.54 0.56
C ARG H 82 -65.75 11.66 -0.29
N VAL H 83 -65.40 10.59 -1.02
CA VAL H 83 -64.18 10.54 -1.83
C VAL H 83 -64.52 10.37 -3.31
N ASN H 84 -63.86 11.15 -4.17
CA ASN H 84 -64.01 11.05 -5.62
C ASN H 84 -62.62 10.97 -6.27
N HIS H 85 -62.48 10.03 -7.22
CA HIS H 85 -61.26 9.72 -7.97
C HIS H 85 -61.68 9.33 -9.39
N VAL H 86 -60.75 9.40 -10.35
CA VAL H 86 -60.98 9.05 -11.77
C VAL H 86 -61.44 7.56 -11.89
N THR H 87 -61.01 6.69 -10.95
CA THR H 87 -61.37 5.26 -10.90
C THR H 87 -62.82 5.06 -10.44
N LEU H 88 -63.39 6.07 -9.77
CA LEU H 88 -64.76 6.00 -9.25
C LEU H 88 -65.76 6.66 -10.19
N SER H 89 -66.80 5.91 -10.58
CA SER H 89 -67.88 6.38 -11.45
C SER H 89 -68.78 7.36 -10.70
N GLN H 90 -68.94 7.13 -9.38
CA GLN H 90 -69.75 7.92 -8.45
C GLN H 90 -68.94 8.16 -7.15
N PRO H 91 -69.05 9.34 -6.49
CA PRO H 91 -68.31 9.55 -5.23
C PRO H 91 -68.68 8.53 -4.16
N LYS H 92 -67.67 7.96 -3.48
CA LYS H 92 -67.89 6.95 -2.44
C LYS H 92 -68.00 7.60 -1.07
N ILE H 93 -69.05 7.24 -0.33
CA ILE H 93 -69.31 7.76 1.01
C ILE H 93 -69.09 6.64 2.04
N VAL H 94 -68.20 6.89 3.01
CA VAL H 94 -67.92 5.94 4.10
C VAL H 94 -68.34 6.63 5.41
N LYS H 95 -69.28 6.02 6.14
CA LYS H 95 -69.81 6.58 7.39
C LYS H 95 -68.85 6.34 8.56
N TRP H 96 -68.74 7.33 9.46
CA TRP H 96 -67.88 7.25 10.64
C TRP H 96 -68.55 6.46 11.74
N ASP H 97 -67.80 5.55 12.32
CA ASP H 97 -68.25 4.71 13.42
C ASP H 97 -67.19 4.77 14.50
N ARG H 98 -67.59 5.21 15.69
CA ARG H 98 -66.71 5.24 16.86
C ARG H 98 -66.64 3.75 17.30
N ASP H 99 -65.52 3.11 16.91
CA ASP H 99 -65.11 1.69 17.07
C ASP H 99 -64.99 1.00 15.69
N MET H 100 -65.08 1.80 14.60
CA MET H 100 -65.01 1.43 13.16
C MET H 100 -65.82 0.15 12.79
N GLY I 1 -7.78 -23.24 -5.62
CA GLY I 1 -8.10 -23.92 -6.87
C GLY I 1 -9.34 -24.79 -6.75
N SER I 2 -9.28 -25.83 -5.89
CA SER I 2 -10.38 -26.77 -5.64
C SER I 2 -11.50 -26.12 -4.84
N HIS I 3 -12.75 -26.54 -5.10
CA HIS I 3 -13.94 -26.01 -4.41
C HIS I 3 -14.86 -27.13 -3.91
N SER I 4 -15.67 -26.83 -2.89
CA SER I 4 -16.61 -27.79 -2.27
C SER I 4 -18.00 -27.20 -2.02
N MET I 5 -19.03 -28.06 -2.05
CA MET I 5 -20.41 -27.72 -1.72
C MET I 5 -20.90 -28.71 -0.68
N ARG I 6 -21.44 -28.21 0.44
CA ARG I 6 -21.89 -29.09 1.51
C ARG I 6 -23.24 -28.69 2.06
N TYR I 7 -24.09 -29.69 2.31
CA TYR I 7 -25.41 -29.51 2.91
C TYR I 7 -25.43 -30.24 4.24
N PHE I 8 -25.84 -29.55 5.32
CA PHE I 8 -25.90 -30.10 6.67
C PHE I 8 -27.34 -30.06 7.16
N PHE I 9 -27.90 -31.24 7.49
CA PHE I 9 -29.29 -31.37 7.95
C PHE I 9 -29.34 -31.92 9.36
N THR I 10 -30.16 -31.27 10.20
CA THR I 10 -30.34 -31.69 11.58
C THR I 10 -31.84 -31.84 11.87
N SER I 11 -32.22 -33.01 12.40
CA SER I 11 -33.59 -33.33 12.79
C SER I 11 -33.59 -33.79 14.24
N VAL I 12 -34.27 -33.03 15.12
CA VAL I 12 -34.31 -33.33 16.55
C VAL I 12 -35.75 -33.60 16.97
N SER I 13 -36.01 -34.82 17.45
CA SER I 13 -37.32 -35.25 17.90
C SER I 13 -37.66 -34.67 19.27
N ARG I 14 -38.86 -34.07 19.39
CA ARG I 14 -39.37 -33.56 20.65
C ARG I 14 -40.20 -34.70 21.24
N PRO I 15 -39.72 -35.35 22.33
CA PRO I 15 -40.45 -36.52 22.86
C PRO I 15 -41.79 -36.16 23.49
N GLY I 16 -41.89 -34.92 24.00
CA GLY I 16 -43.09 -34.40 24.62
C GLY I 16 -44.15 -34.11 23.59
N ARG I 17 -44.22 -32.86 23.12
CA ARG I 17 -45.21 -32.40 22.15
C ARG I 17 -44.58 -31.72 20.92
N GLY I 18 -45.28 -31.87 19.78
CA GLY I 18 -44.88 -31.27 18.51
C GLY I 18 -44.07 -32.14 17.58
N GLU I 19 -44.01 -31.73 16.30
CA GLU I 19 -43.26 -32.38 15.23
C GLU I 19 -41.76 -32.11 15.39
N PRO I 20 -40.86 -33.05 15.01
CA PRO I 20 -39.41 -32.80 15.15
C PRO I 20 -38.92 -31.54 14.42
N ARG I 21 -37.94 -30.86 15.02
CA ARG I 21 -37.31 -29.66 14.48
C ARG I 21 -36.36 -30.04 13.35
N PHE I 22 -36.57 -29.48 12.15
CA PHE I 22 -35.71 -29.74 10.99
C PHE I 22 -35.01 -28.46 10.55
N ILE I 23 -33.67 -28.49 10.56
CA ILE I 23 -32.83 -27.37 10.14
C ILE I 23 -31.90 -27.86 9.03
N ALA I 24 -31.82 -27.10 7.93
CA ALA I 24 -30.97 -27.39 6.78
C ALA I 24 -30.10 -26.18 6.45
N VAL I 25 -28.80 -26.40 6.20
CA VAL I 25 -27.85 -25.33 5.84
C VAL I 25 -27.00 -25.77 4.65
N GLY I 26 -26.77 -24.84 3.73
CA GLY I 26 -25.96 -25.05 2.54
C GLY I 26 -24.74 -24.17 2.51
N TYR I 27 -23.58 -24.76 2.17
CA TYR I 27 -22.30 -24.05 2.08
C TYR I 27 -21.59 -24.29 0.77
N VAL I 28 -20.93 -23.25 0.25
CA VAL I 28 -20.02 -23.27 -0.90
C VAL I 28 -18.71 -22.84 -0.27
N ASP I 29 -17.80 -23.82 -0.09
CA ASP I 29 -16.53 -23.66 0.63
C ASP I 29 -16.88 -23.26 2.08
N ASP I 30 -16.44 -22.08 2.55
CA ASP I 30 -16.73 -21.63 3.91
C ASP I 30 -17.86 -20.58 3.95
N THR I 31 -18.60 -20.41 2.83
CA THR I 31 -19.67 -19.42 2.74
C THR I 31 -21.06 -20.08 2.68
N GLN I 32 -21.95 -19.71 3.62
CA GLN I 32 -23.34 -20.18 3.68
C GLN I 32 -24.17 -19.46 2.60
N PHE I 33 -25.03 -20.19 1.87
CA PHE I 33 -25.85 -19.60 0.81
C PHE I 33 -27.35 -19.91 0.96
N VAL I 34 -27.72 -21.02 1.60
CA VAL I 34 -29.15 -21.37 1.78
C VAL I 34 -29.43 -21.83 3.21
N ARG I 35 -30.72 -21.81 3.59
CA ARG I 35 -31.22 -22.27 4.89
C ARG I 35 -32.70 -22.63 4.83
N PHE I 36 -33.10 -23.60 5.67
CA PHE I 36 -34.47 -24.05 5.86
C PHE I 36 -34.69 -24.34 7.34
N ASP I 37 -35.75 -23.76 7.92
CA ASP I 37 -36.11 -23.95 9.33
C ASP I 37 -37.59 -24.30 9.42
N SER I 38 -37.91 -25.44 10.08
CA SER I 38 -39.29 -25.91 10.25
C SER I 38 -40.09 -25.01 11.22
N ASP I 39 -39.39 -24.29 12.14
CA ASP I 39 -40.01 -23.39 13.11
C ASP I 39 -40.27 -21.98 12.53
N ALA I 40 -39.55 -21.60 11.45
CA ALA I 40 -39.70 -20.30 10.79
C ALA I 40 -41.04 -20.22 10.04
N ALA I 41 -41.62 -19.00 9.98
CA ALA I 41 -42.92 -18.72 9.36
C ALA I 41 -42.93 -18.90 7.83
N SER I 42 -41.77 -18.72 7.17
CA SER I 42 -41.59 -18.80 5.71
C SER I 42 -41.98 -20.18 5.13
N GLN I 43 -41.52 -21.29 5.75
CA GLN I 43 -41.73 -22.70 5.33
C GLN I 43 -41.18 -22.95 3.89
N LYS I 44 -40.09 -22.24 3.54
CA LYS I 44 -39.42 -22.30 2.24
C LYS I 44 -37.90 -22.22 2.39
N MET I 45 -37.15 -22.68 1.36
CA MET I 45 -35.70 -22.57 1.31
C MET I 45 -35.40 -21.08 1.10
N GLU I 46 -34.63 -20.48 2.02
CA GLU I 46 -34.34 -19.05 2.04
C GLU I 46 -32.90 -18.72 1.62
N PRO I 47 -32.68 -17.62 0.85
CA PRO I 47 -31.29 -17.24 0.49
C PRO I 47 -30.51 -16.67 1.67
N ARG I 48 -29.18 -16.89 1.68
CA ARG I 48 -28.27 -16.42 2.72
C ARG I 48 -27.04 -15.72 2.12
N ALA I 49 -26.90 -15.79 0.78
CA ALA I 49 -25.83 -15.16 0.02
C ALA I 49 -26.42 -14.27 -1.10
N PRO I 50 -25.76 -13.15 -1.48
CA PRO I 50 -26.34 -12.28 -2.52
C PRO I 50 -26.39 -12.91 -3.91
N TRP I 51 -25.40 -13.74 -4.27
CA TRP I 51 -25.28 -14.37 -5.59
C TRP I 51 -26.31 -15.50 -5.84
N ILE I 52 -26.98 -16.01 -4.79
CA ILE I 52 -28.00 -17.05 -4.97
C ILE I 52 -29.40 -16.42 -5.16
N GLU I 53 -29.57 -15.13 -4.81
CA GLU I 53 -30.85 -14.43 -4.95
C GLU I 53 -31.25 -14.25 -6.42
N GLN I 54 -30.29 -14.35 -7.37
CA GLN I 54 -30.54 -14.22 -8.81
C GLN I 54 -31.21 -15.48 -9.40
N GLU I 55 -31.26 -16.58 -8.63
CA GLU I 55 -31.89 -17.84 -9.03
C GLU I 55 -33.41 -17.66 -9.21
N GLY I 56 -33.95 -18.33 -10.23
CA GLY I 56 -35.35 -18.27 -10.60
C GLY I 56 -36.33 -18.82 -9.58
N PRO I 57 -37.65 -18.50 -9.74
CA PRO I 57 -38.65 -18.99 -8.77
C PRO I 57 -38.81 -20.51 -8.76
N GLU I 58 -38.56 -21.18 -9.91
CA GLU I 58 -38.65 -22.64 -10.06
C GLU I 58 -37.60 -23.32 -9.17
N TYR I 59 -36.39 -22.72 -9.07
CA TYR I 59 -35.30 -23.24 -8.23
C TYR I 59 -35.73 -23.26 -6.75
N TRP I 60 -36.28 -22.13 -6.26
CA TRP I 60 -36.74 -21.99 -4.87
C TRP I 60 -37.93 -22.90 -4.59
N ASP I 61 -38.81 -23.12 -5.60
CA ASP I 61 -39.98 -24.00 -5.52
C ASP I 61 -39.52 -25.47 -5.41
N GLN I 62 -38.48 -25.84 -6.17
CA GLN I 62 -37.88 -27.18 -6.19
C GLN I 62 -37.16 -27.46 -4.88
N GLU I 63 -36.34 -26.49 -4.39
CA GLU I 63 -35.56 -26.61 -3.15
C GLU I 63 -36.48 -26.76 -1.93
N THR I 64 -37.63 -26.05 -1.91
CA THR I 64 -38.63 -26.11 -0.84
C THR I 64 -39.28 -27.50 -0.82
N ARG I 65 -39.59 -28.07 -2.00
CA ARG I 65 -40.18 -29.40 -2.19
C ARG I 65 -39.23 -30.48 -1.65
N ASN I 66 -37.93 -30.34 -1.94
CA ASN I 66 -36.87 -31.24 -1.49
C ASN I 66 -36.74 -31.22 0.03
N MET I 67 -36.80 -30.01 0.63
CA MET I 67 -36.67 -29.79 2.08
C MET I 67 -37.86 -30.33 2.86
N LYS I 68 -39.07 -30.29 2.27
CA LYS I 68 -40.27 -30.83 2.88
C LYS I 68 -40.20 -32.36 2.86
N ALA I 69 -39.68 -32.93 1.75
CA ALA I 69 -39.48 -34.38 1.58
C ALA I 69 -38.39 -34.90 2.53
N HIS I 70 -37.33 -34.09 2.74
CA HIS I 70 -36.21 -34.38 3.66
C HIS I 70 -36.70 -34.43 5.11
N SER I 71 -37.49 -33.42 5.52
CA SER I 71 -38.08 -33.29 6.85
C SER I 71 -39.02 -34.44 7.18
N GLN I 72 -39.89 -34.83 6.23
CA GLN I 72 -40.87 -35.92 6.37
C GLN I 72 -40.18 -37.29 6.53
N THR I 73 -39.11 -37.54 5.74
CA THR I 73 -38.34 -38.79 5.80
C THR I 73 -37.56 -38.85 7.12
N ASP I 74 -36.99 -37.70 7.54
CA ASP I 74 -36.23 -37.57 8.80
C ASP I 74 -37.16 -37.81 10.01
N ARG I 75 -38.45 -37.40 9.89
CA ARG I 75 -39.49 -37.61 10.90
C ARG I 75 -39.79 -39.10 11.07
N ALA I 76 -39.93 -39.82 9.94
CA ALA I 76 -40.21 -41.24 9.90
C ALA I 76 -39.01 -42.07 10.34
N ASN I 77 -37.79 -41.64 9.97
CA ASN I 77 -36.54 -42.32 10.31
C ASN I 77 -36.22 -42.23 11.81
N LEU I 78 -36.64 -41.15 12.50
CA LEU I 78 -36.44 -40.99 13.95
C LEU I 78 -37.20 -42.10 14.69
N GLY I 79 -38.43 -42.37 14.23
CA GLY I 79 -39.28 -43.42 14.77
C GLY I 79 -38.76 -44.81 14.45
N THR I 80 -38.18 -44.96 13.24
CA THR I 80 -37.61 -46.21 12.72
C THR I 80 -36.35 -46.61 13.52
N LEU I 81 -35.47 -45.63 13.86
CA LEU I 81 -34.25 -45.88 14.62
C LEU I 81 -34.53 -46.12 16.10
N ARG I 82 -35.64 -45.56 16.62
CA ARG I 82 -36.12 -45.76 17.99
C ARG I 82 -36.37 -47.25 18.23
N GLY I 83 -36.91 -47.93 17.23
CA GLY I 83 -37.18 -49.36 17.26
C GLY I 83 -35.94 -50.20 17.09
N TYR I 84 -35.03 -49.79 16.18
CA TYR I 84 -33.77 -50.49 15.89
C TYR I 84 -32.84 -50.56 17.11
N TYR I 85 -32.83 -49.50 17.94
CA TYR I 85 -32.01 -49.45 19.15
C TYR I 85 -32.84 -49.78 20.41
N ASN I 86 -34.15 -50.07 20.22
CA ASN I 86 -35.15 -50.42 21.24
C ASN I 86 -35.17 -49.35 22.35
N GLN I 87 -35.48 -48.10 21.95
CA GLN I 87 -35.52 -46.94 22.82
C GLN I 87 -36.95 -46.47 23.09
N SER I 88 -37.16 -45.80 24.23
CA SER I 88 -38.45 -45.30 24.69
C SER I 88 -38.85 -44.01 23.96
N GLU I 89 -40.16 -43.69 24.00
CA GLU I 89 -40.79 -42.53 23.38
C GLU I 89 -40.53 -41.20 24.13
N ASP I 90 -40.13 -41.26 25.43
CA ASP I 90 -39.93 -40.07 26.26
C ASP I 90 -38.54 -39.41 26.11
N GLY I 91 -37.69 -39.98 25.26
CA GLY I 91 -36.36 -39.44 25.02
C GLY I 91 -36.22 -38.69 23.71
N SER I 92 -35.39 -37.61 23.71
CA SER I 92 -35.12 -36.79 22.52
C SER I 92 -33.93 -37.36 21.75
N HIS I 93 -34.09 -37.55 20.43
CA HIS I 93 -33.03 -38.12 19.59
C HIS I 93 -32.76 -37.24 18.36
N THR I 94 -31.54 -37.34 17.79
CA THR I 94 -31.12 -36.53 16.66
C THR I 94 -30.57 -37.36 15.50
N ILE I 95 -30.98 -36.98 14.27
CA ILE I 95 -30.47 -37.52 13.01
C ILE I 95 -29.76 -36.38 12.32
N GLN I 96 -28.50 -36.62 11.94
CA GLN I 96 -27.69 -35.65 11.20
C GLN I 96 -27.27 -36.26 9.88
N ILE I 97 -27.34 -35.45 8.81
CA ILE I 97 -26.95 -35.86 7.47
C ILE I 97 -26.07 -34.80 6.86
N MET I 98 -24.97 -35.22 6.26
CA MET I 98 -24.04 -34.40 5.51
C MET I 98 -23.91 -35.01 4.12
N TYR I 99 -24.02 -34.18 3.10
CA TYR I 99 -23.78 -34.62 1.73
C TYR I 99 -23.32 -33.43 0.89
N GLY I 100 -22.60 -33.73 -0.18
CA GLY I 100 -22.05 -32.73 -1.09
C GLY I 100 -20.96 -33.27 -2.00
N CYS I 101 -20.29 -32.37 -2.71
CA CYS I 101 -19.26 -32.75 -3.68
C CYS I 101 -18.10 -31.75 -3.72
N ASP I 102 -16.97 -32.21 -4.30
CA ASP I 102 -15.76 -31.43 -4.53
C ASP I 102 -15.45 -31.35 -6.02
N VAL I 103 -15.04 -30.18 -6.49
CA VAL I 103 -14.64 -29.95 -7.89
C VAL I 103 -13.21 -29.40 -7.89
N GLY I 104 -12.45 -29.73 -8.93
CA GLY I 104 -11.08 -29.26 -9.08
C GLY I 104 -11.02 -27.85 -9.64
N PRO I 105 -9.79 -27.30 -9.85
CA PRO I 105 -9.68 -25.94 -10.41
C PRO I 105 -10.27 -25.81 -11.82
N ASP I 106 -10.30 -26.93 -12.56
CA ASP I 106 -10.84 -27.02 -13.92
C ASP I 106 -12.36 -27.27 -13.94
N GLY I 107 -12.94 -27.48 -12.75
CA GLY I 107 -14.36 -27.73 -12.55
C GLY I 107 -14.78 -29.19 -12.64
N ARG I 108 -13.82 -30.12 -12.84
N ARG I 108 -13.83 -30.12 -12.86
CA ARG I 108 -14.10 -31.54 -12.95
CA ARG I 108 -14.14 -31.54 -12.97
C ARG I 108 -14.33 -32.15 -11.56
C ARG I 108 -14.36 -32.13 -11.56
N PHE I 109 -15.21 -33.17 -11.48
CA PHE I 109 -15.58 -33.87 -10.24
C PHE I 109 -14.36 -34.53 -9.60
N LEU I 110 -14.21 -34.33 -8.28
CA LEU I 110 -13.13 -34.87 -7.48
C LEU I 110 -13.61 -35.95 -6.52
N ARG I 111 -14.57 -35.59 -5.63
CA ARG I 111 -15.10 -36.48 -4.58
C ARG I 111 -16.56 -36.15 -4.25
N GLY I 112 -17.32 -37.19 -3.91
CA GLY I 112 -18.72 -37.12 -3.49
C GLY I 112 -18.87 -37.59 -2.05
N TYR I 113 -19.79 -36.98 -1.30
CA TYR I 113 -20.01 -37.30 0.12
C TYR I 113 -21.48 -37.52 0.46
N ARG I 114 -21.74 -38.45 1.39
CA ARG I 114 -23.04 -38.80 1.97
C ARG I 114 -22.79 -39.62 3.24
N GLN I 115 -22.99 -38.97 4.40
CA GLN I 115 -22.77 -39.54 5.74
C GLN I 115 -23.95 -39.23 6.65
N ASP I 116 -24.41 -40.25 7.39
CA ASP I 116 -25.55 -40.14 8.32
C ASP I 116 -25.15 -40.51 9.74
N ALA I 117 -25.74 -39.83 10.73
CA ALA I 117 -25.45 -40.07 12.13
C ALA I 117 -26.69 -40.08 12.99
N TYR I 118 -26.69 -40.93 14.02
CA TYR I 118 -27.76 -41.01 15.00
C TYR I 118 -27.18 -40.72 16.37
N ASP I 119 -27.70 -39.66 17.04
CA ASP I 119 -27.30 -39.18 18.37
C ASP I 119 -25.78 -38.87 18.42
N GLY I 120 -25.28 -38.22 17.37
CA GLY I 120 -23.89 -37.78 17.25
C GLY I 120 -22.86 -38.88 16.99
N LYS I 121 -23.31 -40.06 16.59
CA LYS I 121 -22.45 -41.20 16.31
C LYS I 121 -22.74 -41.69 14.89
N ASP I 122 -21.69 -42.09 14.15
CA ASP I 122 -21.80 -42.62 12.79
C ASP I 122 -22.89 -43.70 12.71
N TYR I 123 -23.71 -43.64 11.66
CA TYR I 123 -24.76 -44.62 11.45
C TYR I 123 -24.46 -45.34 10.14
N ILE I 124 -24.63 -44.65 9.01
CA ILE I 124 -24.35 -45.19 7.69
C ILE I 124 -23.65 -44.12 6.86
N ALA I 125 -22.70 -44.54 6.02
CA ALA I 125 -21.94 -43.65 5.17
C ALA I 125 -21.66 -44.28 3.82
N LEU I 126 -21.72 -43.45 2.77
CA LEU I 126 -21.39 -43.87 1.41
C LEU I 126 -19.89 -43.81 1.28
N ASN I 127 -19.27 -44.88 0.77
CA ASN I 127 -17.82 -44.94 0.59
C ASN I 127 -17.36 -44.03 -0.56
N GLU I 128 -16.05 -43.70 -0.59
CA GLU I 128 -15.42 -42.84 -1.60
C GLU I 128 -15.72 -43.29 -3.04
N ASP I 129 -15.86 -44.62 -3.28
CA ASP I 129 -16.15 -45.20 -4.59
C ASP I 129 -17.58 -44.90 -5.07
N LEU I 130 -18.48 -44.45 -4.15
CA LEU I 130 -19.90 -44.12 -4.35
C LEU I 130 -20.67 -45.36 -4.89
N ARG I 131 -20.22 -46.56 -4.49
CA ARG I 131 -20.74 -47.86 -4.92
C ARG I 131 -21.16 -48.74 -3.74
N SER I 132 -20.54 -48.52 -2.57
CA SER I 132 -20.78 -49.30 -1.36
C SER I 132 -21.05 -48.43 -0.12
N TRP I 133 -21.59 -49.06 0.93
CA TRP I 133 -21.93 -48.41 2.19
C TRP I 133 -21.12 -48.96 3.37
N THR I 134 -20.87 -48.12 4.38
CA THR I 134 -20.19 -48.49 5.61
C THR I 134 -21.20 -48.34 6.75
N ALA I 135 -21.58 -49.46 7.35
CA ALA I 135 -22.50 -49.53 8.48
C ALA I 135 -21.69 -49.55 9.77
N ALA I 136 -21.97 -48.59 10.68
CA ALA I 136 -21.24 -48.44 11.93
C ALA I 136 -21.53 -49.55 12.95
N ASP I 137 -22.80 -49.99 13.05
CA ASP I 137 -23.23 -51.03 13.99
C ASP I 137 -24.21 -52.01 13.34
N MET I 138 -24.74 -52.96 14.15
CA MET I 138 -25.69 -54.01 13.73
C MET I 138 -27.01 -53.42 13.23
N ALA I 139 -27.49 -52.33 13.87
CA ALA I 139 -28.74 -51.64 13.49
C ALA I 139 -28.63 -50.98 12.11
N ALA I 140 -27.43 -50.46 11.79
CA ALA I 140 -27.13 -49.80 10.51
C ALA I 140 -27.01 -50.80 9.37
N GLN I 141 -26.68 -52.07 9.71
CA GLN I 141 -26.56 -53.18 8.75
C GLN I 141 -27.92 -53.54 8.16
N ILE I 142 -29.01 -53.30 8.93
CA ILE I 142 -30.40 -53.52 8.50
C ILE I 142 -30.70 -52.53 7.37
N THR I 143 -30.29 -51.25 7.55
CA THR I 143 -30.45 -50.17 6.57
C THR I 143 -29.59 -50.48 5.33
N LYS I 144 -28.32 -50.90 5.55
CA LYS I 144 -27.34 -51.24 4.51
C LYS I 144 -27.89 -52.30 3.54
N ARG I 145 -28.52 -53.37 4.09
CA ARG I 145 -29.12 -54.46 3.32
C ARG I 145 -30.34 -53.98 2.52
N LYS I 146 -31.13 -53.07 3.11
CA LYS I 146 -32.33 -52.48 2.50
C LYS I 146 -31.94 -51.54 1.36
N TRP I 147 -30.88 -50.73 1.57
CA TRP I 147 -30.39 -49.75 0.60
C TRP I 147 -29.66 -50.44 -0.57
N GLU I 148 -29.03 -51.61 -0.34
CA GLU I 148 -28.39 -52.40 -1.39
C GLU I 148 -29.44 -53.04 -2.30
N ALA I 149 -30.57 -53.47 -1.69
CA ALA I 149 -31.69 -54.11 -2.38
C ALA I 149 -32.40 -53.15 -3.34
N VAL I 150 -32.41 -51.83 -3.04
CA VAL I 150 -33.06 -50.81 -3.87
C VAL I 150 -32.00 -50.01 -4.68
N HIS I 151 -30.71 -50.44 -4.62
CA HIS I 151 -29.56 -49.84 -5.32
C HIS I 151 -29.47 -48.32 -5.06
N ALA I 152 -29.51 -47.93 -3.77
CA ALA I 152 -29.46 -46.54 -3.31
C ALA I 152 -28.12 -45.86 -3.62
N ALA I 153 -27.00 -46.61 -3.57
CA ALA I 153 -25.65 -46.10 -3.83
C ALA I 153 -25.52 -45.52 -5.25
N GLU I 154 -26.20 -46.16 -6.23
CA GLU I 154 -26.20 -45.71 -7.62
C GLU I 154 -26.95 -44.38 -7.75
N GLN I 155 -28.10 -44.22 -7.06
CA GLN I 155 -28.91 -43.00 -7.10
C GLN I 155 -28.19 -41.84 -6.44
N ARG I 156 -27.36 -42.14 -5.41
CA ARG I 156 -26.53 -41.14 -4.73
C ARG I 156 -25.44 -40.65 -5.68
N ARG I 157 -24.78 -41.59 -6.39
CA ARG I 157 -23.73 -41.31 -7.38
C ARG I 157 -24.27 -40.39 -8.49
N VAL I 158 -25.49 -40.67 -9.00
CA VAL I 158 -26.16 -39.89 -10.07
C VAL I 158 -26.28 -38.42 -9.62
N TYR I 159 -26.70 -38.17 -8.36
CA TYR I 159 -26.83 -36.82 -7.82
C TYR I 159 -25.46 -36.14 -7.64
N LEU I 160 -24.52 -36.82 -6.96
CA LEU I 160 -23.19 -36.30 -6.63
C LEU I 160 -22.34 -35.96 -7.86
N GLU I 161 -22.35 -36.84 -8.88
CA GLU I 161 -21.58 -36.62 -10.12
C GLU I 161 -22.39 -35.84 -11.17
N GLY I 162 -23.66 -35.56 -10.89
CA GLY I 162 -24.55 -34.85 -11.80
C GLY I 162 -24.97 -33.47 -11.31
N ARG I 163 -26.22 -33.37 -10.80
CA ARG I 163 -26.83 -32.13 -10.30
C ARG I 163 -25.97 -31.39 -9.25
N CYS I 164 -25.27 -32.11 -8.34
CA CYS I 164 -24.44 -31.52 -7.29
C CYS I 164 -23.26 -30.73 -7.89
N VAL I 165 -22.50 -31.34 -8.83
CA VAL I 165 -21.36 -30.70 -9.49
C VAL I 165 -21.86 -29.56 -10.40
N ASP I 166 -22.98 -29.76 -11.13
CA ASP I 166 -23.58 -28.75 -12.02
C ASP I 166 -24.01 -27.53 -11.22
N GLY I 167 -24.61 -27.78 -10.05
CA GLY I 167 -25.04 -26.76 -9.11
C GLY I 167 -23.87 -25.95 -8.59
N LEU I 168 -22.81 -26.65 -8.13
CA LEU I 168 -21.59 -26.05 -7.60
C LEU I 168 -20.87 -25.19 -8.67
N ARG I 169 -20.71 -25.72 -9.91
CA ARG I 169 -20.08 -25.02 -11.03
C ARG I 169 -20.79 -23.69 -11.33
N ARG I 170 -22.15 -23.72 -11.33
CA ARG I 170 -23.02 -22.58 -11.60
C ARG I 170 -22.91 -21.53 -10.50
N TYR I 171 -22.88 -21.96 -9.21
CA TYR I 171 -22.78 -21.08 -8.05
C TYR I 171 -21.44 -20.34 -8.04
N LEU I 172 -20.34 -21.05 -8.40
CA LEU I 172 -18.99 -20.51 -8.47
C LEU I 172 -18.87 -19.44 -9.55
N GLU I 173 -19.56 -19.64 -10.69
CA GLU I 173 -19.58 -18.71 -11.82
C GLU I 173 -20.37 -17.44 -11.46
N ASN I 174 -21.54 -17.61 -10.82
CA ASN I 174 -22.44 -16.53 -10.42
C ASN I 174 -21.84 -15.67 -9.30
N GLY I 175 -21.13 -16.30 -8.37
CA GLY I 175 -20.49 -15.61 -7.25
C GLY I 175 -18.98 -15.60 -7.28
N LYS I 176 -18.36 -15.59 -8.48
CA LYS I 176 -16.90 -15.59 -8.67
C LYS I 176 -16.22 -14.39 -7.99
N GLU I 177 -16.93 -13.24 -7.92
CA GLU I 177 -16.46 -12.00 -7.30
C GLU I 177 -16.27 -12.15 -5.77
N THR I 178 -16.92 -13.14 -5.13
CA THR I 178 -16.83 -13.36 -3.67
C THR I 178 -16.40 -14.78 -3.27
N LEU I 179 -16.64 -15.79 -4.13
CA LEU I 179 -16.29 -17.19 -3.82
C LEU I 179 -14.87 -17.55 -4.27
N GLN I 180 -14.42 -17.05 -5.43
CA GLN I 180 -13.07 -17.35 -5.91
C GLN I 180 -12.08 -16.25 -5.47
N ARG I 181 -12.59 -15.17 -4.84
CA ARG I 181 -11.79 -14.07 -4.33
C ARG I 181 -11.28 -14.43 -2.94
N THR I 182 -9.95 -14.49 -2.79
CA THR I 182 -9.30 -14.82 -1.54
C THR I 182 -8.84 -13.55 -0.83
N ASP I 183 -9.00 -13.53 0.50
CA ASP I 183 -8.61 -12.42 1.36
C ASP I 183 -7.43 -12.84 2.22
N PRO I 184 -6.25 -12.21 2.05
CA PRO I 184 -5.09 -12.57 2.88
C PRO I 184 -5.27 -12.12 4.34
N PRO I 185 -4.66 -12.81 5.34
CA PRO I 185 -4.83 -12.36 6.73
C PRO I 185 -4.06 -11.08 7.04
N LYS I 186 -4.69 -10.20 7.84
CA LYS I 186 -4.08 -8.98 8.36
C LYS I 186 -3.40 -9.42 9.65
N THR I 187 -2.06 -9.31 9.71
CA THR I 187 -1.29 -9.81 10.84
C THR I 187 -0.69 -8.70 11.71
N HIS I 188 -0.60 -8.97 13.03
CA HIS I 188 0.01 -8.11 14.04
C HIS I 188 0.39 -8.96 15.27
N MET I 189 1.34 -8.46 16.06
CA MET I 189 1.83 -9.15 17.24
C MET I 189 1.72 -8.27 18.49
N THR I 190 1.33 -8.89 19.62
CA THR I 190 1.22 -8.22 20.92
C THR I 190 2.24 -8.84 21.89
N HIS I 191 2.72 -8.04 22.85
CA HIS I 191 3.67 -8.43 23.88
C HIS I 191 3.16 -7.92 25.23
N HIS I 192 2.99 -8.85 26.19
CA HIS I 192 2.48 -8.53 27.52
C HIS I 192 3.29 -9.27 28.59
N PRO I 193 4.02 -8.55 29.48
CA PRO I 193 4.77 -9.25 30.53
C PRO I 193 3.84 -9.82 31.59
N ILE I 194 4.08 -11.08 31.97
CA ILE I 194 3.29 -11.78 32.99
C ILE I 194 4.03 -11.70 34.33
N SER I 195 5.33 -11.33 34.27
CA SER I 195 6.24 -11.12 35.38
C SER I 195 7.46 -10.31 34.90
N ASP I 196 8.49 -10.17 35.76
CA ASP I 196 9.71 -9.45 35.42
C ASP I 196 10.70 -10.33 34.63
N HIS I 197 10.41 -11.65 34.52
CA HIS I 197 11.27 -12.61 33.83
C HIS I 197 10.62 -13.31 32.61
N GLU I 198 9.28 -13.26 32.47
N GLU I 198 9.28 -13.25 32.47
CA GLU I 198 8.63 -13.89 31.31
CA GLU I 198 8.56 -13.89 31.37
C GLU I 198 7.49 -13.01 30.76
C GLU I 198 7.50 -12.96 30.76
N ALA I 199 7.25 -13.12 29.45
CA ALA I 199 6.25 -12.33 28.69
C ALA I 199 5.55 -13.19 27.65
N THR I 200 4.28 -12.88 27.36
CA THR I 200 3.50 -13.60 26.36
C THR I 200 3.53 -12.84 25.03
N LEU I 201 3.87 -13.56 23.95
CA LEU I 201 3.87 -13.07 22.58
C LEU I 201 2.68 -13.69 21.87
N ARG I 202 1.76 -12.86 21.36
CA ARG I 202 0.57 -13.34 20.66
C ARG I 202 0.58 -12.85 19.23
N CYS I 203 0.53 -13.78 18.27
CA CYS I 203 0.50 -13.44 16.86
C CYS I 203 -0.91 -13.63 16.31
N TRP I 204 -1.45 -12.58 15.69
CA TRP I 204 -2.80 -12.54 15.15
C TRP I 204 -2.88 -12.68 13.64
N ALA I 205 -3.99 -13.23 13.17
CA ALA I 205 -4.37 -13.38 11.76
C ALA I 205 -5.85 -13.05 11.67
N LEU I 206 -6.19 -11.92 11.05
CA LEU I 206 -7.59 -11.46 10.97
C LEU I 206 -8.03 -11.16 9.54
N GLY I 207 -9.34 -11.18 9.32
CA GLY I 207 -9.97 -10.88 8.03
C GLY I 207 -9.57 -11.75 6.86
N PHE I 208 -9.30 -13.05 7.10
CA PHE I 208 -8.89 -13.95 6.02
C PHE I 208 -10.02 -14.87 5.55
N TYR I 209 -9.94 -15.27 4.26
CA TYR I 209 -10.86 -16.18 3.58
C TYR I 209 -10.09 -16.92 2.47
N PRO I 210 -10.19 -18.28 2.35
CA PRO I 210 -10.98 -19.24 3.16
C PRO I 210 -10.43 -19.41 4.59
N ALA I 211 -11.14 -20.20 5.41
CA ALA I 211 -10.82 -20.46 6.81
C ALA I 211 -9.47 -21.17 7.03
N GLU I 212 -9.04 -22.01 6.05
CA GLU I 212 -7.78 -22.76 6.12
C GLU I 212 -6.57 -21.82 6.26
N ILE I 213 -5.78 -22.02 7.33
CA ILE I 213 -4.60 -21.23 7.69
C ILE I 213 -3.68 -22.07 8.60
N THR I 214 -2.39 -21.71 8.66
CA THR I 214 -1.42 -22.35 9.56
C THR I 214 -0.63 -21.24 10.28
N LEU I 215 -0.67 -21.29 11.63
CA LEU I 215 0.06 -20.38 12.51
C LEU I 215 1.04 -21.21 13.34
N THR I 216 2.35 -21.00 13.14
CA THR I 216 3.37 -21.77 13.83
C THR I 216 4.44 -20.86 14.43
N TRP I 217 4.77 -21.08 15.70
CA TRP I 217 5.82 -20.36 16.42
C TRP I 217 7.13 -21.12 16.31
N GLN I 218 8.23 -20.40 16.12
CA GLN I 218 9.56 -21.01 16.00
C GLN I 218 10.55 -20.28 16.89
N ARG I 219 11.54 -21.02 17.43
CA ARG I 219 12.65 -20.51 18.24
C ARG I 219 13.93 -20.91 17.53
N ASP I 220 14.68 -19.92 16.99
CA ASP I 220 15.91 -20.12 16.21
C ASP I 220 15.62 -21.01 14.97
N GLY I 221 14.47 -20.79 14.35
CA GLY I 221 14.02 -21.53 13.18
C GLY I 221 13.58 -22.96 13.44
N GLU I 222 13.32 -23.32 14.71
CA GLU I 222 12.85 -24.66 15.11
C GLU I 222 11.42 -24.57 15.63
N ASP I 223 10.52 -25.43 15.09
CA ASP I 223 9.10 -25.47 15.47
C ASP I 223 8.93 -25.58 16.98
N GLN I 224 8.10 -24.70 17.55
CA GLN I 224 7.83 -24.62 18.97
C GLN I 224 6.36 -24.96 19.24
N THR I 225 6.11 -26.11 19.88
CA THR I 225 4.77 -26.59 20.26
C THR I 225 4.61 -26.44 21.77
N GLN I 226 5.72 -26.45 22.52
CA GLN I 226 5.74 -26.29 23.96
C GLN I 226 5.64 -24.80 24.35
N ASP I 227 4.97 -24.53 25.49
CA ASP I 227 4.70 -23.19 26.05
C ASP I 227 3.85 -22.34 25.08
N THR I 228 3.09 -23.00 24.17
CA THR I 228 2.26 -22.33 23.16
C THR I 228 0.76 -22.62 23.34
N GLU I 229 -0.08 -21.74 22.79
CA GLU I 229 -1.54 -21.85 22.78
C GLU I 229 -2.06 -21.44 21.41
N LEU I 230 -2.69 -22.38 20.72
CA LEU I 230 -3.28 -22.18 19.40
C LEU I 230 -4.79 -22.31 19.53
N VAL I 231 -5.52 -21.21 19.29
CA VAL I 231 -6.98 -21.22 19.38
C VAL I 231 -7.57 -21.72 18.06
N GLU I 232 -8.78 -22.28 18.14
CA GLU I 232 -9.53 -22.77 16.98
C GLU I 232 -9.87 -21.60 16.07
N THR I 233 -9.81 -21.80 14.74
CA THR I 233 -10.16 -20.77 13.75
C THR I 233 -11.63 -20.40 13.99
N ARG I 234 -11.90 -19.11 14.14
CA ARG I 234 -13.24 -18.62 14.49
C ARG I 234 -13.81 -17.64 13.46
N PRO I 235 -15.14 -17.63 13.21
CA PRO I 235 -15.71 -16.67 12.26
C PRO I 235 -15.81 -15.27 12.85
N ALA I 236 -15.48 -14.24 12.05
CA ALA I 236 -15.57 -12.85 12.49
C ALA I 236 -17.04 -12.39 12.50
N GLY I 237 -17.86 -13.00 11.64
CA GLY I 237 -19.28 -12.68 11.51
C GLY I 237 -19.61 -11.87 10.27
N ASP I 238 -18.59 -11.53 9.46
CA ASP I 238 -18.74 -10.76 8.23
C ASP I 238 -18.29 -11.60 7.00
N GLY I 239 -18.19 -12.92 7.20
CA GLY I 239 -17.78 -13.88 6.19
C GLY I 239 -16.29 -14.15 6.18
N THR I 240 -15.54 -13.51 7.10
CA THR I 240 -14.08 -13.68 7.21
C THR I 240 -13.76 -14.44 8.50
N PHE I 241 -12.50 -14.90 8.66
CA PHE I 241 -12.10 -15.70 9.82
C PHE I 241 -10.93 -15.10 10.60
N GLN I 242 -10.78 -15.56 11.87
CA GLN I 242 -9.76 -15.13 12.82
C GLN I 242 -9.04 -16.31 13.47
N LYS I 243 -7.76 -16.12 13.82
CA LYS I 243 -6.94 -17.11 14.52
C LYS I 243 -5.75 -16.43 15.19
N TRP I 244 -5.33 -16.94 16.35
CA TRP I 244 -4.14 -16.45 17.01
C TRP I 244 -3.38 -17.59 17.66
N ALA I 245 -2.05 -17.38 17.80
CA ALA I 245 -1.10 -18.29 18.40
C ALA I 245 -0.25 -17.52 19.38
N ALA I 246 -0.17 -17.99 20.64
CA ALA I 246 0.60 -17.31 21.68
C ALA I 246 1.68 -18.22 22.25
N VAL I 247 2.80 -17.61 22.70
CA VAL I 247 3.92 -18.32 23.31
C VAL I 247 4.47 -17.48 24.48
N VAL I 248 4.79 -18.14 25.60
CA VAL I 248 5.38 -17.50 26.77
C VAL I 248 6.90 -17.63 26.61
N VAL I 249 7.59 -16.48 26.56
CA VAL I 249 9.03 -16.42 26.30
C VAL I 249 9.79 -15.75 27.48
N PRO I 250 11.07 -16.10 27.72
CA PRO I 250 11.82 -15.41 28.78
C PRO I 250 12.13 -13.97 28.36
N SER I 251 11.99 -13.00 29.29
CA SER I 251 12.23 -11.58 29.04
C SER I 251 13.66 -11.34 28.53
N GLY I 252 13.75 -10.62 27.42
CA GLY I 252 15.01 -10.31 26.75
C GLY I 252 15.38 -11.25 25.63
N GLU I 253 14.54 -12.28 25.37
CA GLU I 253 14.77 -13.30 24.34
C GLU I 253 13.65 -13.32 23.27
N GLU I 254 12.82 -12.25 23.21
CA GLU I 254 11.70 -12.09 22.28
C GLU I 254 12.11 -12.24 20.80
N GLN I 255 13.28 -11.68 20.43
CA GLN I 255 13.84 -11.68 19.06
C GLN I 255 14.20 -13.07 18.53
N ARG I 256 14.36 -14.08 19.42
CA ARG I 256 14.69 -15.46 19.03
C ARG I 256 13.46 -16.18 18.46
N TYR I 257 12.27 -15.63 18.71
CA TYR I 257 10.99 -16.22 18.33
C TYR I 257 10.39 -15.55 17.10
N THR I 258 9.89 -16.39 16.17
CA THR I 258 9.23 -15.98 14.93
C THR I 258 7.93 -16.71 14.73
N CYS I 259 6.93 -16.02 14.19
CA CYS I 259 5.65 -16.65 13.88
C CYS I 259 5.51 -16.76 12.36
N HIS I 260 5.16 -17.96 11.88
CA HIS I 260 5.02 -18.24 10.46
C HIS I 260 3.55 -18.40 10.09
N VAL I 261 3.08 -17.54 9.18
CA VAL I 261 1.68 -17.51 8.74
C VAL I 261 1.61 -18.04 7.30
N GLN I 262 0.82 -19.11 7.09
CA GLN I 262 0.62 -19.76 5.80
C GLN I 262 -0.85 -19.71 5.43
N HIS I 263 -1.15 -19.14 4.25
CA HIS I 263 -2.50 -18.95 3.72
C HIS I 263 -2.43 -18.89 2.19
N GLU I 264 -3.49 -19.31 1.48
CA GLU I 264 -3.52 -19.30 0.01
C GLU I 264 -3.63 -17.87 -0.55
N GLY I 265 -4.16 -16.94 0.25
CA GLY I 265 -4.30 -15.53 -0.09
C GLY I 265 -2.97 -14.80 -0.09
N LEU I 266 -1.96 -15.37 0.60
CA LEU I 266 -0.60 -14.84 0.71
C LEU I 266 0.25 -15.22 -0.51
N PRO I 267 0.97 -14.26 -1.15
CA PRO I 267 1.82 -14.63 -2.29
C PRO I 267 3.06 -15.42 -1.85
N LYS I 268 3.49 -15.21 -0.58
CA LYS I 268 4.62 -15.85 0.10
C LYS I 268 4.30 -15.97 1.59
N PRO I 269 4.67 -17.06 2.30
CA PRO I 269 4.36 -17.13 3.75
C PRO I 269 5.07 -16.04 4.56
N LEU I 270 4.37 -15.47 5.54
CA LEU I 270 4.87 -14.40 6.41
C LEU I 270 5.72 -14.92 7.57
N THR I 271 6.71 -14.11 7.99
CA THR I 271 7.58 -14.36 9.13
C THR I 271 7.54 -13.10 9.98
N LEU I 272 6.83 -13.16 11.12
CA LEU I 272 6.65 -12.04 12.05
C LEU I 272 7.55 -12.19 13.26
N ARG I 273 8.20 -11.09 13.66
CA ARG I 273 9.13 -11.03 14.79
C ARG I 273 8.91 -9.75 15.61
N TRP I 274 9.01 -9.83 16.94
CA TRP I 274 8.86 -8.67 17.83
C TRP I 274 10.22 -8.09 18.20
N MET J 1 -24.86 -43.81 24.63
CA MET J 1 -24.97 -42.46 24.11
C MET J 1 -23.87 -41.56 24.70
N ILE J 2 -23.22 -40.77 23.84
CA ILE J 2 -22.13 -39.85 24.22
C ILE J 2 -22.56 -38.40 23.94
N GLN J 3 -22.48 -37.57 24.99
CA GLN J 3 -22.76 -36.14 24.99
C GLN J 3 -21.42 -35.38 24.89
N ARG J 4 -21.42 -34.23 24.21
CA ARG J 4 -20.22 -33.42 24.03
C ARG J 4 -20.42 -32.03 24.64
N THR J 5 -19.46 -31.58 25.46
CA THR J 5 -19.50 -30.29 26.14
C THR J 5 -19.02 -29.18 25.19
N PRO J 6 -19.74 -28.03 25.11
CA PRO J 6 -19.33 -26.97 24.18
C PRO J 6 -18.04 -26.25 24.57
N LYS J 7 -17.35 -25.74 23.53
CA LYS J 7 -16.16 -24.91 23.59
C LYS J 7 -16.65 -23.48 23.42
N ILE J 8 -16.12 -22.52 24.19
CA ILE J 8 -16.61 -21.14 24.13
C ILE J 8 -15.48 -20.15 23.85
N GLN J 9 -15.75 -19.20 22.92
CA GLN J 9 -14.85 -18.10 22.55
C GLN J 9 -15.63 -16.80 22.48
N VAL J 10 -15.18 -15.78 23.22
CA VAL J 10 -15.77 -14.43 23.27
C VAL J 10 -14.73 -13.47 22.69
N TYR J 11 -15.11 -12.72 21.64
CA TYR J 11 -14.21 -11.83 20.90
C TYR J 11 -14.97 -10.78 20.09
N SER J 12 -14.23 -9.85 19.47
CA SER J 12 -14.79 -8.79 18.63
C SER J 12 -14.49 -9.06 17.15
N ARG J 13 -15.35 -8.56 16.23
CA ARG J 13 -15.20 -8.73 14.78
C ARG J 13 -13.93 -8.03 14.28
N HIS J 14 -13.70 -6.79 14.71
CA HIS J 14 -12.52 -6.01 14.36
C HIS J 14 -11.73 -5.65 15.63
N PRO J 15 -10.41 -5.29 15.56
CA PRO J 15 -9.68 -4.93 16.79
C PRO J 15 -10.38 -3.79 17.53
N ALA J 16 -10.62 -3.99 18.84
CA ALA J 16 -11.36 -3.06 19.70
C ALA J 16 -10.72 -1.68 19.80
N GLU J 17 -11.56 -0.67 19.60
CA GLU J 17 -11.26 0.77 19.68
C GLU J 17 -12.38 1.39 20.50
N ASN J 18 -12.11 1.61 21.81
CA ASN J 18 -13.09 2.15 22.75
C ASN J 18 -13.52 3.57 22.36
N GLY J 19 -14.82 3.81 22.40
CA GLY J 19 -15.46 5.07 22.02
C GLY J 19 -16.28 4.96 20.75
N LYS J 20 -16.56 3.72 20.31
CA LYS J 20 -17.34 3.41 19.12
C LYS J 20 -18.10 2.09 19.34
N SER J 21 -19.45 2.15 19.28
CA SER J 21 -20.36 1.01 19.46
C SER J 21 -20.15 -0.04 18.37
N ASN J 22 -19.85 -1.29 18.78
CA ASN J 22 -19.55 -2.41 17.89
C ASN J 22 -20.42 -3.66 18.19
N PHE J 23 -20.15 -4.78 17.49
CA PHE J 23 -20.81 -6.08 17.61
C PHE J 23 -19.85 -7.11 18.23
N LEU J 24 -20.15 -7.61 19.45
CA LEU J 24 -19.30 -8.62 20.09
C LEU J 24 -19.77 -10.03 19.66
N ASN J 25 -18.84 -10.97 19.54
CA ASN J 25 -19.12 -12.34 19.11
C ASN J 25 -18.90 -13.36 20.21
N CYS J 26 -19.78 -14.39 20.25
CA CYS J 26 -19.64 -15.55 21.12
C CYS J 26 -19.84 -16.81 20.29
N TYR J 27 -18.74 -17.51 20.01
CA TYR J 27 -18.72 -18.71 19.20
C TYR J 27 -18.76 -19.95 20.10
N VAL J 28 -19.82 -20.74 19.97
CA VAL J 28 -20.00 -22.00 20.71
C VAL J 28 -19.86 -23.15 19.70
N SER J 29 -18.99 -24.13 20.00
CA SER J 29 -18.71 -25.26 19.10
C SER J 29 -18.33 -26.51 19.90
N GLY J 30 -18.37 -27.67 19.23
CA GLY J 30 -18.00 -28.95 19.81
C GLY J 30 -19.01 -29.57 20.75
N PHE J 31 -20.29 -29.17 20.65
CA PHE J 31 -21.35 -29.68 21.53
C PHE J 31 -22.35 -30.63 20.84
N HIS J 32 -22.95 -31.51 21.66
CA HIS J 32 -23.99 -32.48 21.30
C HIS J 32 -24.76 -32.89 22.57
N PRO J 33 -26.12 -32.84 22.61
CA PRO J 33 -27.10 -32.46 21.55
C PRO J 33 -27.11 -30.96 21.23
N SER J 34 -27.92 -30.58 20.22
CA SER J 34 -28.06 -29.23 19.67
C SER J 34 -28.66 -28.19 20.63
N ASP J 35 -29.51 -28.62 21.58
CA ASP J 35 -30.16 -27.73 22.54
C ASP J 35 -29.11 -27.00 23.39
N ILE J 36 -29.00 -25.67 23.21
CA ILE J 36 -28.01 -24.83 23.90
C ILE J 36 -28.60 -23.42 24.16
N GLU J 37 -28.23 -22.83 25.31
CA GLU J 37 -28.68 -21.49 25.73
C GLU J 37 -27.48 -20.57 25.92
N VAL J 38 -27.31 -19.61 25.00
CA VAL J 38 -26.20 -18.64 25.05
C VAL J 38 -26.80 -17.25 25.38
N ASP J 39 -26.95 -17.00 26.70
CA ASP J 39 -27.48 -15.75 27.26
C ASP J 39 -26.32 -14.81 27.52
N LEU J 40 -26.21 -13.73 26.73
CA LEU J 40 -25.15 -12.73 26.86
C LEU J 40 -25.39 -11.87 28.11
N LEU J 41 -24.35 -11.67 28.93
CA LEU J 41 -24.47 -10.88 30.16
C LEU J 41 -23.62 -9.60 30.11
N LYS J 42 -24.23 -8.46 30.49
CA LYS J 42 -23.61 -7.14 30.56
C LYS J 42 -23.36 -6.81 32.04
N ASN J 43 -22.09 -6.93 32.50
CA ASN J 43 -21.61 -6.70 33.88
C ASN J 43 -22.23 -7.70 34.90
N GLY J 44 -23.32 -8.35 34.52
CA GLY J 44 -24.07 -9.30 35.31
C GLY J 44 -25.55 -9.32 34.98
N GLU J 45 -25.96 -8.43 34.04
CA GLU J 45 -27.34 -8.28 33.59
C GLU J 45 -27.60 -9.05 32.29
N ARG J 46 -28.67 -9.86 32.27
CA ARG J 46 -29.07 -10.67 31.11
C ARG J 46 -29.74 -9.80 30.04
N ILE J 47 -29.37 -10.03 28.77
CA ILE J 47 -29.93 -9.31 27.62
C ILE J 47 -31.10 -10.13 27.05
N GLU J 48 -32.25 -9.47 26.82
CA GLU J 48 -33.47 -10.10 26.29
C GLU J 48 -33.44 -10.17 24.75
N LYS J 49 -32.83 -9.16 24.09
CA LYS J 49 -32.70 -9.07 22.63
C LYS J 49 -31.38 -9.72 22.19
N VAL J 50 -31.41 -11.06 21.94
CA VAL J 50 -30.24 -11.83 21.53
C VAL J 50 -30.61 -12.67 20.29
N GLU J 51 -29.73 -12.65 19.26
CA GLU J 51 -29.89 -13.41 18.01
C GLU J 51 -28.66 -14.35 17.79
N HIS J 52 -28.71 -15.20 16.74
CA HIS J 52 -27.64 -16.16 16.40
C HIS J 52 -27.69 -16.61 14.91
N SER J 53 -26.71 -17.43 14.49
CA SER J 53 -26.61 -17.98 13.14
C SER J 53 -27.46 -19.25 13.00
N ASP J 54 -27.53 -19.83 11.78
CA ASP J 54 -28.27 -21.04 11.51
C ASP J 54 -27.45 -22.25 11.94
N LEU J 55 -28.06 -23.16 12.73
CA LEU J 55 -27.43 -24.35 13.29
C LEU J 55 -26.78 -25.23 12.22
N SER J 56 -25.49 -25.51 12.40
CA SER J 56 -24.67 -26.35 11.52
C SER J 56 -23.75 -27.23 12.35
N PHE J 57 -23.00 -28.14 11.72
CA PHE J 57 -22.12 -29.06 12.45
C PHE J 57 -20.85 -29.37 11.67
N SER J 58 -19.80 -29.76 12.40
CA SER J 58 -18.51 -30.14 11.83
C SER J 58 -18.51 -31.63 11.42
N LYS J 59 -17.36 -32.14 10.96
CA LYS J 59 -17.17 -33.49 10.47
C LYS J 59 -17.31 -34.54 11.58
N ASP J 60 -17.01 -34.18 12.83
CA ASP J 60 -17.13 -35.08 13.99
C ASP J 60 -18.59 -35.13 14.53
N TRP J 61 -19.53 -34.43 13.85
CA TRP J 61 -20.98 -34.31 14.10
C TRP J 61 -21.31 -33.28 15.20
N SER J 62 -20.30 -32.67 15.84
CA SER J 62 -20.53 -31.69 16.90
C SER J 62 -21.04 -30.37 16.31
N PHE J 63 -22.03 -29.76 16.98
CA PHE J 63 -22.66 -28.52 16.53
C PHE J 63 -21.87 -27.26 16.84
N TYR J 64 -22.08 -26.20 16.00
CA TYR J 64 -21.45 -24.89 16.17
C TYR J 64 -22.46 -23.77 15.86
N LEU J 65 -22.41 -22.69 16.67
CA LEU J 65 -23.26 -21.51 16.55
C LEU J 65 -22.49 -20.24 16.87
N LEU J 66 -22.80 -19.15 16.15
CA LEU J 66 -22.19 -17.84 16.39
C LEU J 66 -23.29 -16.85 16.78
N TYR J 67 -23.17 -16.28 18.00
CA TYR J 67 -24.07 -15.29 18.58
C TYR J 67 -23.41 -13.92 18.50
N TYR J 68 -24.17 -12.88 18.08
CA TYR J 68 -23.65 -11.51 17.94
C TYR J 68 -24.75 -10.47 18.19
N THR J 69 -24.50 -9.55 19.14
CA THR J 69 -25.41 -8.45 19.52
C THR J 69 -24.65 -7.11 19.53
N GLU J 70 -25.37 -6.01 19.22
CA GLU J 70 -24.80 -4.66 19.19
C GLU J 70 -24.69 -4.10 20.60
N PHE J 71 -23.49 -3.62 20.98
CA PHE J 71 -23.19 -3.04 22.28
C PHE J 71 -22.22 -1.84 22.13
N THR J 72 -21.85 -1.16 23.24
CA THR J 72 -20.95 0.00 23.19
C THR J 72 -19.65 -0.30 23.99
N PRO J 73 -18.55 -0.76 23.33
CA PRO J 73 -17.32 -1.08 24.07
C PRO J 73 -16.52 0.16 24.53
N THR J 74 -16.07 0.13 25.80
CA THR J 74 -15.28 1.18 26.45
C THR J 74 -14.14 0.59 27.31
N GLU J 75 -13.42 1.44 28.06
CA GLU J 75 -12.29 1.06 28.91
C GLU J 75 -12.74 0.49 30.28
N LYS J 76 -13.81 1.04 30.89
CA LYS J 76 -14.24 0.60 32.22
C LYS J 76 -15.37 -0.46 32.21
N ASP J 77 -16.14 -0.59 31.12
CA ASP J 77 -17.26 -1.55 31.06
C ASP J 77 -16.78 -3.01 30.90
N GLU J 78 -17.35 -3.90 31.73
CA GLU J 78 -17.05 -5.34 31.74
C GLU J 78 -18.01 -6.10 30.82
N TYR J 79 -17.48 -7.06 30.05
CA TYR J 79 -18.28 -7.87 29.12
C TYR J 79 -17.99 -9.35 29.27
N ALA J 80 -19.05 -10.15 29.40
CA ALA J 80 -18.98 -11.61 29.55
C ALA J 80 -20.10 -12.31 28.77
N CYS J 81 -20.12 -13.66 28.77
CA CYS J 81 -21.16 -14.43 28.10
C CYS J 81 -21.40 -15.75 28.81
N ARG J 82 -22.66 -15.99 29.20
CA ARG J 82 -23.11 -17.18 29.90
C ARG J 82 -23.69 -18.20 28.90
N VAL J 83 -23.17 -19.43 28.95
CA VAL J 83 -23.61 -20.51 28.07
C VAL J 83 -24.07 -21.69 28.95
N ASN J 84 -25.25 -22.25 28.65
CA ASN J 84 -25.79 -23.40 29.35
C ASN J 84 -26.11 -24.53 28.37
N HIS J 85 -25.73 -25.75 28.77
CA HIS J 85 -25.91 -27.00 28.02
C HIS J 85 -26.23 -28.11 29.01
N VAL J 86 -26.77 -29.25 28.54
CA VAL J 86 -27.13 -30.41 29.37
C VAL J 86 -25.86 -31.02 30.04
N THR J 87 -24.68 -30.85 29.41
CA THR J 87 -23.38 -31.33 29.91
C THR J 87 -22.86 -30.46 31.06
N LEU J 88 -23.37 -29.22 31.17
CA LEU J 88 -22.96 -28.27 32.20
C LEU J 88 -23.92 -28.31 33.39
N SER J 89 -23.38 -28.59 34.59
CA SER J 89 -24.15 -28.58 35.83
C SER J 89 -24.36 -27.13 36.24
N GLN J 90 -23.39 -26.29 35.86
CA GLN J 90 -23.31 -24.86 36.09
C GLN J 90 -23.13 -24.11 34.77
N PRO J 91 -23.95 -23.08 34.45
CA PRO J 91 -23.73 -22.34 33.20
C PRO J 91 -22.38 -21.60 33.24
N LYS J 92 -21.48 -21.96 32.31
CA LYS J 92 -20.12 -21.41 32.24
C LYS J 92 -20.12 -19.94 31.81
N ILE J 93 -19.35 -19.12 32.54
CA ILE J 93 -19.19 -17.70 32.31
C ILE J 93 -17.76 -17.42 31.82
N VAL J 94 -17.64 -16.75 30.66
CA VAL J 94 -16.36 -16.41 30.03
C VAL J 94 -16.39 -14.93 29.69
N LYS J 95 -15.40 -14.19 30.20
CA LYS J 95 -15.30 -12.73 30.09
C LYS J 95 -14.48 -12.30 28.87
N TRP J 96 -14.85 -11.17 28.25
CA TRP J 96 -14.21 -10.63 27.06
C TRP J 96 -12.89 -9.93 27.37
N ASP J 97 -11.88 -10.17 26.52
CA ASP J 97 -10.56 -9.56 26.56
C ASP J 97 -10.15 -9.26 25.12
N ARG J 98 -9.96 -7.96 24.80
CA ARG J 98 -9.61 -7.45 23.47
C ARG J 98 -8.33 -8.07 22.88
N ASP J 99 -7.41 -8.55 23.75
CA ASP J 99 -6.16 -9.21 23.37
C ASP J 99 -6.37 -10.74 23.21
N MET J 100 -7.62 -11.24 23.30
CA MET J 100 -7.95 -12.67 23.16
C MET J 100 -9.00 -12.89 22.06
N GLY K 1 37.35 37.42 29.83
CA GLY K 1 38.34 38.48 30.02
C GLY K 1 38.81 39.11 28.73
N SER K 2 38.48 38.46 27.60
CA SER K 2 38.81 38.87 26.23
C SER K 2 38.07 40.14 25.84
N HIS K 3 38.69 40.97 24.97
CA HIS K 3 38.10 42.23 24.51
C HIS K 3 38.17 42.36 23.00
N SER K 4 37.24 43.16 22.43
CA SER K 4 37.15 43.37 20.99
C SER K 4 36.95 44.84 20.62
N MET K 5 37.45 45.21 19.43
CA MET K 5 37.26 46.53 18.83
C MET K 5 36.70 46.33 17.43
N ARG K 6 35.57 46.97 17.13
CA ARG K 6 34.92 46.81 15.83
C ARG K 6 34.48 48.13 15.24
N TYR K 7 34.69 48.29 13.93
CA TYR K 7 34.26 49.45 13.16
C TYR K 7 33.24 48.98 12.13
N PHE K 8 32.06 49.61 12.09
CA PHE K 8 30.97 49.27 11.16
C PHE K 8 30.69 50.46 10.26
N PHE K 9 30.82 50.25 8.94
CA PHE K 9 30.60 51.31 7.95
C PHE K 9 29.47 50.95 7.01
N THR K 10 28.57 51.92 6.72
N THR K 10 28.59 51.93 6.73
CA THR K 10 27.46 51.70 5.80
CA THR K 10 27.44 51.79 5.83
C THR K 10 27.46 52.84 4.77
C THR K 10 27.49 52.87 4.76
N SER K 11 27.38 52.46 3.49
CA SER K 11 27.36 53.39 2.36
C SER K 11 26.14 53.08 1.53
N VAL K 12 25.16 54.00 1.54
CA VAL K 12 23.91 53.85 0.80
C VAL K 12 23.85 54.88 -0.33
N SER K 13 23.56 54.42 -1.56
CA SER K 13 23.46 55.31 -2.71
C SER K 13 22.05 55.85 -2.83
N ARG K 14 21.93 57.16 -3.13
CA ARG K 14 20.64 57.83 -3.28
C ARG K 14 20.56 58.42 -4.71
N PRO K 15 19.86 57.73 -5.65
CA PRO K 15 19.80 58.21 -7.04
C PRO K 15 19.02 59.51 -7.21
N GLY K 16 18.00 59.73 -6.37
CA GLY K 16 17.18 60.94 -6.41
C GLY K 16 17.87 62.14 -5.80
N ARG K 17 17.10 63.06 -5.19
CA ARG K 17 17.68 64.23 -4.57
C ARG K 17 18.26 63.86 -3.20
N GLY K 18 19.56 64.12 -3.05
CA GLY K 18 20.31 63.80 -1.84
C GLY K 18 21.58 63.05 -2.16
N GLU K 19 22.69 63.48 -1.53
CA GLU K 19 24.02 62.88 -1.70
C GLU K 19 24.10 61.51 -1.00
N PRO K 20 24.88 60.53 -1.52
CA PRO K 20 24.96 59.20 -0.85
C PRO K 20 25.50 59.30 0.57
N ARG K 21 24.77 58.67 1.52
CA ARG K 21 25.09 58.71 2.95
C ARG K 21 26.15 57.70 3.39
N PHE K 22 27.14 58.21 4.14
CA PHE K 22 28.18 57.41 4.75
C PHE K 22 28.09 57.56 6.26
N ILE K 23 27.90 56.43 6.96
CA ILE K 23 27.82 56.37 8.41
C ILE K 23 28.88 55.37 8.90
N ALA K 24 29.67 55.80 9.89
CA ALA K 24 30.73 54.99 10.51
C ALA K 24 30.54 54.95 12.01
N VAL K 25 30.64 53.76 12.62
CA VAL K 25 30.50 53.58 14.07
C VAL K 25 31.64 52.70 14.59
N GLY K 26 32.17 53.08 15.75
CA GLY K 26 33.24 52.36 16.42
C GLY K 26 32.81 51.84 17.77
N TYR K 27 33.13 50.55 18.04
CA TYR K 27 32.78 49.89 19.30
C TYR K 27 33.98 49.24 19.96
N VAL K 28 34.01 49.30 21.29
CA VAL K 28 34.94 48.60 22.17
C VAL K 28 34.01 47.72 22.99
N ASP K 29 33.98 46.41 22.66
CA ASP K 29 33.04 45.41 23.20
C ASP K 29 31.63 45.87 22.82
N ASP K 30 30.73 46.15 23.79
CA ASP K 30 29.36 46.61 23.47
C ASP K 30 29.20 48.12 23.67
N THR K 31 30.31 48.86 23.81
CA THR K 31 30.26 50.31 24.03
C THR K 31 30.75 51.07 22.80
N GLN K 32 29.89 51.95 22.27
CA GLN K 32 30.20 52.82 21.13
C GLN K 32 31.10 53.98 21.64
N PHE K 33 32.16 54.31 20.89
CA PHE K 33 33.09 55.36 21.31
C PHE K 33 33.28 56.44 20.22
N VAL K 34 33.09 56.11 18.94
CA VAL K 34 33.23 57.08 17.85
C VAL K 34 32.09 56.98 16.84
N ARG K 35 31.90 58.06 16.05
CA ARG K 35 30.90 58.14 14.98
C ARG K 35 31.28 59.18 13.94
N PHE K 36 30.85 58.93 12.69
CA PHE K 36 31.01 59.82 11.54
C PHE K 36 29.75 59.74 10.69
N ASP K 37 29.23 60.90 10.23
CA ASP K 37 28.03 60.94 9.41
C ASP K 37 28.10 62.11 8.40
N SER K 38 27.46 61.91 7.22
CA SER K 38 27.40 62.86 6.11
C SER K 38 26.26 63.89 6.28
N ASP K 39 25.17 63.53 6.98
CA ASP K 39 24.03 64.41 7.22
C ASP K 39 24.38 65.51 8.23
N ALA K 40 25.20 65.16 9.25
CA ALA K 40 25.64 66.09 10.30
C ALA K 40 26.55 67.18 9.72
N ALA K 41 26.36 68.44 10.17
CA ALA K 41 27.11 69.62 9.72
C ALA K 41 28.61 69.47 9.96
N SER K 42 29.00 68.80 11.07
CA SER K 42 30.41 68.55 11.40
C SER K 42 30.88 67.33 10.62
N GLN K 43 31.73 67.57 9.60
CA GLN K 43 32.30 66.52 8.73
C GLN K 43 33.60 66.01 9.36
N LYS K 44 33.51 65.61 10.65
CA LYS K 44 34.62 65.11 11.47
C LYS K 44 34.20 63.93 12.35
N MET K 45 35.18 63.07 12.70
CA MET K 45 34.98 61.93 13.59
C MET K 45 34.67 62.48 14.98
N GLU K 46 33.51 62.13 15.53
CA GLU K 46 33.02 62.67 16.80
C GLU K 46 33.08 61.68 17.96
N PRO K 47 33.43 62.13 19.19
CA PRO K 47 33.44 61.20 20.34
C PRO K 47 32.01 60.84 20.79
N ARG K 48 31.79 59.63 21.33
CA ARG K 48 30.43 59.24 21.76
C ARG K 48 30.25 59.44 23.27
N ALA K 49 29.68 60.62 23.66
CA ALA K 49 29.38 61.11 25.03
C ALA K 49 30.67 61.48 25.81
N PRO K 50 30.64 62.41 26.81
CA PRO K 50 31.88 62.73 27.54
C PRO K 50 32.18 61.63 28.57
N TRP K 51 33.22 60.80 28.29
CA TRP K 51 33.59 59.68 29.17
C TRP K 51 35.09 59.31 29.10
N ILE K 52 35.79 59.59 27.98
CA ILE K 52 37.20 59.21 27.83
C ILE K 52 38.17 60.42 27.96
N GLU K 53 39.26 60.40 27.16
CA GLU K 53 40.40 61.32 27.08
C GLU K 53 40.10 62.85 27.24
N GLN K 54 39.12 63.50 26.53
CA GLN K 54 38.11 63.05 25.56
C GLN K 54 38.68 62.74 24.14
N GLU K 55 39.60 63.55 23.54
CA GLU K 55 40.28 64.77 24.00
C GLU K 55 40.18 65.89 22.93
N GLY K 56 41.16 66.78 22.88
CA GLY K 56 41.25 67.86 21.91
C GLY K 56 41.62 67.35 20.53
N PRO K 57 41.32 68.10 19.44
CA PRO K 57 41.64 67.60 18.09
C PRO K 57 43.14 67.55 17.78
N GLU K 58 43.71 66.33 17.86
CA GLU K 58 45.11 66.00 17.56
C GLU K 58 45.15 64.74 16.69
N TYR K 59 44.57 63.63 17.21
CA TYR K 59 44.44 62.35 16.53
C TYR K 59 43.05 62.31 15.84
N TRP K 60 42.18 63.29 16.18
CA TRP K 60 40.84 63.46 15.61
C TRP K 60 40.94 63.95 14.17
N ASP K 61 42.03 64.67 13.84
CA ASP K 61 42.34 65.17 12.49
C ASP K 61 42.71 63.99 11.60
N GLN K 62 43.38 62.97 12.17
CA GLN K 62 43.77 61.75 11.48
C GLN K 62 42.55 60.89 11.19
N GLU K 63 41.66 60.69 12.20
CA GLU K 63 40.43 59.91 12.09
C GLU K 63 39.46 60.51 11.06
N THR K 64 39.37 61.85 11.00
CA THR K 64 38.53 62.59 10.06
C THR K 64 39.05 62.38 8.62
N ARG K 65 40.39 62.41 8.44
CA ARG K 65 41.06 62.20 7.15
C ARG K 65 40.78 60.79 6.62
N ASN K 66 40.84 59.78 7.53
CA ASN K 66 40.55 58.38 7.24
C ASN K 66 39.09 58.18 6.82
N MET K 67 38.16 58.87 7.52
CA MET K 67 36.70 58.79 7.27
C MET K 67 36.28 59.47 5.97
N LYS K 68 37.03 60.49 5.53
CA LYS K 68 36.78 61.17 4.27
C LYS K 68 37.27 60.26 3.13
N ALA K 69 38.43 59.58 3.34
CA ALA K 69 39.02 58.64 2.40
C ALA K 69 38.14 57.38 2.26
N HIS K 70 37.54 56.92 3.38
CA HIS K 70 36.62 55.77 3.44
C HIS K 70 35.35 56.06 2.63
N SER K 71 34.74 57.24 2.85
CA SER K 71 33.53 57.71 2.18
C SER K 71 33.71 57.86 0.67
N GLN K 72 34.86 58.43 0.24
CA GLN K 72 35.21 58.66 -1.16
C GLN K 72 35.42 57.33 -1.90
N THR K 73 36.10 56.35 -1.27
CA THR K 73 36.36 55.02 -1.84
C THR K 73 35.03 54.25 -1.95
N ASP K 74 34.15 54.36 -0.93
CA ASP K 74 32.83 53.72 -0.92
C ASP K 74 31.94 54.29 -2.03
N ARG K 75 32.07 55.61 -2.30
CA ARG K 75 31.36 56.34 -3.36
C ARG K 75 31.75 55.79 -4.74
N ALA K 76 33.07 55.56 -4.95
CA ALA K 76 33.63 55.02 -6.19
C ALA K 76 33.32 53.54 -6.34
N ASN K 77 33.34 52.79 -5.20
CA ASN K 77 33.07 51.35 -5.19
C ASN K 77 31.61 51.02 -5.49
N LEU K 78 30.66 51.91 -5.11
CA LEU K 78 29.24 51.72 -5.42
C LEU K 78 29.02 51.71 -6.93
N GLY K 79 29.72 52.62 -7.63
CA GLY K 79 29.69 52.73 -9.08
C GLY K 79 30.38 51.57 -9.76
N THR K 80 31.49 51.08 -9.17
CA THR K 80 32.27 49.94 -9.67
C THR K 80 31.44 48.64 -9.59
N LEU K 81 30.74 48.41 -8.47
CA LEU K 81 29.93 47.21 -8.28
C LEU K 81 28.66 47.23 -9.15
N ARG K 82 28.16 48.43 -9.50
CA ARG K 82 27.01 48.64 -10.39
C ARG K 82 27.32 48.08 -11.79
N GLY K 83 28.57 48.23 -12.21
CA GLY K 83 29.07 47.73 -13.48
C GLY K 83 29.36 46.24 -13.45
N TYR K 84 29.85 45.74 -12.30
CA TYR K 84 30.19 44.33 -12.07
C TYR K 84 28.96 43.43 -12.14
N TYR K 85 27.86 43.86 -11.51
CA TYR K 85 26.59 43.11 -11.47
C TYR K 85 25.65 43.56 -12.62
N ASN K 86 26.10 44.49 -13.48
CA ASN K 86 25.40 45.08 -14.63
C ASN K 86 24.01 45.62 -14.20
N GLN K 87 24.04 46.58 -13.26
CA GLN K 87 22.85 47.22 -12.69
C GLN K 87 22.71 48.67 -13.19
N SER K 88 21.47 49.20 -13.16
CA SER K 88 21.15 50.56 -13.59
C SER K 88 21.51 51.60 -12.52
N GLU K 89 21.66 52.87 -12.93
CA GLU K 89 22.03 54.00 -12.06
C GLU K 89 20.85 54.54 -11.22
N ASP K 90 19.60 54.21 -11.59
CA ASP K 90 18.40 54.71 -10.89
C ASP K 90 18.01 53.89 -9.64
N GLY K 91 18.78 52.84 -9.33
CA GLY K 91 18.54 51.97 -8.18
C GLY K 91 19.44 52.26 -7.00
N SER K 92 18.92 52.10 -5.77
CA SER K 92 19.66 52.32 -4.53
C SER K 92 20.38 51.06 -4.10
N HIS K 93 21.69 51.16 -3.83
CA HIS K 93 22.52 50.02 -3.41
C HIS K 93 23.32 50.35 -2.15
N THR K 94 23.70 49.29 -1.39
CA THR K 94 24.40 49.44 -0.11
C THR K 94 25.69 48.62 -0.03
N ILE K 95 26.76 49.26 0.49
CA ILE K 95 28.05 48.64 0.79
C ILE K 95 28.24 48.70 2.30
N GLN K 96 28.50 47.54 2.91
CA GLN K 96 28.75 47.42 4.35
C GLN K 96 30.12 46.82 4.59
N ILE K 97 30.88 47.40 5.54
CA ILE K 97 32.21 46.96 5.89
C ILE K 97 32.32 46.83 7.40
N MET K 98 32.91 45.72 7.85
CA MET K 98 33.23 45.45 9.24
C MET K 98 34.70 45.09 9.31
N TYR K 99 35.43 45.72 10.23
CA TYR K 99 36.82 45.38 10.51
C TYR K 99 37.16 45.69 11.96
N GLY K 100 38.14 44.98 12.49
CA GLY K 100 38.58 45.13 13.87
C GLY K 100 39.41 43.96 14.35
N CYS K 101 39.66 43.91 15.66
CA CYS K 101 40.50 42.87 16.25
C CYS K 101 40.05 42.49 17.65
N ASP K 102 40.53 41.32 18.11
CA ASP K 102 40.30 40.77 19.44
C ASP K 102 41.62 40.63 20.18
N VAL K 103 41.60 40.95 21.49
CA VAL K 103 42.74 40.79 22.40
C VAL K 103 42.30 39.91 23.56
N GLY K 104 43.23 39.12 24.10
CA GLY K 104 42.96 38.26 25.24
C GLY K 104 42.98 39.01 26.57
N PRO K 105 42.76 38.33 27.72
CA PRO K 105 42.80 39.05 29.01
C PRO K 105 44.18 39.64 29.33
N ASP K 106 45.24 39.05 28.75
CA ASP K 106 46.64 39.46 28.91
C ASP K 106 47.04 40.54 27.89
N GLY K 107 46.13 40.90 26.99
CA GLY K 107 46.32 41.93 25.98
C GLY K 107 46.94 41.48 24.68
N ARG K 108 47.25 40.17 24.54
CA ARG K 108 47.84 39.63 23.32
C ARG K 108 46.80 39.46 22.21
N PHE K 109 47.23 39.69 20.94
CA PHE K 109 46.42 39.57 19.73
C PHE K 109 45.82 38.17 19.62
N LEU K 110 44.50 38.10 19.38
CA LEU K 110 43.78 36.84 19.25
C LEU K 110 43.35 36.62 17.81
N ARG K 111 42.55 37.55 17.26
CA ARG K 111 42.02 37.48 15.90
C ARG K 111 41.85 38.87 15.28
N GLY K 112 41.95 38.92 13.95
CA GLY K 112 41.77 40.10 13.11
C GLY K 112 40.62 39.87 12.15
N TYR K 113 39.83 40.92 11.87
CA TYR K 113 38.66 40.84 10.99
C TYR K 113 38.64 41.93 9.93
N ARG K 114 38.08 41.59 8.75
CA ARG K 114 37.83 42.46 7.60
C ARG K 114 36.89 41.73 6.64
N GLN K 115 35.61 42.16 6.63
CA GLN K 115 34.53 41.59 5.84
C GLN K 115 33.72 42.69 5.13
N ASP K 116 33.42 42.49 3.84
CA ASP K 116 32.66 43.43 3.02
C ASP K 116 31.41 42.79 2.43
N ALA K 117 30.32 43.58 2.31
CA ALA K 117 29.04 43.11 1.77
C ALA K 117 28.42 44.10 0.80
N TYR K 118 27.74 43.57 -0.23
CA TYR K 118 27.01 44.36 -1.21
C TYR K 118 25.55 43.94 -1.20
N ASP K 119 24.65 44.89 -0.91
CA ASP K 119 23.20 44.71 -0.82
C ASP K 119 22.82 43.59 0.20
N GLY K 120 23.50 43.59 1.35
CA GLY K 120 23.25 42.65 2.44
C GLY K 120 23.74 41.23 2.24
N LYS K 121 24.57 41.01 1.23
CA LYS K 121 25.14 39.70 0.92
C LYS K 121 26.65 39.78 0.90
N ASP K 122 27.33 38.73 1.41
CA ASP K 122 28.81 38.64 1.44
C ASP K 122 29.41 39.00 0.08
N TYR K 123 30.46 39.84 0.07
CA TYR K 123 31.16 40.22 -1.15
C TYR K 123 32.57 39.64 -1.11
N ILE K 124 33.42 40.21 -0.25
CA ILE K 124 34.80 39.77 -0.07
C ILE K 124 35.12 39.80 1.42
N ALA K 125 35.94 38.84 1.88
CA ALA K 125 36.34 38.73 3.29
C ALA K 125 37.76 38.26 3.41
N LEU K 126 38.47 38.82 4.41
CA LEU K 126 39.83 38.41 4.73
C LEU K 126 39.74 37.19 5.63
N ASN K 127 40.49 36.13 5.29
CA ASN K 127 40.48 34.88 6.05
C ASN K 127 41.19 35.05 7.38
N GLU K 128 40.95 34.12 8.33
CA GLU K 128 41.51 34.13 9.69
C GLU K 128 43.05 34.23 9.70
N ASP K 129 43.72 33.65 8.68
CA ASP K 129 45.18 33.67 8.54
C ASP K 129 45.74 35.08 8.19
N LEU K 130 44.84 36.01 7.76
CA LEU K 130 45.12 37.41 7.36
C LEU K 130 46.14 37.43 6.19
N ARG K 131 46.10 36.39 5.34
CA ARG K 131 47.00 36.16 4.20
C ARG K 131 46.24 35.99 2.89
N SER K 132 44.99 35.51 2.96
CA SER K 132 44.16 35.21 1.80
C SER K 132 42.76 35.83 1.91
N TRP K 133 42.06 35.89 0.77
CA TRP K 133 40.71 36.44 0.64
C TRP K 133 39.70 35.37 0.20
N THR K 134 38.45 35.53 0.62
CA THR K 134 37.33 34.66 0.24
C THR K 134 36.36 35.52 -0.56
N ALA K 135 36.23 35.20 -1.86
CA ALA K 135 35.33 35.87 -2.79
C ALA K 135 34.01 35.09 -2.83
N ALA K 136 32.89 35.77 -2.54
CA ALA K 136 31.57 35.14 -2.47
C ALA K 136 31.02 34.74 -3.85
N ASP K 137 31.24 35.56 -4.89
CA ASP K 137 30.75 35.29 -6.24
C ASP K 137 31.82 35.64 -7.31
N MET K 138 31.43 35.55 -8.61
CA MET K 138 32.28 35.82 -9.76
C MET K 138 32.75 37.28 -9.81
N ALA K 139 31.87 38.23 -9.42
CA ALA K 139 32.17 39.67 -9.40
C ALA K 139 33.22 39.99 -8.35
N ALA K 140 33.17 39.28 -7.21
CA ALA K 140 34.08 39.40 -6.08
C ALA K 140 35.46 38.83 -6.41
N GLN K 141 35.51 37.82 -7.30
CA GLN K 141 36.74 37.15 -7.73
C GLN K 141 37.66 38.12 -8.51
N ILE K 142 37.06 39.15 -9.13
CA ILE K 142 37.83 40.16 -9.88
C ILE K 142 38.43 41.16 -8.87
N THR K 143 37.73 41.45 -7.75
CA THR K 143 38.22 42.32 -6.67
C THR K 143 39.38 41.61 -5.96
N LYS K 144 39.25 40.28 -5.79
CA LYS K 144 40.22 39.38 -5.17
C LYS K 144 41.54 39.41 -5.95
N ARG K 145 41.48 39.34 -7.29
CA ARG K 145 42.65 39.38 -8.18
C ARG K 145 43.34 40.75 -8.13
N LYS K 146 42.54 41.82 -8.01
CA LYS K 146 42.96 43.22 -7.94
C LYS K 146 43.68 43.51 -6.62
N TRP K 147 43.16 42.94 -5.52
CA TRP K 147 43.67 43.10 -4.16
C TRP K 147 44.91 42.24 -3.91
N GLU K 148 45.03 41.09 -4.60
CA GLU K 148 46.21 40.22 -4.51
C GLU K 148 47.40 40.88 -5.23
N ALA K 149 47.11 41.59 -6.35
CA ALA K 149 48.08 42.30 -7.18
C ALA K 149 48.72 43.48 -6.42
N VAL K 150 47.98 44.13 -5.50
CA VAL K 150 48.46 45.27 -4.71
C VAL K 150 48.81 44.83 -3.26
N HIS K 151 48.80 43.51 -2.99
CA HIS K 151 49.12 42.88 -1.70
C HIS K 151 48.34 43.52 -0.53
N ALA K 152 47.00 43.63 -0.70
CA ALA K 152 46.08 44.22 0.28
C ALA K 152 45.96 43.41 1.58
N ALA K 153 46.12 42.06 1.51
CA ALA K 153 46.05 41.17 2.67
C ALA K 153 47.17 41.45 3.67
N GLU K 154 48.39 41.74 3.16
CA GLU K 154 49.55 42.06 4.00
C GLU K 154 49.34 43.41 4.69
N GLN K 155 48.81 44.40 3.94
CA GLN K 155 48.51 45.76 4.40
C GLN K 155 47.48 45.71 5.54
N ARG K 156 46.47 44.82 5.40
CA ARG K 156 45.41 44.60 6.39
C ARG K 156 45.98 43.98 7.65
N ARG K 157 46.87 42.98 7.51
CA ARG K 157 47.55 42.29 8.63
C ARG K 157 48.35 43.29 9.46
N VAL K 158 49.11 44.22 8.79
CA VAL K 158 49.94 45.25 9.42
C VAL K 158 49.05 46.11 10.35
N TYR K 159 47.85 46.53 9.87
CA TYR K 159 46.93 47.32 10.67
C TYR K 159 46.35 46.52 11.83
N LEU K 160 45.79 45.31 11.55
CA LEU K 160 45.12 44.46 12.54
C LEU K 160 46.02 44.00 13.67
N GLU K 161 47.27 43.58 13.37
CA GLU K 161 48.22 43.12 14.37
C GLU K 161 49.08 44.27 14.93
N GLY K 162 48.91 45.47 14.39
CA GLY K 162 49.65 46.65 14.82
C GLY K 162 48.80 47.72 15.49
N ARG K 163 48.48 48.80 14.74
CA ARG K 163 47.71 49.97 15.18
C ARG K 163 46.37 49.59 15.83
N CYS K 164 45.66 48.59 15.28
CA CYS K 164 44.35 48.13 15.76
C CYS K 164 44.45 47.59 17.19
N VAL K 165 45.39 46.66 17.47
CA VAL K 165 45.57 46.07 18.81
C VAL K 165 46.16 47.09 19.78
N ASP K 166 47.15 47.88 19.34
CA ASP K 166 47.80 48.89 20.18
C ASP K 166 46.78 49.95 20.62
N GLY K 167 45.88 50.32 19.69
CA GLY K 167 44.78 51.24 19.95
C GLY K 167 43.81 50.67 20.96
N LEU K 168 43.32 49.43 20.73
CA LEU K 168 42.41 48.70 21.64
C LEU K 168 43.01 48.60 23.06
N ARG K 169 44.30 48.23 23.18
CA ARG K 169 45.02 48.14 24.46
C ARG K 169 44.99 49.46 25.22
N ARG K 170 45.24 50.57 24.49
CA ARG K 170 45.26 51.94 24.99
C ARG K 170 43.85 52.37 25.45
N TYR K 171 42.80 52.08 24.65
CA TYR K 171 41.41 52.42 24.97
C TYR K 171 40.94 51.71 26.24
N LEU K 172 41.34 50.42 26.40
CA LEU K 172 41.00 49.61 27.57
C LEU K 172 41.63 50.15 28.85
N GLU K 173 42.86 50.68 28.76
CA GLU K 173 43.57 51.28 29.90
C GLU K 173 42.96 52.66 30.19
N ASN K 174 42.68 53.46 29.13
CA ASN K 174 42.05 54.79 29.23
C ASN K 174 40.63 54.61 29.76
N GLY K 175 40.51 54.63 31.09
CA GLY K 175 39.26 54.43 31.79
C GLY K 175 38.84 52.97 31.84
N LYS K 176 39.35 52.24 32.85
CA LYS K 176 39.04 50.83 33.12
C LYS K 176 37.71 50.74 33.90
N GLU K 177 37.32 51.87 34.54
CA GLU K 177 36.14 52.08 35.38
C GLU K 177 34.81 51.67 34.72
N THR K 178 34.74 51.65 33.37
CA THR K 178 33.52 51.27 32.65
C THR K 178 33.73 50.06 31.74
N LEU K 179 34.81 50.05 30.91
CA LEU K 179 35.11 48.98 29.96
C LEU K 179 35.46 47.64 30.64
N GLN K 180 36.26 47.66 31.72
CA GLN K 180 36.64 46.44 32.46
C GLN K 180 35.55 46.08 33.49
N ARG K 181 34.66 47.04 33.78
CA ARG K 181 33.53 46.89 34.69
C ARG K 181 32.47 45.97 34.05
N THR K 182 31.98 45.00 34.83
CA THR K 182 30.95 44.04 34.41
C THR K 182 29.74 44.21 35.35
N ASP K 183 28.59 44.65 34.80
CA ASP K 183 27.40 44.90 35.59
C ASP K 183 26.46 43.70 35.62
N PRO K 184 26.16 43.14 36.81
CA PRO K 184 25.26 41.97 36.88
C PRO K 184 23.80 42.34 36.58
N PRO K 185 22.99 41.43 36.00
CA PRO K 185 21.59 41.80 35.72
C PRO K 185 20.74 41.87 36.99
N LYS K 186 19.81 42.85 37.02
CA LYS K 186 18.83 42.98 38.09
C LYS K 186 17.67 42.10 37.64
N THR K 187 17.36 41.05 38.40
CA THR K 187 16.35 40.07 37.99
C THR K 187 15.08 40.12 38.84
N HIS K 188 13.94 39.82 38.20
CA HIS K 188 12.62 39.74 38.82
C HIS K 188 11.68 38.91 37.93
N MET K 189 10.62 38.34 38.52
CA MET K 189 9.67 37.50 37.81
C MET K 189 8.25 38.01 37.97
N THR K 190 7.46 37.94 36.87
CA THR K 190 6.05 38.32 36.87
C THR K 190 5.19 37.09 36.55
N HIS K 191 3.95 37.10 37.05
CA HIS K 191 2.97 36.03 36.87
C HIS K 191 1.63 36.66 36.51
N HIS K 192 1.08 36.26 35.35
CA HIS K 192 -0.18 36.79 34.85
C HIS K 192 -1.06 35.67 34.29
N PRO K 193 -2.23 35.39 34.89
CA PRO K 193 -3.09 34.33 34.35
C PRO K 193 -3.73 34.74 33.03
N ILE K 194 -3.70 33.84 32.04
CA ILE K 194 -4.27 34.09 30.70
C ILE K 194 -5.67 33.44 30.64
N SER K 195 -5.96 32.58 31.62
CA SER K 195 -7.21 31.87 31.84
C SER K 195 -7.24 31.33 33.28
N ASP K 196 -8.25 30.51 33.62
CA ASP K 196 -8.38 29.92 34.96
C ASP K 196 -7.51 28.65 35.08
N HIS K 197 -6.92 28.16 33.97
CA HIS K 197 -6.11 26.94 33.94
C HIS K 197 -4.66 27.17 33.50
N GLU K 198 -4.33 28.34 32.90
CA GLU K 198 -2.97 28.66 32.46
C GLU K 198 -2.53 30.05 32.92
N ALA K 199 -1.21 30.23 33.08
CA ALA K 199 -0.59 31.51 33.45
C ALA K 199 0.77 31.68 32.80
N THR K 200 1.13 32.93 32.49
CA THR K 200 2.42 33.24 31.90
C THR K 200 3.40 33.69 32.99
N LEU K 201 4.58 33.05 33.01
CA LEU K 201 5.68 33.38 33.90
C LEU K 201 6.74 34.08 33.07
N ARG K 202 7.08 35.34 33.40
CA ARG K 202 8.09 36.11 32.66
C ARG K 202 9.26 36.44 33.58
N CYS K 203 10.46 36.02 33.18
CA CYS K 203 11.66 36.29 33.94
C CYS K 203 12.46 37.39 33.26
N TRP K 204 12.78 38.45 34.02
CA TRP K 204 13.48 39.62 33.53
C TRP K 204 14.95 39.68 33.94
N ALA K 205 15.74 40.35 33.10
CA ALA K 205 17.16 40.64 33.31
C ALA K 205 17.38 42.07 32.82
N LEU K 206 17.65 43.01 33.75
CA LEU K 206 17.81 44.41 33.40
C LEU K 206 19.12 45.02 33.90
N GLY K 207 19.52 46.10 33.21
CA GLY K 207 20.70 46.91 33.48
C GLY K 207 22.01 46.14 33.53
N PHE K 208 22.21 45.19 32.61
CA PHE K 208 23.44 44.41 32.60
C PHE K 208 24.40 44.83 31.51
N TYR K 209 25.68 44.59 31.75
CA TYR K 209 26.78 44.86 30.82
C TYR K 209 27.91 43.84 31.08
N PRO K 210 28.47 43.17 30.05
CA PRO K 210 28.18 43.26 28.59
C PRO K 210 26.81 42.68 28.22
N ALA K 211 26.43 42.81 26.93
CA ALA K 211 25.15 42.35 26.37
C ALA K 211 24.95 40.84 26.45
N GLU K 212 26.04 40.05 26.39
CA GLU K 212 26.01 38.59 26.43
C GLU K 212 25.37 38.09 27.73
N ILE K 213 24.29 37.30 27.58
CA ILE K 213 23.49 36.72 28.66
C ILE K 213 22.79 35.45 28.14
N THR K 214 22.41 34.53 29.06
CA THR K 214 21.68 33.31 28.72
C THR K 214 20.52 33.15 29.72
N LEU K 215 19.28 33.28 29.21
CA LEU K 215 18.04 33.11 29.97
C LEU K 215 17.42 31.80 29.52
N THR K 216 17.31 30.82 30.42
CA THR K 216 16.78 29.50 30.10
C THR K 216 15.74 29.08 31.14
N TRP K 217 14.57 28.62 30.67
CA TRP K 217 13.50 28.10 31.51
C TRP K 217 13.66 26.60 31.63
N GLN K 218 13.38 26.05 32.82
CA GLN K 218 13.48 24.63 33.07
C GLN K 218 12.25 24.15 33.85
N ARG K 219 11.81 22.91 33.56
CA ARG K 219 10.72 22.24 34.25
C ARG K 219 11.32 20.97 34.83
N ASP K 220 11.32 20.85 36.17
CA ASP K 220 11.91 19.74 36.94
C ASP K 220 13.40 19.57 36.58
N GLY K 221 14.09 20.68 36.39
CA GLY K 221 15.51 20.73 36.02
C GLY K 221 15.82 20.28 34.61
N GLU K 222 14.82 20.29 33.71
CA GLU K 222 14.99 19.93 32.30
C GLU K 222 14.74 21.16 31.43
N ASP K 223 15.69 21.48 30.54
CA ASP K 223 15.63 22.62 29.63
C ASP K 223 14.31 22.66 28.88
N GLN K 224 13.63 23.82 28.95
CA GLN K 224 12.34 24.06 28.34
C GLN K 224 12.48 25.01 27.17
N THR K 225 12.05 24.56 26.00
CA THR K 225 12.08 25.33 24.76
C THR K 225 10.63 25.49 24.25
N GLN K 226 9.75 24.52 24.61
CA GLN K 226 8.35 24.46 24.23
C GLN K 226 7.50 25.34 25.17
N ASP K 227 6.51 26.05 24.58
CA ASP K 227 5.61 27.00 25.26
C ASP K 227 6.38 28.22 25.81
N THR K 228 7.56 28.54 25.23
CA THR K 228 8.41 29.64 25.68
C THR K 228 8.54 30.76 24.62
N GLU K 229 8.95 31.96 25.07
CA GLU K 229 9.23 33.12 24.23
C GLU K 229 10.46 33.84 24.77
N LEU K 230 11.53 33.87 23.96
CA LEU K 230 12.78 34.53 24.30
C LEU K 230 12.96 35.70 23.36
N VAL K 231 12.95 36.93 23.91
CA VAL K 231 13.10 38.13 23.10
C VAL K 231 14.59 38.42 22.91
N GLU K 232 14.91 39.12 21.83
CA GLU K 232 16.27 39.54 21.49
C GLU K 232 16.77 40.53 22.53
N THR K 233 18.06 40.44 22.92
CA THR K 233 18.69 41.34 23.88
C THR K 233 18.59 42.76 23.29
N ARG K 234 18.09 43.69 24.10
CA ARG K 234 17.85 45.06 23.64
C ARG K 234 18.58 46.11 24.47
N PRO K 235 19.03 47.24 23.86
CA PRO K 235 19.71 48.28 24.64
C PRO K 235 18.71 49.12 25.44
N ALA K 236 19.05 49.44 26.70
CA ALA K 236 18.21 50.28 27.56
C ALA K 236 18.32 51.75 27.14
N GLY K 237 19.46 52.12 26.55
CA GLY K 237 19.75 53.47 26.07
C GLY K 237 20.72 54.24 26.94
N ASP K 238 21.14 53.63 28.05
CA ASP K 238 22.08 54.23 29.01
C ASP K 238 23.42 53.44 29.05
N GLY K 239 23.65 52.61 28.03
CA GLY K 239 24.84 51.78 27.93
C GLY K 239 24.68 50.38 28.52
N THR K 240 23.47 50.09 29.06
CA THR K 240 23.14 48.79 29.65
C THR K 240 22.13 48.05 28.76
N PHE K 241 21.92 46.74 29.02
CA PHE K 241 21.04 45.92 28.18
C PHE K 241 19.92 45.25 28.97
N GLN K 242 18.89 44.79 28.25
CA GLN K 242 17.69 44.13 28.80
C GLN K 242 17.35 42.86 28.01
N LYS K 243 16.68 41.91 28.68
CA LYS K 243 16.22 40.65 28.08
C LYS K 243 15.21 39.98 28.98
N TRP K 244 14.23 39.29 28.39
CA TRP K 244 13.26 38.53 29.15
C TRP K 244 12.90 37.23 28.43
N ALA K 245 12.49 36.25 29.22
CA ALA K 245 12.08 34.92 28.79
C ALA K 245 10.78 34.57 29.48
N ALA K 246 9.75 34.20 28.70
CA ALA K 246 8.44 33.87 29.24
C ALA K 246 8.03 32.43 28.90
N VAL K 247 7.25 31.82 29.79
CA VAL K 247 6.74 30.46 29.60
C VAL K 247 5.29 30.41 30.10
N VAL K 248 4.40 29.73 29.34
CA VAL K 248 3.01 29.53 29.72
C VAL K 248 2.96 28.20 30.47
N VAL K 249 2.49 28.23 31.73
CA VAL K 249 2.49 27.06 32.60
C VAL K 249 1.05 26.73 33.07
N PRO K 250 0.72 25.45 33.36
CA PRO K 250 -0.61 25.15 33.90
C PRO K 250 -0.74 25.69 35.32
N SER K 251 -1.90 26.28 35.65
CA SER K 251 -2.17 26.87 36.96
C SER K 251 -2.02 25.84 38.07
N GLY K 252 -1.24 26.21 39.08
CA GLY K 252 -0.94 25.34 40.23
C GLY K 252 0.35 24.56 40.10
N GLU K 253 1.07 24.73 38.98
CA GLU K 253 2.33 24.03 38.69
C GLU K 253 3.52 25.00 38.52
N GLU K 254 3.36 26.27 38.92
CA GLU K 254 4.36 27.34 38.80
C GLU K 254 5.71 26.98 39.47
N GLN K 255 5.69 26.31 40.62
CA GLN K 255 6.86 25.92 41.43
C GLN K 255 7.76 24.86 40.73
N ARG K 256 7.23 24.15 39.72
CA ARG K 256 7.99 23.15 38.97
C ARG K 256 8.96 23.82 37.97
N TYR K 257 8.75 25.10 37.68
CA TYR K 257 9.50 25.88 36.71
C TYR K 257 10.53 26.81 37.35
N THR K 258 11.74 26.81 36.78
CA THR K 258 12.87 27.65 37.21
C THR K 258 13.52 28.36 36.03
N CYS K 259 13.95 29.60 36.25
CA CYS K 259 14.65 30.35 35.23
C CYS K 259 16.12 30.46 35.62
N HIS K 260 16.99 30.07 34.67
CA HIS K 260 18.44 30.03 34.79
C HIS K 260 19.04 31.24 34.06
N VAL K 261 19.63 32.19 34.82
CA VAL K 261 20.22 33.39 34.22
C VAL K 261 21.75 33.32 34.36
N GLN K 262 22.43 33.26 33.22
CA GLN K 262 23.88 33.19 33.10
C GLN K 262 24.45 34.50 32.57
N HIS K 263 25.36 35.13 33.32
CA HIS K 263 26.02 36.39 32.98
C HIS K 263 27.40 36.42 33.64
N GLU K 264 28.42 37.04 32.98
CA GLU K 264 29.79 37.11 33.53
C GLU K 264 29.87 37.99 34.80
N GLY K 265 28.90 38.90 34.96
CA GLY K 265 28.80 39.77 36.14
C GLY K 265 28.33 39.03 37.39
N LEU K 266 27.69 37.86 37.19
CA LEU K 266 27.19 36.99 38.25
C LEU K 266 28.30 36.05 38.76
N PRO K 267 28.49 35.90 40.10
CA PRO K 267 29.55 34.97 40.58
C PRO K 267 29.20 33.51 40.31
N LYS K 268 27.90 33.20 40.22
CA LYS K 268 27.32 31.89 39.91
C LYS K 268 25.96 32.12 39.22
N PRO K 269 25.55 31.29 38.21
CA PRO K 269 24.24 31.52 37.57
C PRO K 269 23.09 31.42 38.57
N LEU K 270 22.14 32.36 38.50
CA LEU K 270 20.99 32.41 39.39
C LEU K 270 19.91 31.43 38.96
N THR K 271 19.09 31.02 39.93
CA THR K 271 17.95 30.13 39.75
C THR K 271 16.77 30.84 40.38
N LEU K 272 15.86 31.36 39.54
CA LEU K 272 14.66 32.09 39.96
C LEU K 272 13.44 31.20 39.86
N ARG K 273 12.59 31.22 40.92
CA ARG K 273 11.38 30.41 41.01
C ARG K 273 10.23 31.25 41.57
N TRP K 274 9.02 31.10 40.99
CA TRP K 274 7.83 31.81 41.46
C TRP K 274 7.37 31.19 42.79
N GLU K 275 7.37 31.96 43.88
CA GLU K 275 6.97 31.43 45.17
C GLU K 275 5.71 32.14 45.66
N MET L 1 17.03 40.41 -5.29
CA MET L 1 17.39 41.35 -4.24
C MET L 1 16.88 40.84 -2.88
N ILE L 2 17.80 40.65 -1.92
CA ILE L 2 17.48 40.14 -0.58
C ILE L 2 16.85 41.26 0.27
N GLN L 3 15.69 40.97 0.86
CA GLN L 3 15.01 41.89 1.75
C GLN L 3 14.67 41.18 3.07
N ARG L 4 14.90 41.87 4.19
CA ARG L 4 14.65 41.35 5.52
C ARG L 4 13.65 42.25 6.24
N THR L 5 12.61 41.65 6.83
CA THR L 5 11.56 42.39 7.53
C THR L 5 12.02 42.72 8.97
N PRO L 6 11.77 43.95 9.47
CA PRO L 6 12.23 44.30 10.82
C PRO L 6 11.46 43.63 11.96
N LYS L 7 12.20 43.34 13.02
CA LYS L 7 11.70 42.86 14.32
C LYS L 7 11.47 44.12 15.13
N ILE L 8 10.35 44.21 15.85
CA ILE L 8 10.05 45.45 16.59
C ILE L 8 9.80 45.17 18.08
N GLN L 9 10.42 46.00 18.94
CA GLN L 9 10.26 45.97 20.39
C GLN L 9 10.04 47.38 20.91
N VAL L 10 8.95 47.58 21.66
CA VAL L 10 8.59 48.88 22.29
C VAL L 10 8.64 48.64 23.81
N TYR L 11 9.47 49.45 24.51
CA TYR L 11 9.72 49.28 25.95
C TYR L 11 10.28 50.55 26.58
N SER L 12 10.43 50.55 27.92
CA SER L 12 10.98 51.65 28.70
C SER L 12 12.40 51.32 29.19
N ARG L 13 13.23 52.37 29.42
CA ARG L 13 14.61 52.23 29.89
C ARG L 13 14.66 51.59 31.28
N HIS L 14 13.81 52.08 32.21
CA HIS L 14 13.71 51.55 33.58
C HIS L 14 12.27 51.05 33.83
N PRO L 15 12.01 50.17 34.84
CA PRO L 15 10.63 49.70 35.06
C PRO L 15 9.67 50.88 35.26
N ALA L 16 8.56 50.87 34.50
CA ALA L 16 7.57 51.95 34.48
C ALA L 16 6.87 52.14 35.83
N GLU L 17 6.80 53.41 36.23
CA GLU L 17 6.14 53.88 37.44
C GLU L 17 5.31 55.11 37.05
N ASN L 18 4.02 55.13 37.43
CA ASN L 18 3.10 56.23 37.16
C ASN L 18 3.61 57.55 37.76
N GLY L 19 3.71 58.58 36.92
CA GLY L 19 4.16 59.91 37.32
C GLY L 19 5.64 60.14 37.41
N LYS L 20 6.45 59.11 37.17
CA LYS L 20 7.91 59.19 37.23
C LYS L 20 8.49 59.27 35.83
N SER L 21 9.50 60.16 35.63
CA SER L 21 10.18 60.36 34.36
C SER L 21 10.95 59.12 33.94
N ASN L 22 10.89 58.79 32.64
CA ASN L 22 11.51 57.61 32.04
C ASN L 22 11.85 57.87 30.57
N PHE L 23 12.28 56.83 29.86
CA PHE L 23 12.59 56.90 28.44
C PHE L 23 11.81 55.84 27.71
N LEU L 24 11.11 56.23 26.62
CA LEU L 24 10.35 55.30 25.80
C LEU L 24 11.23 54.90 24.61
N ASN L 25 11.49 53.60 24.48
CA ASN L 25 12.34 53.03 23.43
C ASN L 25 11.60 52.21 22.40
N CYS L 26 12.09 52.25 21.15
CA CYS L 26 11.65 51.39 20.08
C CYS L 26 12.87 50.86 19.35
N TYR L 27 13.12 49.56 19.53
CA TYR L 27 14.25 48.87 18.93
C TYR L 27 13.80 48.12 17.68
N VAL L 28 14.34 48.51 16.53
CA VAL L 28 14.08 47.88 15.24
C VAL L 28 15.36 47.16 14.82
N SER L 29 15.24 45.86 14.49
CA SER L 29 16.39 45.02 14.15
C SER L 29 16.06 43.94 13.12
N GLY L 30 17.10 43.34 12.55
CA GLY L 30 16.99 42.28 11.57
C GLY L 30 16.42 42.69 10.22
N PHE L 31 16.56 43.97 9.85
CA PHE L 31 16.01 44.47 8.59
C PHE L 31 17.08 44.86 7.56
N HIS L 32 16.65 44.83 6.28
CA HIS L 32 17.45 45.18 5.10
C HIS L 32 16.48 45.49 3.94
N PRO L 33 16.60 46.63 3.20
CA PRO L 33 17.62 47.70 3.30
C PRO L 33 17.47 48.58 4.54
N SER L 34 18.41 49.53 4.72
CA SER L 34 18.54 50.44 5.86
C SER L 34 17.39 51.44 6.01
N ASP L 35 16.75 51.85 4.89
CA ASP L 35 15.66 52.83 4.88
C ASP L 35 14.47 52.31 5.68
N ILE L 36 14.13 53.01 6.78
CA ILE L 36 13.03 52.63 7.66
C ILE L 36 12.36 53.88 8.25
N GLU L 37 11.03 53.81 8.41
CA GLU L 37 10.22 54.88 8.97
C GLU L 37 9.74 54.42 10.34
N VAL L 38 10.35 54.99 11.39
CA VAL L 38 10.03 54.67 12.78
C VAL L 38 9.58 55.95 13.49
N ASP L 39 8.37 55.90 14.08
CA ASP L 39 7.77 57.00 14.83
C ASP L 39 7.20 56.49 16.15
N LEU L 40 7.35 57.30 17.20
CA LEU L 40 6.84 56.99 18.53
C LEU L 40 5.56 57.79 18.76
N LEU L 41 4.49 57.11 19.20
CA LEU L 41 3.16 57.68 19.35
C LEU L 41 2.70 57.89 20.79
N LYS L 42 1.82 58.89 20.98
CA LYS L 42 1.13 59.26 22.20
C LYS L 42 -0.38 59.13 21.94
N ASN L 43 -0.78 57.93 21.43
CA ASN L 43 -2.13 57.53 21.00
C ASN L 43 -2.56 58.41 19.82
N GLY L 44 -2.10 58.01 18.62
CA GLY L 44 -2.38 58.72 17.38
C GLY L 44 -1.38 59.83 17.11
N GLU L 45 -1.21 60.74 18.10
CA GLU L 45 -0.32 61.89 18.03
C GLU L 45 1.15 61.46 18.03
N ARG L 46 1.91 61.91 17.02
CA ARG L 46 3.33 61.62 16.86
C ARG L 46 4.16 62.55 17.76
N ILE L 47 5.11 61.97 18.51
CA ILE L 47 6.02 62.71 19.40
C ILE L 47 7.09 63.34 18.50
N GLU L 48 7.24 64.68 18.58
CA GLU L 48 8.16 65.45 17.74
C GLU L 48 9.64 65.25 18.13
N LYS L 49 9.97 65.41 19.42
CA LYS L 49 11.34 65.29 19.95
C LYS L 49 11.74 63.82 20.15
N VAL L 50 12.09 63.12 19.05
CA VAL L 50 12.49 61.71 19.08
C VAL L 50 13.89 61.60 18.46
N GLU L 51 14.83 61.06 19.24
CA GLU L 51 16.21 60.84 18.82
C GLU L 51 16.42 59.37 18.49
N HIS L 52 17.45 59.06 17.68
CA HIS L 52 17.76 57.68 17.32
C HIS L 52 19.27 57.46 17.28
N SER L 53 19.67 56.19 17.47
CA SER L 53 21.06 55.75 17.45
C SER L 53 21.67 55.88 16.05
N ASP L 54 23.00 55.79 15.95
CA ASP L 54 23.70 55.81 14.67
C ASP L 54 23.57 54.44 14.04
N LEU L 55 23.23 54.38 12.73
CA LEU L 55 22.99 53.14 11.99
C LEU L 55 24.17 52.16 12.09
N SER L 56 23.86 50.94 12.59
CA SER L 56 24.80 49.85 12.76
C SER L 56 24.15 48.54 12.30
N PHE L 57 24.93 47.45 12.26
CA PHE L 57 24.42 46.17 11.79
C PHE L 57 25.05 44.98 12.52
N SER L 58 24.37 43.83 12.48
CA SER L 58 24.77 42.57 13.10
C SER L 58 25.69 41.77 12.16
N LYS L 59 26.17 40.60 12.60
CA LYS L 59 27.07 39.71 11.83
C LYS L 59 26.41 39.20 10.54
N ASP L 60 25.07 39.07 10.53
CA ASP L 60 24.30 38.60 9.36
C ASP L 60 24.03 39.74 8.35
N TRP L 61 24.58 40.96 8.63
CA TRP L 61 24.51 42.22 7.85
C TRP L 61 23.17 42.97 8.02
N SER L 62 22.23 42.43 8.82
CA SER L 62 20.93 43.08 9.07
C SER L 62 21.12 44.27 10.00
N PHE L 63 20.43 45.38 9.70
CA PHE L 63 20.53 46.63 10.45
C PHE L 63 19.71 46.66 11.72
N TYR L 64 20.14 47.50 12.67
CA TYR L 64 19.43 47.74 13.92
C TYR L 64 19.50 49.21 14.29
N LEU L 65 18.41 49.73 14.85
CA LEU L 65 18.29 51.13 15.28
C LEU L 65 17.47 51.22 16.55
N LEU L 66 17.86 52.15 17.43
CA LEU L 66 17.14 52.44 18.66
C LEU L 66 16.61 53.85 18.60
N TYR L 67 15.29 53.99 18.67
CA TYR L 67 14.57 55.25 18.67
C TYR L 67 14.13 55.49 20.10
N TYR L 68 14.38 56.70 20.64
CA TYR L 68 14.09 56.97 22.05
C TYR L 68 13.67 58.42 22.29
N THR L 69 12.83 58.61 23.33
CA THR L 69 12.34 59.91 23.78
C THR L 69 12.01 59.86 25.28
N GLU L 70 12.11 61.02 25.95
CA GLU L 70 11.78 61.21 27.37
C GLU L 70 10.25 61.13 27.51
N PHE L 71 9.75 60.33 28.47
CA PHE L 71 8.31 60.18 28.66
C PHE L 71 8.00 59.95 30.15
N THR L 72 6.82 60.38 30.57
CA THR L 72 6.35 60.22 31.94
C THR L 72 5.07 59.36 31.87
N PRO L 73 5.20 58.03 32.12
CA PRO L 73 4.01 57.15 32.02
C PRO L 73 2.94 57.48 33.07
N THR L 74 1.68 57.44 32.66
CA THR L 74 0.50 57.67 33.51
C THR L 74 -0.43 56.46 33.29
N GLU L 75 -1.64 56.47 33.89
CA GLU L 75 -2.56 55.35 33.75
C GLU L 75 -3.25 55.30 32.39
N LYS L 76 -3.79 56.43 31.89
CA LYS L 76 -4.49 56.39 30.60
C LYS L 76 -3.79 57.22 29.50
N ASP L 77 -2.49 56.95 29.33
CA ASP L 77 -1.67 57.49 28.26
C ASP L 77 -1.22 56.31 27.43
N GLU L 78 -1.78 56.17 26.23
CA GLU L 78 -1.48 55.05 25.34
C GLU L 78 -0.28 55.40 24.47
N TYR L 79 0.81 54.66 24.65
CA TYR L 79 2.05 54.84 23.90
C TYR L 79 2.22 53.68 22.94
N ALA L 80 2.72 53.95 21.74
CA ALA L 80 2.94 52.94 20.70
C ALA L 80 4.07 53.35 19.77
N CYS L 81 4.39 52.48 18.81
CA CYS L 81 5.37 52.75 17.78
C CYS L 81 4.83 52.32 16.42
N ARG L 82 4.95 53.19 15.41
CA ARG L 82 4.54 52.85 14.05
C ARG L 82 5.81 52.66 13.22
N VAL L 83 5.93 51.48 12.60
CA VAL L 83 7.10 51.14 11.79
C VAL L 83 6.67 50.85 10.36
N ASN L 84 7.37 51.47 9.40
CA ASN L 84 7.14 51.23 7.98
C ASN L 84 8.47 50.90 7.31
N HIS L 85 8.44 49.85 6.48
CA HIS L 85 9.58 49.33 5.73
C HIS L 85 9.06 48.84 4.38
N VAL L 86 9.95 48.74 3.38
CA VAL L 86 9.61 48.28 2.02
C VAL L 86 8.99 46.84 2.04
N THR L 87 9.36 46.02 3.06
CA THR L 87 8.85 44.66 3.27
C THR L 87 7.42 44.66 3.79
N LEU L 88 6.98 45.78 4.40
CA LEU L 88 5.64 45.92 4.96
C LEU L 88 4.67 46.58 3.98
N SER L 89 3.55 45.88 3.70
CA SER L 89 2.49 46.37 2.84
C SER L 89 1.72 47.51 3.51
N GLN L 90 1.62 47.44 4.86
CA GLN L 90 0.95 48.42 5.73
C GLN L 90 1.85 48.77 6.93
N PRO L 91 1.89 50.03 7.44
CA PRO L 91 2.72 50.33 8.62
C PRO L 91 2.27 49.50 9.83
N LYS L 92 3.23 48.90 10.54
CA LYS L 92 2.93 48.07 11.70
C LYS L 92 2.98 48.91 12.98
N ILE L 93 1.91 48.82 13.79
CA ILE L 93 1.81 49.54 15.05
C ILE L 93 1.91 48.54 16.20
N VAL L 94 2.89 48.75 17.09
CA VAL L 94 3.13 47.92 18.27
C VAL L 94 2.87 48.81 19.49
N LYS L 95 1.89 48.42 20.31
CA LYS L 95 1.48 49.17 21.49
C LYS L 95 2.38 48.93 22.68
N TRP L 96 2.46 49.94 23.55
CA TRP L 96 3.11 49.93 24.85
C TRP L 96 1.98 50.11 25.88
N ASP L 97 1.80 49.17 26.80
CA ASP L 97 2.66 48.02 26.98
C ASP L 97 1.81 46.73 26.94
N ARG L 98 1.77 46.00 28.07
CA ARG L 98 1.10 44.73 28.35
C ARG L 98 1.54 44.36 29.77
N ASP L 99 0.94 43.31 30.37
CA ASP L 99 1.32 42.81 31.70
C ASP L 99 2.73 42.23 31.59
N MET L 100 3.73 43.12 31.73
CA MET L 100 5.16 42.81 31.60
C MET L 100 5.68 42.05 32.84
N CYS M 1 27.52 -0.24 -30.06
CA CYS M 1 28.32 0.55 -31.01
C CYS M 1 28.85 1.82 -30.34
N THR M 2 30.12 2.13 -30.62
CA THR M 2 30.86 3.25 -30.07
C THR M 2 30.65 4.54 -30.86
N GLU M 3 31.09 5.69 -30.28
CA GLU M 3 31.09 7.02 -30.89
C GLU M 3 32.01 7.04 -32.09
N LEU M 4 31.68 7.83 -33.12
CA LEU M 4 32.53 7.91 -34.32
C LEU M 4 33.80 8.70 -34.05
N LYS M 5 33.72 9.71 -33.17
CA LYS M 5 34.83 10.59 -32.84
C LYS M 5 34.86 10.98 -31.36
N LEU M 6 36.03 11.44 -30.91
CA LEU M 6 36.32 11.96 -29.57
C LEU M 6 36.82 13.39 -29.72
N ASN M 7 36.37 14.31 -28.86
CA ASN M 7 36.79 15.71 -28.92
C ASN M 7 38.11 15.97 -28.17
N ASP M 8 38.90 16.94 -28.65
CA ASP M 8 40.14 17.34 -27.98
C ASP M 8 39.86 18.16 -26.74
N TYR M 9 40.72 18.04 -25.73
CA TYR M 9 40.58 18.77 -24.47
C TYR M 9 41.06 20.23 -24.60
N CYS N 1 4.64 -53.07 0.59
CA CYS N 1 5.41 -53.08 1.82
C CYS N 1 6.91 -52.95 1.52
N THR N 2 7.60 -52.08 2.26
CA THR N 2 9.04 -51.84 2.07
C THR N 2 9.89 -52.75 2.97
N GLU N 3 11.21 -52.79 2.72
CA GLU N 3 12.18 -53.57 3.51
C GLU N 3 12.28 -52.99 4.91
N LEU N 4 12.49 -53.85 5.93
CA LEU N 4 12.63 -53.39 7.31
C LEU N 4 13.98 -52.72 7.54
N LYS N 5 15.02 -53.19 6.83
CA LYS N 5 16.39 -52.70 6.98
C LYS N 5 17.13 -52.62 5.65
N LEU N 6 18.21 -51.81 5.66
CA LEU N 6 19.15 -51.62 4.57
C LEU N 6 20.55 -51.99 5.07
N ASN N 7 21.33 -52.74 4.28
CA ASN N 7 22.68 -53.16 4.68
C ASN N 7 23.72 -52.10 4.34
N ASP N 8 24.79 -52.02 5.16
CA ASP N 8 25.90 -51.08 4.94
C ASP N 8 26.81 -51.59 3.84
N TYR N 9 27.39 -50.67 3.05
CA TYR N 9 28.32 -51.05 1.98
C TYR N 9 29.72 -51.33 2.53
N CYS O 1 12.31 27.66 1.84
CA CYS O 1 12.83 27.40 3.19
C CYS O 1 11.68 27.34 4.20
N THR O 2 11.78 26.39 5.13
CA THR O 2 10.79 26.12 6.17
C THR O 2 11.02 26.98 7.43
N GLU O 3 10.02 26.96 8.36
CA GLU O 3 10.08 27.65 9.65
C GLU O 3 11.15 26.99 10.53
N LEU O 4 11.83 27.77 11.38
CA LEU O 4 12.88 27.25 12.25
C LEU O 4 12.28 26.39 13.37
N LYS O 5 11.08 26.77 13.86
CA LYS O 5 10.39 26.08 14.94
C LYS O 5 8.87 26.05 14.75
N LEU O 6 8.21 25.13 15.47
CA LEU O 6 6.77 24.93 15.51
C LEU O 6 6.30 25.14 16.96
N ASN O 7 5.16 25.81 17.16
CA ASN O 7 4.62 26.09 18.50
C ASN O 7 3.78 24.94 19.03
N ASP O 8 3.81 24.76 20.37
CA ASP O 8 3.03 23.73 21.02
C ASP O 8 1.58 24.17 21.19
N TYR O 9 0.64 23.21 21.10
CA TYR O 9 -0.78 23.47 21.26
C TYR O 9 -1.14 23.57 22.75
N CYS P 1 -30.76 16.02 4.33
CA CYS P 1 -30.28 16.90 3.26
C CYS P 1 -30.48 16.23 1.90
N THR P 2 -30.88 17.03 0.91
CA THR P 2 -31.19 16.63 -0.45
C THR P 2 -29.94 16.64 -1.36
N GLU P 3 -30.03 15.95 -2.51
CA GLU P 3 -29.04 15.92 -3.59
C GLU P 3 -28.91 17.31 -4.19
N LEU P 4 -27.71 17.69 -4.62
CA LEU P 4 -27.46 19.00 -5.23
C LEU P 4 -28.04 19.09 -6.63
N LYS P 5 -28.02 17.96 -7.36
CA LYS P 5 -28.49 17.89 -8.73
C LYS P 5 -29.29 16.62 -9.04
N LEU P 6 -30.13 16.71 -10.07
CA LEU P 6 -30.95 15.65 -10.64
C LEU P 6 -30.56 15.50 -12.11
N ASN P 7 -30.41 14.25 -12.58
CA ASN P 7 -30.01 14.01 -13.96
C ASN P 7 -31.21 13.94 -14.91
N ASP P 8 -31.04 14.39 -16.16
CA ASP P 8 -32.14 14.27 -17.13
C ASP P 8 -32.14 12.86 -17.73
N TYR P 9 -33.33 12.38 -18.10
CA TYR P 9 -33.49 11.03 -18.67
C TYR P 9 -33.06 10.98 -20.14
N CYS Q 1 -27.89 -27.16 -5.26
CA CYS Q 1 -29.17 -27.83 -5.25
C CYS Q 1 -29.07 -29.17 -4.50
N THR Q 2 -30.10 -29.45 -3.69
CA THR Q 2 -30.23 -30.64 -2.84
C THR Q 2 -30.83 -31.83 -3.58
N GLU Q 3 -30.79 -33.02 -2.93
CA GLU Q 3 -31.38 -34.27 -3.41
C GLU Q 3 -32.90 -34.14 -3.45
N LEU Q 4 -33.56 -34.79 -4.40
CA LEU Q 4 -35.03 -34.74 -4.51
C LEU Q 4 -35.69 -35.56 -3.41
N LYS Q 5 -35.05 -36.67 -3.01
CA LYS Q 5 -35.59 -37.60 -2.01
C LYS Q 5 -34.51 -38.15 -1.07
N LEU Q 6 -34.97 -38.65 0.09
CA LEU Q 6 -34.19 -39.29 1.14
C LEU Q 6 -34.73 -40.71 1.34
N ASN Q 7 -33.84 -41.71 1.50
CA ASN Q 7 -34.27 -43.11 1.68
C ASN Q 7 -34.55 -43.44 3.13
N ASP Q 8 -35.50 -44.37 3.36
CA ASP Q 8 -35.85 -44.81 4.71
C ASP Q 8 -34.84 -45.81 5.22
N TYR Q 9 -34.59 -45.79 6.54
CA TYR Q 9 -33.65 -46.71 7.18
C TYR Q 9 -34.29 -48.09 7.40
N CYS R 1 40.95 54.37 16.13
CA CYS R 1 42.07 53.79 15.44
C CYS R 1 41.62 53.03 14.18
N THR R 2 41.28 53.79 13.12
CA THR R 2 40.85 53.23 11.83
C THR R 2 42.01 53.13 10.83
N GLU R 3 41.77 52.41 9.71
CA GLU R 3 42.70 52.24 8.59
C GLU R 3 42.94 53.60 7.92
N LEU R 4 44.15 53.82 7.39
CA LEU R 4 44.48 55.08 6.71
C LEU R 4 43.78 55.18 5.35
N LYS R 5 43.63 54.02 4.67
CA LYS R 5 43.01 53.95 3.34
C LYS R 5 42.14 52.71 3.16
N LEU R 6 41.24 52.80 2.18
CA LEU R 6 40.33 51.75 1.74
C LEU R 6 40.63 51.43 0.28
N ASN R 7 40.70 50.13 -0.07
CA ASN R 7 41.03 49.70 -1.43
C ASN R 7 39.79 49.63 -2.33
N ASP R 8 39.98 49.93 -3.62
CA ASP R 8 38.91 49.89 -4.59
C ASP R 8 38.64 48.45 -5.02
N TYR R 9 37.37 48.15 -5.33
CA TYR R 9 36.94 46.82 -5.78
C TYR R 9 37.28 46.60 -7.26
#